data_7Y8T
#
_entry.id   7Y8T
#
_cell.length_a   1.00
_cell.length_b   1.00
_cell.length_c   1.00
_cell.angle_alpha   90.00
_cell.angle_beta   90.00
_cell.angle_gamma   90.00
#
_symmetry.space_group_name_H-M   'P 1'
#
loop_
_entity.id
_entity.type
_entity.pdbx_description
1 polymer 'CHAT domain protein'
2 polymer 'RAMP superfamily protein'
3 polymer 'RNA (37-MER)'
4 non-polymer 'ZINC ION'
#
loop_
_entity_poly.entity_id
_entity_poly.type
_entity_poly.pdbx_seq_one_letter_code
_entity_poly.pdbx_strand_id
1 'polypeptide(L)'
;MNNTEENIDRIQEPTREDIDRKEAERLLDEAFNPRTKPVDRKKIINSALKILIGLYKEKKDDLTSASFISIARAYYLVSI
TILPKGTTIPEKKKEALRKGIEFIDRAINKFNGSILDSQRAFRIKSVLSIEFNRIDREKCDNIKLKNLLNEAVDKGCTDF
DTYEWDIQIAIRLCELGVDMEGHFDNLIKSNKANDLQKAKAYYFIKKDDHKAKEHMDKCTASLKYTPCSHRLWDETVGFI
ERLKGDSSTLWRDFAIKTYRSCRVQEKETGTLRLRWYWSRHRVLYDMAFLAVKEQADDEEPDVNVKQAKIKKLAEISDSL
KSRFSLRLSDMEKMPKSDDESNHEFKKFLDKCVTAYQDGYVINRSEDKEGQGENKSTTSKQPEPRPQAKLLELTQVPEGW
VVVHFYLNKLEGMGNAIVFDKCANSWQYKEFQYKELFEVFLTWQANYNLYKENAAEHLVTLCKKIGETMPFLFCDNFIPN
GKDVLFVPHDFLHRLPLHGSIENKTNGKLFLENHSCCYLPAWSFASEKEASTSDEYVLLKNFDQGHFETLQNNQIWGTQS
VKDGASSDDLENIRNNPRLLTILCHGEANMSNPFRSMLKLANGGITYLEILNSVKGLKGSQVILGACETDLVPPLSDVMD
EHYSVATALLLIGAAGVVGTMWKVRSNKTKSLIEWKLENIEYKLNEWQKETGGAAYKDHPPTFYRSIAFRSIGFPL
;
B
2 'polypeptide(L)'
;MKSNDMNITVELTFFEPYRLVEWFDWDARKKSHSAMRGQAFAQWTWKGKGRTAGKSFITGTLVRSAVIKAVEELLSLNNG
KWEGVPCCNGSFQTDESKGKKPSFLRKRHTLQWQANNKNICDKEEACPFCILLGRFDNAGKVHERNKDYDIHFSNFDLDH
KQEKNDLRLVDIASGRILNRVDFDTGKAKDYFRTWEADYETYGTYTGRITLRNEHAKKLLLASLGFVDKLCGALCRIEVI
KKSESPLPSDTKEQSYTKDDTVEVLSEDHNDELRKQAEVIVEAFKQNDKLEKIRILADAIRTLRLHGEGVIEKDELPDGK
EERDKGHHLWDIKVQGTALRTKLKELWQSNKDIGWRKFTEMLGSNLYLIYKKETGGVSTRFRILGDTEYYSKAHDSEGSD
LFIPVTPPEGIETKEWIIVGRLKAATPFYFGVQQPSDSIPGKEKKSEDSLVINEHTSFNILLDKENRYRIPRSALRGALR
RDLRTAFGSGCNVSLGGQILCNCKVCIEMRRITLKDSVSDFSEPPEIRYRIAKNPGTATVEDGSLFDIEVGPEGLTFPFV
LRYRGHKFPEQLSSVIRYWEENDGKNGMAWLGGLDSTGKGRFALKDIKIFEWDLNQKINEYIKERGMRGKEKELLEMGES
SLPDGLIPYKFFEERECLFPYKENLKPQWSEVQYTIEVGSPLLTADTISALTEPGNRDAIAYKKRVYNDGNNAIEPEPRF
AVKSETHRGIFRTAVGRRTGDLGKEDHEDCTCDMCIIFGNEHESSKIRFEDLELINGNEFEKLEKHIDHVAIDRFTGGAL
DKAKFDTYPLAGSPKKPLKLKGRFWIKKGFSGDHKLLITTALSDIRDGLYPLGSKGGVGYGWVAGISIDDNVPDDFKEMI
NKTEMPLPEEVEESNNGPINNDYVHPGHQSPKQDHKNKNIYYPHYFLDSGSKVYREKDIITHEEFTEELLSGKINCKLET
LTPLIIPDTSDENGLKLQGNKPGHKNYKFFNINGELMIPGSELRGMLRTHFEALTKSCFAIFGEDSTLSWRMNADEKDYK
IDSNSIRKMESQRNPKYRIPDELQKELRNSGNGLFNRLYTSERRFWSDVSNKFENSIDYKREILRCAGRPKNYKGGIIRQ
RKDSLMAEELKVHRLPLYDNFDIPDSAYKANDHCRKSATCSTSRGCRERFTCGIKVRDKNRVFLNAANNNRQYLNNIKKS
NHDLYLQYLKGEKKIRFNSKVITGSERSPIDVIAELNERGRQTGFIKLSGLNNSNKSQGNTGTTFNSGWDRFELNILLDD
LETRPSKSDYPRPRLLFTKDQYEYNITKRCERVFEIDKGNKTGYPVDDQIKKNYEDILDSYDGIKDQEVAERFDTFTRGS
KLKVGDLVYFHIDGDNKIDSLIPVRISRKCASKTLGGKLDKALHPCTGLSDGLCPGCHLFGTTDYKGRVKFGFAKYENGP
EWLITRGNNPERSLTLGVLESPRPAFSIPDDESEIPGRKFYLHHNGWRIIRQKQLEIRETVQPERNVTTEVMDKGNVFSF
DVRFENLREWELGLLLQSLDPGKNIAHKLGKGKPYGFGSVKIKIDSLHTFKINSNNDKIKRVPQSDIREYINKGYQKLIE
WSGNNSIQKGNVLPQWHVIPHIDKLYKLLWVPFLNDSKLEPDVRYPVLNEESKGYIEGSDYTYKKLGDKDNLPYKTRVKG
LTTPWSPWNPFQVIAEHEEQEVNVTGSRPSVTDKIERDGKMV
;
A
3 'polyribonucleotide' GGACUUAAUGUCACGGUACCCAAUUUUCUGCCCCGGA D
#
loop_
_chem_comp.id
_chem_comp.type
_chem_comp.name
_chem_comp.formula
A RNA linking ADENOSINE-5'-MONOPHOSPHATE 'C10 H14 N5 O7 P'
C RNA linking CYTIDINE-5'-MONOPHOSPHATE 'C9 H14 N3 O8 P'
G RNA linking GUANOSINE-5'-MONOPHOSPHATE 'C10 H14 N5 O8 P'
U RNA linking URIDINE-5'-MONOPHOSPHATE 'C9 H13 N2 O9 P'
ZN non-polymer 'ZINC ION' 'Zn 2'
#
# COMPACT_ATOMS: atom_id res chain seq x y z
N PRO A 14 25.48 -32.92 2.41
CA PRO A 14 26.45 -33.56 1.53
C PRO A 14 26.07 -33.47 0.06
N THR A 15 25.50 -34.54 -0.49
CA THR A 15 25.09 -34.53 -1.90
C THR A 15 23.98 -33.52 -2.14
N ARG A 16 23.01 -33.44 -1.24
CA ARG A 16 21.92 -32.47 -1.39
C ARG A 16 22.47 -31.04 -1.37
N GLU A 17 23.36 -30.75 -0.43
CA GLU A 17 23.99 -29.43 -0.39
C GLU A 17 24.77 -29.16 -1.65
N ASP A 18 25.53 -30.16 -2.13
CA ASP A 18 26.31 -29.99 -3.35
C ASP A 18 25.43 -29.76 -4.56
N ILE A 19 24.33 -30.52 -4.69
CA ILE A 19 23.44 -30.36 -5.84
C ILE A 19 22.78 -28.99 -5.82
N ASP A 20 22.31 -28.56 -4.65
CA ASP A 20 21.71 -27.22 -4.55
C ASP A 20 22.74 -26.14 -4.86
N ARG A 21 23.97 -26.31 -4.40
CA ARG A 21 25.02 -25.34 -4.70
C ARG A 21 25.32 -25.29 -6.19
N LYS A 22 25.34 -26.45 -6.86
CA LYS A 22 25.57 -26.46 -8.30
C LYS A 22 24.46 -25.75 -9.04
N GLU A 23 23.21 -25.96 -8.64
CA GLU A 23 22.09 -25.25 -9.27
C GLU A 23 22.21 -23.75 -9.04
N ALA A 24 22.55 -23.34 -7.82
CA ALA A 24 22.71 -21.91 -7.52
C ALA A 24 23.83 -21.30 -8.34
N GLU A 25 24.95 -22.01 -8.49
CA GLU A 25 26.06 -21.52 -9.29
C GLU A 25 25.71 -21.44 -10.77
N ARG A 26 24.94 -22.39 -11.28
CA ARG A 26 24.47 -22.29 -12.66
C ARG A 26 23.60 -21.05 -12.84
N LEU A 27 22.70 -20.79 -11.90
CA LEU A 27 21.87 -19.59 -11.98
C LEU A 27 22.73 -18.32 -11.94
N LEU A 28 23.70 -18.27 -11.04
CA LEU A 28 24.55 -17.09 -10.92
C LEU A 28 25.37 -16.88 -12.19
N ASP A 29 25.93 -17.94 -12.75
CA ASP A 29 26.71 -17.85 -13.98
C ASP A 29 25.86 -17.44 -15.17
N GLU A 30 24.60 -17.89 -15.23
CA GLU A 30 23.69 -17.36 -16.25
C GLU A 30 23.44 -15.88 -16.05
N ALA A 31 23.29 -15.44 -14.80
CA ALA A 31 23.06 -14.03 -14.52
C ALA A 31 24.29 -13.17 -14.84
N PHE A 32 25.49 -13.74 -14.77
CA PHE A 32 26.71 -13.01 -15.08
C PHE A 32 26.90 -12.77 -16.58
N ASN A 33 26.05 -13.35 -17.41
CA ASN A 33 26.15 -13.19 -18.86
C ASN A 33 25.69 -11.80 -19.27
N PRO A 34 26.52 -11.02 -19.98
CA PRO A 34 26.08 -9.69 -20.41
C PRO A 34 24.98 -9.71 -21.47
N ARG A 35 24.66 -10.86 -22.04
CA ARG A 35 23.60 -10.95 -23.04
C ARG A 35 22.21 -10.84 -22.42
N THR A 36 22.09 -11.02 -21.11
CA THR A 36 20.80 -10.97 -20.46
C THR A 36 20.33 -9.51 -20.29
N LYS A 37 19.03 -9.36 -20.07
CA LYS A 37 18.40 -8.07 -19.88
C LYS A 37 18.24 -7.77 -18.39
N PRO A 38 18.19 -6.49 -18.02
CA PRO A 38 18.07 -6.14 -16.59
C PRO A 38 16.81 -6.68 -15.92
N VAL A 39 15.76 -6.96 -16.68
CA VAL A 39 14.51 -7.42 -16.07
C VAL A 39 14.67 -8.84 -15.51
N ASP A 40 15.29 -9.74 -16.28
CA ASP A 40 15.41 -11.12 -15.88
C ASP A 40 16.55 -11.37 -14.90
N ARG A 41 17.55 -10.50 -14.90
CA ARG A 41 18.69 -10.66 -13.99
C ARG A 41 18.23 -10.58 -12.54
N LYS A 42 17.30 -9.66 -12.23
CA LYS A 42 16.79 -9.54 -10.87
C LYS A 42 16.12 -10.83 -10.43
N LYS A 43 15.27 -11.40 -11.28
CA LYS A 43 14.56 -12.62 -10.92
C LYS A 43 15.52 -13.79 -10.74
N ILE A 44 16.53 -13.90 -11.62
CA ILE A 44 17.49 -14.99 -11.49
C ILE A 44 18.27 -14.88 -10.19
N ILE A 45 18.74 -13.67 -9.87
CA ILE A 45 19.47 -13.48 -8.61
C ILE A 45 18.57 -13.76 -7.42
N ASN A 46 17.29 -13.38 -7.51
CA ASN A 46 16.36 -13.63 -6.43
C ASN A 46 16.18 -15.12 -6.19
N SER A 47 16.03 -15.89 -7.26
CA SER A 47 15.89 -17.34 -7.12
C SER A 47 17.14 -17.95 -6.51
N ALA A 48 18.32 -17.53 -6.98
CA ALA A 48 19.56 -18.04 -6.40
C ALA A 48 19.66 -17.74 -4.92
N LEU A 49 19.38 -16.49 -4.52
CA LEU A 49 19.43 -16.13 -3.12
C LEU A 49 18.42 -16.90 -2.30
N LYS A 50 17.23 -17.16 -2.86
CA LYS A 50 16.25 -17.97 -2.15
C LYS A 50 16.78 -19.37 -1.89
N ILE A 51 17.44 -19.97 -2.88
CA ILE A 51 18.01 -21.31 -2.68
C ILE A 51 19.10 -21.28 -1.61
N LEU A 52 20.01 -20.29 -1.66
CA LEU A 52 21.08 -20.23 -0.66
C LEU A 52 20.53 -20.02 0.74
N ILE A 53 19.54 -19.13 0.90
CA ILE A 53 18.98 -18.89 2.21
C ILE A 53 18.23 -20.12 2.71
N GLY A 54 17.55 -20.84 1.82
CA GLY A 54 16.91 -22.08 2.22
C GLY A 54 17.90 -23.10 2.74
N LEU A 55 19.04 -23.23 2.06
CA LEU A 55 20.08 -24.13 2.55
C LEU A 55 20.66 -23.66 3.89
N TYR A 56 20.88 -22.35 4.04
CA TYR A 56 21.51 -21.83 5.25
C TYR A 56 20.59 -21.99 6.47
N LYS A 57 19.29 -21.74 6.29
CA LYS A 57 18.36 -21.82 7.42
C LYS A 57 18.36 -23.20 8.04
N GLU A 58 18.81 -24.22 7.31
CA GLU A 58 18.96 -25.55 7.89
C GLU A 58 20.39 -25.79 8.37
N LYS A 59 21.38 -25.64 7.48
CA LYS A 59 22.77 -25.93 7.84
C LYS A 59 23.51 -24.63 8.20
N LYS A 60 22.93 -23.89 9.14
CA LYS A 60 23.56 -22.71 9.73
C LYS A 60 25.03 -22.88 10.08
N ASP A 61 25.34 -23.81 10.99
CA ASP A 61 26.69 -23.92 11.53
C ASP A 61 27.57 -24.90 10.77
N ASP A 62 27.01 -25.97 10.22
CA ASP A 62 27.78 -26.99 9.52
C ASP A 62 27.91 -26.69 8.03
N LEU A 63 27.86 -25.42 7.63
CA LEU A 63 27.92 -25.04 6.23
C LEU A 63 29.37 -24.93 5.77
N THR A 64 29.58 -25.26 4.49
CA THR A 64 30.90 -25.16 3.88
C THR A 64 31.16 -23.73 3.43
N SER A 65 32.43 -23.45 3.10
CA SER A 65 32.83 -22.11 2.69
C SER A 65 32.33 -21.73 1.31
N ALA A 66 32.12 -22.72 0.43
CA ALA A 66 31.65 -22.42 -0.92
C ALA A 66 30.28 -21.78 -0.91
N SER A 67 29.38 -22.24 -0.03
CA SER A 67 28.06 -21.63 0.07
C SER A 67 28.14 -20.17 0.50
N PHE A 68 29.00 -19.87 1.48
CA PHE A 68 29.18 -18.49 1.91
C PHE A 68 29.77 -17.63 0.79
N ILE A 69 30.71 -18.19 0.03
CA ILE A 69 31.28 -17.45 -1.08
C ILE A 69 30.21 -17.14 -2.13
N SER A 70 29.35 -18.13 -2.41
CA SER A 70 28.28 -17.91 -3.37
C SER A 70 27.29 -16.86 -2.87
N ILE A 71 26.99 -16.88 -1.57
CA ILE A 71 26.08 -15.88 -1.00
C ILE A 71 26.68 -14.47 -1.13
N ALA A 72 27.97 -14.35 -0.83
CA ALA A 72 28.63 -13.05 -0.97
C ALA A 72 28.63 -12.58 -2.41
N ARG A 73 28.87 -13.50 -3.36
CA ARG A 73 28.84 -13.14 -4.78
C ARG A 73 27.44 -12.68 -5.19
N ALA A 74 26.40 -13.37 -4.70
CA ALA A 74 25.04 -12.99 -5.02
C ALA A 74 24.70 -11.61 -4.47
N TYR A 75 25.14 -11.30 -3.25
CA TYR A 75 24.88 -9.97 -2.70
C TYR A 75 25.66 -8.89 -3.44
N TYR A 76 26.89 -9.21 -3.88
CA TYR A 76 27.63 -8.28 -4.72
C TYR A 76 26.88 -8.00 -6.01
N LEU A 77 26.29 -9.04 -6.61
CA LEU A 77 25.45 -8.85 -7.80
C LEU A 77 24.22 -7.99 -7.49
N VAL A 78 23.58 -8.22 -6.34
CA VAL A 78 22.40 -7.45 -5.96
C VAL A 78 22.74 -5.98 -5.86
N SER A 79 23.89 -5.66 -5.26
CA SER A 79 24.27 -4.27 -5.07
C SER A 79 24.42 -3.50 -6.38
N ILE A 80 24.59 -4.19 -7.51
CA ILE A 80 24.81 -3.51 -8.78
C ILE A 80 23.50 -3.03 -9.39
N THR A 81 22.42 -3.79 -9.20
CA THR A 81 21.16 -3.49 -9.87
C THR A 81 20.40 -2.31 -9.27
N ILE A 82 20.86 -1.76 -8.15
CA ILE A 82 20.19 -0.64 -7.51
C ILE A 82 20.78 0.66 -8.04
N LEU A 83 19.91 1.53 -8.60
CA LEU A 83 20.30 2.79 -9.21
C LEU A 83 19.89 3.97 -8.35
N PRO A 84 20.64 5.07 -8.37
CA PRO A 84 20.25 6.25 -7.61
C PRO A 84 18.98 6.88 -8.15
N LYS A 85 18.24 7.54 -7.25
CA LYS A 85 16.99 8.18 -7.60
C LYS A 85 16.93 9.66 -7.29
N GLY A 86 17.63 10.12 -6.25
CA GLY A 86 17.43 11.47 -5.74
C GLY A 86 18.69 12.27 -5.50
N THR A 87 19.70 12.10 -6.37
CA THR A 87 20.98 12.78 -6.32
C THR A 87 21.83 12.37 -5.12
N THR A 88 21.43 11.36 -4.36
CA THR A 88 22.16 10.88 -3.22
C THR A 88 22.32 9.37 -3.32
N ILE A 89 23.44 8.85 -2.82
CA ILE A 89 23.65 7.40 -2.82
C ILE A 89 22.60 6.73 -1.94
N PRO A 90 21.87 5.75 -2.45
CA PRO A 90 20.83 5.11 -1.63
C PRO A 90 21.43 4.25 -0.52
N GLU A 91 20.59 3.96 0.47
CA GLU A 91 21.00 3.16 1.62
C GLU A 91 20.96 1.67 1.37
N LYS A 92 20.13 1.22 0.41
CA LYS A 92 20.06 -0.22 0.11
C LYS A 92 21.38 -0.74 -0.44
N LYS A 93 22.08 0.07 -1.24
CA LYS A 93 23.38 -0.34 -1.75
C LYS A 93 24.36 -0.58 -0.61
N LYS A 94 24.43 0.35 0.34
CA LYS A 94 25.33 0.19 1.48
C LYS A 94 24.93 -1.01 2.32
N GLU A 95 23.63 -1.21 2.53
CA GLU A 95 23.19 -2.37 3.31
C GLU A 95 23.55 -3.68 2.64
N ALA A 96 23.37 -3.78 1.32
CA ALA A 96 23.73 -5.00 0.62
C ALA A 96 25.23 -5.26 0.69
N LEU A 97 26.04 -4.22 0.51
CA LEU A 97 27.49 -4.40 0.61
C LEU A 97 27.89 -4.84 2.01
N ARG A 98 27.30 -4.24 3.04
CA ARG A 98 27.62 -4.62 4.41
C ARG A 98 27.22 -6.06 4.69
N LYS A 99 26.06 -6.48 4.20
CA LYS A 99 25.63 -7.87 4.40
C LYS A 99 26.55 -8.85 3.69
N GLY A 100 26.99 -8.52 2.47
CA GLY A 100 27.93 -9.39 1.78
C GLY A 100 29.25 -9.51 2.52
N ILE A 101 29.77 -8.39 3.02
CA ILE A 101 31.02 -8.42 3.77
C ILE A 101 30.86 -9.26 5.04
N GLU A 102 29.75 -9.08 5.74
CA GLU A 102 29.52 -9.83 6.98
C GLU A 102 29.35 -11.32 6.70
N PHE A 103 28.74 -11.67 5.56
CA PHE A 103 28.64 -13.08 5.20
C PHE A 103 30.00 -13.69 4.86
N ILE A 104 30.85 -12.95 4.14
CA ILE A 104 32.16 -13.51 3.79
C ILE A 104 33.12 -13.52 4.98
N ASP A 105 32.88 -12.69 6.00
CA ASP A 105 33.79 -12.63 7.14
C ASP A 105 33.86 -13.96 7.89
N ARG A 106 32.72 -14.62 8.11
CA ARG A 106 32.76 -15.89 8.84
C ARG A 106 33.40 -17.01 8.01
N ALA A 107 33.19 -17.00 6.69
CA ALA A 107 33.90 -17.96 5.84
C ALA A 107 35.41 -17.74 5.90
N ILE A 108 35.84 -16.48 5.93
CA ILE A 108 37.26 -16.20 6.14
C ILE A 108 37.71 -16.70 7.50
N ASN A 109 36.91 -16.46 8.54
CA ASN A 109 37.29 -16.83 9.90
C ASN A 109 37.29 -18.34 10.13
N LYS A 110 36.64 -19.11 9.26
CA LYS A 110 36.58 -20.56 9.46
C LYS A 110 37.97 -21.18 9.25
N PHE A 111 38.13 -22.39 9.79
CA PHE A 111 39.43 -23.06 9.87
C PHE A 111 39.60 -24.16 8.83
N ASN A 112 39.13 -23.95 7.59
CA ASN A 112 39.26 -24.97 6.55
C ASN A 112 40.71 -25.36 6.30
N GLY A 113 41.52 -24.40 5.89
CA GLY A 113 42.93 -24.64 5.65
C GLY A 113 43.32 -24.89 4.21
N SER A 114 42.42 -24.66 3.25
CA SER A 114 42.73 -24.88 1.84
C SER A 114 43.48 -23.67 1.28
N ILE A 115 43.64 -23.63 -0.04
CA ILE A 115 44.33 -22.55 -0.73
C ILE A 115 43.40 -21.81 -1.68
N LEU A 116 42.77 -22.52 -2.61
CA LEU A 116 41.86 -21.89 -3.57
C LEU A 116 40.66 -21.26 -2.86
N ASP A 117 40.18 -21.90 -1.79
CA ASP A 117 39.07 -21.35 -1.02
C ASP A 117 39.42 -19.96 -0.49
N SER A 118 40.56 -19.85 0.19
CA SER A 118 41.00 -18.57 0.72
C SER A 118 41.27 -17.57 -0.39
N GLN A 119 41.83 -18.02 -1.52
CA GLN A 119 42.11 -17.13 -2.63
C GLN A 119 40.83 -16.50 -3.16
N ARG A 120 39.82 -17.32 -3.44
CA ARG A 120 38.56 -16.80 -3.96
C ARG A 120 37.86 -15.91 -2.93
N ALA A 121 37.89 -16.31 -1.66
CA ALA A 121 37.25 -15.50 -0.63
C ALA A 121 37.92 -14.14 -0.51
N PHE A 122 39.25 -14.10 -0.58
CA PHE A 122 39.94 -12.82 -0.53
C PHE A 122 39.65 -11.97 -1.76
N ARG A 123 39.54 -12.60 -2.93
CA ARG A 123 39.16 -11.85 -4.13
C ARG A 123 37.80 -11.17 -3.95
N ILE A 124 36.80 -11.94 -3.52
CA ILE A 124 35.46 -11.37 -3.41
C ILE A 124 35.40 -10.32 -2.30
N LYS A 125 36.09 -10.55 -1.18
CA LYS A 125 36.12 -9.55 -0.13
C LYS A 125 36.80 -8.27 -0.59
N SER A 126 37.89 -8.39 -1.35
CA SER A 126 38.59 -7.22 -1.84
C SER A 126 37.71 -6.40 -2.78
N VAL A 127 37.00 -7.07 -3.70
CA VAL A 127 36.16 -6.29 -4.61
C VAL A 127 34.98 -5.66 -3.87
N LEU A 128 34.36 -6.38 -2.93
CA LEU A 128 33.28 -5.80 -2.15
C LEU A 128 33.75 -4.59 -1.37
N SER A 129 34.92 -4.68 -0.73
CA SER A 129 35.46 -3.56 0.02
C SER A 129 35.83 -2.38 -0.88
N ILE A 130 36.35 -2.65 -2.08
CA ILE A 130 36.66 -1.58 -3.02
C ILE A 130 35.40 -0.81 -3.38
N GLU A 131 34.33 -1.53 -3.72
CA GLU A 131 33.07 -0.86 -4.05
C GLU A 131 32.53 -0.07 -2.86
N PHE A 132 32.56 -0.68 -1.67
CA PHE A 132 32.04 -0.02 -0.48
C PHE A 132 32.82 1.23 -0.13
N ASN A 133 34.15 1.21 -0.28
CA ASN A 133 34.96 2.40 -0.09
C ASN A 133 34.69 3.45 -1.17
N ARG A 134 34.41 3.00 -2.40
CA ARG A 134 34.12 3.93 -3.48
C ARG A 134 32.85 4.73 -3.19
N ILE A 135 31.79 4.05 -2.74
CA ILE A 135 30.53 4.76 -2.51
C ILE A 135 30.43 5.34 -1.10
N ASP A 136 31.34 5.00 -0.20
CA ASP A 136 31.31 5.51 1.16
C ASP A 136 32.70 5.43 1.76
N ARG A 137 33.16 6.54 2.34
CA ARG A 137 34.51 6.62 2.87
C ARG A 137 34.59 6.53 4.38
N GLU A 138 33.61 7.08 5.10
CA GLU A 138 33.66 7.06 6.56
C GLU A 138 33.59 5.64 7.11
N LYS A 139 32.74 4.79 6.52
CA LYS A 139 32.57 3.43 7.01
C LYS A 139 33.74 2.52 6.65
N CYS A 140 34.49 2.85 5.60
CA CYS A 140 35.64 2.04 5.17
C CYS A 140 36.77 3.01 4.82
N ASP A 141 37.74 3.15 5.71
CA ASP A 141 38.80 4.12 5.56
C ASP A 141 39.81 3.63 4.52
N ASN A 142 40.80 4.46 4.20
CA ASN A 142 41.81 4.11 3.22
C ASN A 142 42.83 3.13 3.80
N ILE A 143 43.19 3.30 5.08
CA ILE A 143 44.19 2.43 5.69
C ILE A 143 43.68 1.00 5.78
N LYS A 144 42.41 0.83 6.15
CA LYS A 144 41.82 -0.51 6.22
C LYS A 144 41.84 -1.18 4.85
N LEU A 145 41.48 -0.44 3.80
CA LEU A 145 41.50 -0.99 2.46
C LEU A 145 42.91 -1.37 2.05
N LYS A 146 43.90 -0.53 2.37
CA LYS A 146 45.28 -0.85 2.02
C LYS A 146 45.76 -2.11 2.73
N ASN A 147 45.44 -2.24 4.02
CA ASN A 147 45.83 -3.43 4.76
C ASN A 147 45.17 -4.68 4.17
N LEU A 148 43.88 -4.60 3.88
CA LEU A 148 43.18 -5.75 3.31
C LEU A 148 43.75 -6.12 1.95
N LEU A 149 44.05 -5.13 1.11
CA LEU A 149 44.61 -5.41 -0.21
C LEU A 149 46.00 -6.02 -0.11
N ASN A 150 46.85 -5.53 0.79
CA ASN A 150 48.16 -6.14 0.97
C ASN A 150 48.04 -7.58 1.45
N GLU A 151 47.14 -7.82 2.41
CA GLU A 151 46.95 -9.18 2.92
C GLU A 151 46.43 -10.12 1.84
N ALA A 152 45.51 -9.64 0.99
CA ALA A 152 45.02 -10.46 -0.11
C ALA A 152 46.11 -10.72 -1.15
N VAL A 153 46.96 -9.73 -1.41
CA VAL A 153 48.05 -9.93 -2.35
C VAL A 153 49.05 -10.95 -1.83
N ASP A 154 49.30 -10.94 -0.52
CA ASP A 154 50.24 -11.91 0.06
C ASP A 154 49.76 -13.35 -0.14
N LYS A 155 48.46 -13.57 -0.26
CA LYS A 155 47.93 -14.91 -0.48
C LYS A 155 48.10 -15.39 -1.91
N GLY A 156 48.47 -14.51 -2.83
CA GLY A 156 48.73 -14.92 -4.20
C GLY A 156 47.58 -14.67 -5.16
N CYS A 157 46.97 -13.49 -5.10
CA CYS A 157 45.91 -13.12 -6.02
C CYS A 157 46.47 -12.28 -7.17
N THR A 158 47.41 -12.86 -7.91
CA THR A 158 48.10 -12.17 -8.99
C THR A 158 48.02 -12.94 -10.31
N ASP A 159 46.83 -13.44 -10.65
CA ASP A 159 46.65 -14.17 -11.90
C ASP A 159 46.07 -13.21 -12.94
N PHE A 160 46.95 -12.33 -13.44
CA PHE A 160 46.53 -11.28 -14.37
C PHE A 160 46.08 -11.82 -15.72
N ASP A 161 46.40 -13.07 -16.03
CA ASP A 161 46.14 -13.61 -17.36
C ASP A 161 44.72 -14.15 -17.54
N THR A 162 44.02 -14.45 -16.45
CA THR A 162 42.71 -15.09 -16.56
C THR A 162 41.57 -14.34 -15.85
N TYR A 163 41.87 -13.39 -14.96
CA TYR A 163 40.84 -12.70 -14.21
C TYR A 163 41.09 -11.19 -14.25
N GLU A 164 40.03 -10.42 -14.02
CA GLU A 164 40.11 -8.96 -14.04
C GLU A 164 40.09 -8.35 -12.65
N TRP A 165 39.52 -9.05 -11.66
CA TRP A 165 39.44 -8.51 -10.31
C TRP A 165 40.82 -8.30 -9.69
N ASP A 166 41.77 -9.19 -9.96
CA ASP A 166 43.13 -8.97 -9.48
C ASP A 166 43.78 -7.77 -10.17
N ILE A 167 43.46 -7.55 -11.44
CA ILE A 167 43.93 -6.34 -12.12
C ILE A 167 43.37 -5.10 -11.44
N GLN A 168 42.08 -5.14 -11.09
CA GLN A 168 41.47 -4.02 -10.37
C GLN A 168 42.15 -3.80 -9.02
N ILE A 169 42.46 -4.89 -8.31
CA ILE A 169 43.15 -4.78 -7.03
C ILE A 169 44.52 -4.14 -7.21
N ALA A 170 45.26 -4.57 -8.24
CA ALA A 170 46.59 -4.01 -8.49
C ALA A 170 46.51 -2.52 -8.82
N ILE A 171 45.53 -2.13 -9.63
CA ILE A 171 45.37 -0.73 -9.97
C ILE A 171 45.02 0.09 -8.74
N ARG A 172 44.11 -0.42 -7.90
CA ARG A 172 43.76 0.29 -6.68
C ARG A 172 44.96 0.43 -5.74
N LEU A 173 45.80 -0.62 -5.66
CA LEU A 173 47.00 -0.52 -4.83
C LEU A 173 47.97 0.50 -5.37
N CYS A 174 48.19 0.52 -6.69
CA CYS A 174 49.11 1.50 -7.26
C CYS A 174 48.56 2.92 -7.19
N GLU A 175 47.25 3.09 -7.06
CA GLU A 175 46.70 4.42 -6.80
C GLU A 175 47.04 4.90 -5.40
N LEU A 176 47.12 3.99 -4.43
CA LEU A 176 47.40 4.35 -3.05
C LEU A 176 48.88 4.60 -2.78
N GLY A 177 49.76 4.19 -3.68
CA GLY A 177 51.19 4.41 -3.52
C GLY A 177 52.02 3.17 -3.26
N VAL A 178 51.43 1.99 -3.11
CA VAL A 178 52.20 0.77 -2.90
C VAL A 178 52.92 0.39 -4.18
N ASP A 179 54.22 0.14 -4.09
CA ASP A 179 55.01 -0.16 -5.28
C ASP A 179 54.65 -1.52 -5.87
N MET A 180 54.71 -1.62 -7.19
CA MET A 180 54.32 -2.83 -7.92
C MET A 180 55.25 -3.05 -9.11
N GLU A 181 56.55 -2.87 -8.90
CA GLU A 181 57.50 -3.04 -10.01
C GLU A 181 57.56 -4.48 -10.49
N GLY A 182 57.50 -5.44 -9.57
CA GLY A 182 57.70 -6.83 -9.92
C GLY A 182 56.66 -7.41 -10.84
N HIS A 183 55.44 -6.88 -10.81
CA HIS A 183 54.33 -7.41 -11.60
C HIS A 183 53.97 -6.52 -12.78
N PHE A 184 54.75 -5.48 -13.05
CA PHE A 184 54.41 -4.54 -14.11
C PHE A 184 54.42 -5.20 -15.49
N ASP A 185 55.43 -6.04 -15.76
CA ASP A 185 55.51 -6.69 -17.06
C ASP A 185 54.33 -7.63 -17.28
N ASN A 186 53.96 -8.41 -16.26
CA ASN A 186 52.80 -9.28 -16.37
C ASN A 186 51.51 -8.47 -16.54
N LEU A 187 51.38 -7.36 -15.82
CA LEU A 187 50.18 -6.54 -15.93
C LEU A 187 50.05 -5.96 -17.34
N ILE A 188 51.14 -5.48 -17.92
CA ILE A 188 51.09 -4.93 -19.27
C ILE A 188 50.85 -6.03 -20.29
N LYS A 189 51.43 -7.21 -20.09
CA LYS A 189 51.25 -8.30 -21.04
C LYS A 189 49.81 -8.80 -21.04
N SER A 190 49.08 -8.57 -19.97
CA SER A 190 47.71 -9.09 -19.86
C SER A 190 46.82 -8.52 -20.96
N ASN A 191 46.06 -9.40 -21.60
CA ASN A 191 45.20 -8.99 -22.71
C ASN A 191 43.93 -8.30 -22.22
N LYS A 192 43.42 -8.70 -21.05
CA LYS A 192 42.15 -8.20 -20.57
C LYS A 192 42.19 -6.75 -20.13
N ALA A 193 43.37 -6.18 -19.86
CA ALA A 193 43.46 -4.81 -19.41
C ALA A 193 43.08 -3.84 -20.52
N ASN A 194 42.46 -2.73 -20.14
CA ASN A 194 42.08 -1.69 -21.06
C ASN A 194 43.07 -0.53 -21.01
N ASP A 195 42.84 0.48 -21.85
CA ASP A 195 43.81 1.56 -22.02
C ASP A 195 43.95 2.44 -20.79
N LEU A 196 42.85 2.69 -20.06
CA LEU A 196 42.94 3.51 -18.86
C LEU A 196 43.81 2.87 -17.79
N GLN A 197 43.64 1.55 -17.60
CA GLN A 197 44.46 0.84 -16.61
C GLN A 197 45.93 0.84 -17.01
N LYS A 198 46.22 0.65 -18.31
CA LYS A 198 47.59 0.69 -18.77
C LYS A 198 48.19 2.09 -18.60
N ALA A 199 47.42 3.14 -18.87
CA ALA A 199 47.91 4.50 -18.66
C ALA A 199 48.21 4.75 -17.18
N LYS A 200 47.33 4.28 -16.29
CA LYS A 200 47.59 4.40 -14.86
C LYS A 200 48.85 3.66 -14.45
N ALA A 201 49.05 2.45 -15.00
CA ALA A 201 50.24 1.68 -14.70
C ALA A 201 51.51 2.39 -15.17
N TYR A 202 51.47 2.94 -16.38
CA TYR A 202 52.64 3.67 -16.89
C TYR A 202 52.91 4.93 -16.09
N TYR A 203 51.87 5.60 -15.59
CA TYR A 203 52.09 6.85 -14.87
C TYR A 203 52.56 6.61 -13.44
N PHE A 204 51.82 5.82 -12.67
CA PHE A 204 52.06 5.72 -11.24
C PHE A 204 53.25 4.84 -10.87
N ILE A 205 53.74 4.01 -11.78
CA ILE A 205 54.80 3.05 -11.46
C ILE A 205 56.17 3.54 -11.94
N LYS A 206 56.34 3.73 -13.25
CA LYS A 206 57.62 4.13 -13.80
C LYS A 206 57.77 5.64 -13.94
N LYS A 207 56.75 6.41 -13.57
CA LYS A 207 56.77 7.87 -13.74
C LYS A 207 57.03 8.26 -15.19
N ASP A 208 56.46 7.49 -16.11
CA ASP A 208 56.63 7.70 -17.54
C ASP A 208 55.37 8.37 -18.11
N ASP A 209 55.57 9.24 -19.10
CA ASP A 209 54.49 10.05 -19.62
C ASP A 209 54.17 9.79 -21.09
N HIS A 210 55.13 9.33 -21.89
CA HIS A 210 54.87 9.13 -23.32
C HIS A 210 53.85 8.03 -23.55
N LYS A 211 54.06 6.86 -22.94
CA LYS A 211 53.11 5.76 -23.08
C LYS A 211 51.77 6.09 -22.43
N ALA A 212 51.81 6.82 -21.31
CA ALA A 212 50.58 7.25 -20.67
C ALA A 212 49.74 8.11 -21.60
N LYS A 213 50.37 9.09 -22.26
CA LYS A 213 49.65 9.90 -23.24
C LYS A 213 49.15 9.06 -24.40
N GLU A 214 49.99 8.14 -24.88
CA GLU A 214 49.61 7.32 -26.04
C GLU A 214 48.37 6.49 -25.75
N HIS A 215 48.28 5.88 -24.57
CA HIS A 215 47.12 5.08 -24.23
C HIS A 215 45.91 5.92 -23.80
N MET A 216 46.16 7.07 -23.15
CA MET A 216 45.05 7.93 -22.76
C MET A 216 44.35 8.53 -23.97
N ASP A 217 45.10 8.83 -25.04
CA ASP A 217 44.47 9.30 -26.26
C ASP A 217 43.51 8.26 -26.83
N LYS A 218 43.92 7.00 -26.86
CA LYS A 218 43.05 5.93 -27.34
C LYS A 218 41.83 5.77 -26.45
N CYS A 219 42.01 5.85 -25.13
CA CYS A 219 40.87 5.74 -24.21
C CYS A 219 39.87 6.87 -24.44
N THR A 220 40.36 8.11 -24.57
CA THR A 220 39.47 9.24 -24.80
C THR A 220 38.77 9.12 -26.14
N ALA A 221 39.47 8.65 -27.18
CA ALA A 221 38.83 8.43 -28.46
C ALA A 221 37.74 7.37 -28.37
N SER A 222 38.00 6.28 -27.64
CA SER A 222 37.00 5.23 -27.49
C SER A 222 35.80 5.69 -26.65
N LEU A 223 35.98 6.66 -25.76
CA LEU A 223 34.86 7.15 -24.97
C LEU A 223 33.78 7.82 -25.82
N LYS A 224 34.07 8.15 -27.07
CA LYS A 224 33.13 8.87 -27.92
C LYS A 224 31.85 8.09 -28.18
N TYR A 225 31.89 6.76 -28.12
CA TYR A 225 30.75 5.92 -28.46
C TYR A 225 30.03 5.34 -27.25
N THR A 226 30.49 5.66 -26.03
CA THR A 226 29.87 5.05 -24.86
C THR A 226 28.91 6.01 -24.18
N PRO A 227 27.72 5.54 -23.82
CA PRO A 227 26.78 6.38 -23.08
C PRO A 227 27.35 6.79 -21.72
N CYS A 228 26.89 7.95 -21.25
CA CYS A 228 27.40 8.54 -20.02
C CYS A 228 27.01 7.77 -18.77
N SER A 229 26.11 6.78 -18.88
CA SER A 229 25.79 5.94 -17.73
C SER A 229 26.97 5.05 -17.34
N HIS A 230 27.91 4.85 -18.25
CA HIS A 230 29.04 3.97 -18.00
C HIS A 230 29.94 4.52 -16.91
N ARG A 231 30.60 3.61 -16.19
CA ARG A 231 31.54 3.98 -15.14
C ARG A 231 32.89 4.44 -15.67
N LEU A 232 33.15 4.23 -16.97
CA LEU A 232 34.38 4.71 -17.58
C LEU A 232 34.47 6.24 -17.56
N TRP A 233 33.35 6.93 -17.78
CA TRP A 233 33.35 8.38 -17.69
C TRP A 233 33.76 8.85 -16.30
N ASP A 234 33.17 8.26 -15.26
CA ASP A 234 33.49 8.64 -13.89
C ASP A 234 34.95 8.36 -13.59
N GLU A 235 35.45 7.19 -14.02
CA GLU A 235 36.84 6.85 -13.77
C GLU A 235 37.79 7.83 -14.46
N THR A 236 37.50 8.18 -15.72
CA THR A 236 38.36 9.11 -16.44
C THR A 236 38.36 10.48 -15.81
N VAL A 237 37.19 10.98 -15.39
CA VAL A 237 37.15 12.30 -14.77
C VAL A 237 37.87 12.28 -13.43
N GLY A 238 37.74 11.20 -12.65
CA GLY A 238 38.49 11.10 -11.41
C GLY A 238 39.99 11.07 -11.64
N PHE A 239 40.43 10.37 -12.69
CA PHE A 239 41.85 10.35 -13.01
C PHE A 239 42.35 11.73 -13.43
N ILE A 240 41.57 12.47 -14.21
CA ILE A 240 41.95 13.83 -14.58
C ILE A 240 42.04 14.71 -13.34
N GLU A 241 41.08 14.57 -12.42
CA GLU A 241 41.11 15.35 -11.18
C GLU A 241 42.36 15.03 -10.36
N ARG A 242 42.71 13.75 -10.25
CA ARG A 242 43.91 13.37 -9.51
C ARG A 242 45.17 13.92 -10.16
N LEU A 243 45.24 13.88 -11.50
CA LEU A 243 46.37 14.46 -12.20
C LEU A 243 46.47 15.97 -11.95
N LYS A 244 45.33 16.67 -11.96
CA LYS A 244 45.35 18.10 -11.69
C LYS A 244 45.80 18.39 -10.26
N GLY A 245 45.36 17.58 -9.31
CA GLY A 245 45.72 17.81 -7.91
C GLY A 245 47.19 17.66 -7.62
N ASP A 246 47.94 16.98 -8.48
CA ASP A 246 49.37 16.80 -8.31
C ASP A 246 50.20 17.87 -9.00
N SER A 247 49.55 18.89 -9.58
CA SER A 247 50.22 19.92 -10.36
C SER A 247 51.01 19.31 -11.52
N SER A 248 50.36 18.37 -12.20
CA SER A 248 50.94 17.73 -13.37
C SER A 248 50.74 18.64 -14.59
N THR A 249 51.01 18.11 -15.78
CA THR A 249 50.97 18.90 -17.01
C THR A 249 49.96 18.40 -18.02
N LEU A 250 49.69 17.10 -18.06
CA LEU A 250 48.87 16.51 -19.12
C LEU A 250 47.38 16.71 -18.91
N TRP A 251 46.96 17.18 -17.74
CA TRP A 251 45.53 17.38 -17.49
C TRP A 251 44.96 18.49 -18.37
N ARG A 252 45.77 19.52 -18.66
CA ARG A 252 45.31 20.63 -19.48
C ARG A 252 44.94 20.22 -20.89
N ASP A 253 45.39 19.05 -21.36
CA ASP A 253 44.97 18.50 -22.63
C ASP A 253 43.97 17.36 -22.49
N PHE A 254 44.08 16.56 -21.43
CA PHE A 254 43.11 15.50 -21.20
C PHE A 254 41.71 16.07 -20.99
N ALA A 255 41.61 17.18 -20.25
CA ALA A 255 40.30 17.79 -20.02
C ALA A 255 39.67 18.25 -21.33
N ILE A 256 40.47 18.88 -22.20
CA ILE A 256 39.94 19.35 -23.48
C ILE A 256 39.49 18.17 -24.34
N LYS A 257 40.30 17.10 -24.40
CA LYS A 257 39.92 15.95 -25.20
C LYS A 257 38.64 15.29 -24.68
N THR A 258 38.52 15.17 -23.35
CA THR A 258 37.32 14.59 -22.76
C THR A 258 36.10 15.48 -23.03
N TYR A 259 36.27 16.79 -22.97
CA TYR A 259 35.18 17.70 -23.29
C TYR A 259 34.73 17.54 -24.73
N ARG A 260 35.69 17.42 -25.66
CA ARG A 260 35.34 17.22 -27.07
C ARG A 260 34.57 15.92 -27.25
N SER A 261 35.04 14.85 -26.61
CA SER A 261 34.35 13.56 -26.73
C SER A 261 32.93 13.64 -26.19
N CYS A 262 32.75 14.27 -25.03
CA CYS A 262 31.42 14.39 -24.45
C CYS A 262 30.51 15.26 -25.31
N ARG A 263 31.03 16.35 -25.87
CA ARG A 263 30.21 17.20 -26.73
C ARG A 263 29.78 16.45 -27.99
N VAL A 264 30.67 15.65 -28.57
CA VAL A 264 30.29 14.85 -29.73
C VAL A 264 29.24 13.81 -29.34
N GLN A 265 29.42 13.15 -28.20
CA GLN A 265 28.53 12.07 -27.80
C GLN A 265 27.14 12.58 -27.44
N GLU A 266 27.06 13.76 -26.81
CA GLU A 266 25.79 14.25 -26.29
C GLU A 266 24.73 14.44 -27.35
N LYS A 267 25.12 14.69 -28.60
CA LYS A 267 24.16 14.93 -29.69
C LYS A 267 23.54 13.60 -30.12
N GLU A 268 22.64 13.10 -29.28
CA GLU A 268 21.92 11.86 -29.55
C GLU A 268 20.42 12.09 -29.76
N THR A 269 19.95 13.32 -29.63
CA THR A 269 18.57 13.71 -29.94
C THR A 269 17.57 12.93 -29.08
N GLY A 270 17.63 13.19 -27.78
CA GLY A 270 16.60 12.76 -26.87
C GLY A 270 15.61 13.88 -26.63
N THR A 271 14.40 13.74 -27.19
CA THR A 271 13.39 14.80 -27.31
C THR A 271 14.06 16.13 -27.66
N LEU A 272 15.13 16.04 -28.46
CA LEU A 272 15.94 17.13 -28.95
C LEU A 272 16.78 17.77 -27.85
N ARG A 273 16.49 17.45 -26.58
CA ARG A 273 17.19 18.02 -25.42
C ARG A 273 16.98 17.09 -24.23
N LEU A 274 18.00 16.30 -23.92
CA LEU A 274 17.96 15.38 -22.78
C LEU A 274 19.37 15.16 -22.25
N ARG A 275 19.43 14.70 -21.00
CA ARG A 275 20.70 14.48 -20.32
C ARG A 275 20.46 13.52 -19.17
N TRP A 276 21.50 12.75 -18.83
CA TRP A 276 21.39 11.67 -17.85
C TRP A 276 21.69 12.10 -16.43
N TYR A 277 22.47 13.16 -16.26
CA TYR A 277 22.92 13.66 -14.96
C TYR A 277 23.70 12.56 -14.24
N TRP A 278 24.94 12.33 -14.65
CA TRP A 278 25.88 11.71 -13.73
C TRP A 278 26.38 12.77 -12.74
N SER A 279 26.98 12.31 -11.64
CA SER A 279 27.32 13.23 -10.55
C SER A 279 28.33 14.29 -10.98
N ARG A 280 29.33 13.90 -11.77
CA ARG A 280 30.23 14.85 -12.42
C ARG A 280 29.51 15.43 -13.64
N HIS A 281 30.26 15.94 -14.61
CA HIS A 281 29.79 16.70 -15.78
C HIS A 281 29.63 18.17 -15.44
N ARG A 282 29.84 18.57 -14.18
CA ARG A 282 30.08 19.97 -13.86
C ARG A 282 31.55 20.24 -13.54
N VAL A 283 32.19 19.32 -12.81
CA VAL A 283 33.61 19.46 -12.54
C VAL A 283 34.42 19.35 -13.83
N LEU A 284 34.03 18.48 -14.75
CA LEU A 284 34.74 18.36 -16.02
C LEU A 284 34.67 19.66 -16.81
N TYR A 285 33.47 20.25 -16.91
CA TYR A 285 33.34 21.51 -17.63
C TYR A 285 34.09 22.64 -16.94
N ASP A 286 34.05 22.70 -15.61
CA ASP A 286 34.81 23.71 -14.90
C ASP A 286 36.30 23.57 -15.16
N MET A 287 36.81 22.33 -15.13
CA MET A 287 38.23 22.10 -15.40
C MET A 287 38.61 22.47 -16.82
N ALA A 288 37.77 22.13 -17.81
CA ALA A 288 38.06 22.50 -19.19
C ALA A 288 38.06 24.03 -19.36
N PHE A 289 37.08 24.71 -18.77
CA PHE A 289 37.03 26.16 -18.84
C PHE A 289 38.27 26.78 -18.21
N LEU A 290 38.68 26.29 -17.04
CA LEU A 290 39.86 26.81 -16.38
C LEU A 290 41.12 26.56 -17.19
N ALA A 291 41.26 25.38 -17.77
CA ALA A 291 42.44 25.07 -18.56
C ALA A 291 42.53 25.96 -19.80
N VAL A 292 41.40 26.15 -20.49
CA VAL A 292 41.42 27.02 -21.67
C VAL A 292 41.73 28.45 -21.27
N LYS A 293 41.15 28.95 -20.18
CA LYS A 293 41.46 30.31 -19.75
C LYS A 293 42.93 30.45 -19.38
N GLU A 294 43.50 29.48 -18.67
CA GLU A 294 44.90 29.54 -18.29
C GLU A 294 45.82 29.52 -19.51
N GLN A 295 45.55 28.65 -20.48
CA GLN A 295 46.38 28.63 -21.69
C GLN A 295 46.11 29.80 -22.61
N ALA A 296 45.02 30.53 -22.40
CA ALA A 296 44.78 31.79 -23.11
C ALA A 296 45.47 32.97 -22.47
N ASP A 297 45.65 32.97 -21.15
CA ASP A 297 46.30 34.06 -20.45
C ASP A 297 47.80 34.13 -20.72
N ASP A 298 48.38 33.10 -21.34
CA ASP A 298 49.79 33.16 -21.72
C ASP A 298 50.03 34.22 -22.78
N GLU A 299 51.24 34.77 -22.78
CA GLU A 299 51.58 35.89 -23.66
C GLU A 299 52.11 35.34 -24.98
N GLU A 300 51.42 35.67 -26.07
CA GLU A 300 51.86 35.38 -27.42
C GLU A 300 51.73 36.64 -28.28
N PRO A 301 52.70 36.90 -29.17
CA PRO A 301 52.60 38.10 -30.01
C PRO A 301 51.37 38.12 -30.90
N ASP A 302 50.94 36.97 -31.40
CA ASP A 302 49.77 36.92 -32.26
C ASP A 302 48.50 37.01 -31.42
N VAL A 303 47.54 37.81 -31.91
CA VAL A 303 46.27 37.97 -31.20
C VAL A 303 45.20 36.99 -31.69
N ASN A 304 45.41 36.35 -32.84
CA ASN A 304 44.41 35.41 -33.36
C ASN A 304 44.23 34.22 -32.43
N VAL A 305 45.31 33.72 -31.85
CA VAL A 305 45.19 32.61 -30.91
C VAL A 305 44.37 33.02 -29.68
N LYS A 306 44.60 34.24 -29.16
CA LYS A 306 43.83 34.71 -28.02
C LYS A 306 42.36 34.87 -28.38
N GLN A 307 42.08 35.41 -29.56
CA GLN A 307 40.68 35.53 -30.00
C GLN A 307 40.02 34.17 -30.10
N ALA A 308 40.73 33.19 -30.66
CA ALA A 308 40.18 31.84 -30.77
C ALA A 308 39.92 31.22 -29.39
N LYS A 309 40.83 31.43 -28.44
CA LYS A 309 40.64 30.89 -27.10
C LYS A 309 39.45 31.53 -26.40
N ILE A 310 39.30 32.86 -26.53
CA ILE A 310 38.16 33.52 -25.91
C ILE A 310 36.86 33.08 -26.57
N LYS A 311 36.87 32.85 -27.88
CA LYS A 311 35.70 32.30 -28.56
C LYS A 311 35.37 30.91 -28.04
N LYS A 312 36.39 30.07 -27.81
CA LYS A 312 36.17 28.73 -27.30
C LYS A 312 35.58 28.76 -25.90
N LEU A 313 35.93 29.78 -25.10
CA LEU A 313 35.32 29.91 -23.77
C LEU A 313 33.81 30.04 -23.88
N ALA A 314 33.33 30.94 -24.75
CA ALA A 314 31.89 31.10 -24.95
C ALA A 314 31.27 29.85 -25.56
N GLU A 315 32.01 29.15 -26.43
CA GLU A 315 31.50 27.91 -27.00
C GLU A 315 31.27 26.87 -25.91
N ILE A 316 32.20 26.75 -24.96
CA ILE A 316 32.03 25.81 -23.86
C ILE A 316 30.85 26.22 -22.99
N SER A 317 30.72 27.52 -22.71
CA SER A 317 29.59 27.98 -21.92
C SER A 317 28.26 27.62 -22.57
N ASP A 318 28.15 27.87 -23.87
CA ASP A 318 26.90 27.57 -24.58
C ASP A 318 26.65 26.07 -24.67
N SER A 319 27.70 25.27 -24.79
CA SER A 319 27.53 23.82 -24.77
C SER A 319 26.99 23.35 -23.43
N LEU A 320 27.46 23.93 -22.32
CA LEU A 320 26.91 23.57 -21.01
C LEU A 320 25.47 24.01 -20.86
N LYS A 321 25.13 25.22 -21.32
CA LYS A 321 23.80 25.77 -21.08
C LYS A 321 22.75 25.28 -22.07
N SER A 322 23.09 24.37 -22.98
CA SER A 322 22.19 23.96 -24.04
C SER A 322 21.06 23.05 -23.58
N ARG A 323 21.27 22.27 -22.52
CA ARG A 323 20.28 21.28 -22.10
C ARG A 323 20.19 21.25 -20.59
N PHE A 324 19.11 20.64 -20.09
CA PHE A 324 18.92 20.39 -18.67
C PHE A 324 18.80 18.89 -18.44
N SER A 325 19.00 18.49 -17.18
CA SER A 325 18.98 17.08 -16.79
C SER A 325 17.93 16.86 -15.71
N LEU A 326 17.20 15.76 -15.82
CA LEU A 326 16.21 15.37 -14.84
C LEU A 326 16.58 14.02 -14.24
N ARG A 327 16.13 13.80 -13.01
CA ARG A 327 16.52 12.63 -12.24
C ARG A 327 15.73 11.39 -12.66
N LEU A 328 16.22 10.23 -12.21
CA LEU A 328 15.63 8.96 -12.65
C LEU A 328 14.18 8.82 -12.20
N SER A 329 13.89 9.20 -10.95
CA SER A 329 12.53 9.10 -10.44
C SER A 329 11.54 9.95 -11.24
N ASP A 330 12.00 11.07 -11.80
CA ASP A 330 11.17 11.85 -12.71
C ASP A 330 11.06 11.22 -14.10
N MET A 331 12.10 10.50 -14.53
CA MET A 331 12.06 9.80 -15.80
C MET A 331 11.14 8.59 -15.79
N GLU A 332 10.95 7.95 -14.64
CA GLU A 332 10.01 6.83 -14.56
C GLU A 332 8.56 7.27 -14.59
N LYS A 333 8.25 8.46 -14.10
CA LYS A 333 6.87 8.97 -14.03
C LYS A 333 6.56 9.91 -15.18
N MET A 334 7.10 9.64 -16.36
CA MET A 334 6.86 10.47 -17.53
C MET A 334 5.41 10.32 -18.00
N PRO A 335 4.67 11.42 -18.14
CA PRO A 335 3.34 11.34 -18.74
C PRO A 335 3.40 10.84 -20.17
N LYS A 336 2.38 10.10 -20.55
CA LYS A 336 2.35 9.40 -21.83
C LYS A 336 1.80 10.30 -22.94
N SER A 337 2.24 10.02 -24.16
CA SER A 337 1.81 10.75 -25.34
C SER A 337 1.64 9.74 -26.47
N ASP A 338 1.53 10.22 -27.70
CA ASP A 338 1.30 9.37 -28.85
C ASP A 338 2.58 8.95 -29.57
N ASP A 339 3.39 9.91 -29.99
CA ASP A 339 4.58 9.62 -30.80
C ASP A 339 5.87 9.61 -29.99
N GLU A 340 6.19 10.72 -29.32
CA GLU A 340 7.49 10.84 -28.65
C GLU A 340 7.61 9.94 -27.44
N SER A 341 6.56 9.84 -26.62
CA SER A 341 6.66 9.07 -25.39
C SER A 341 6.91 7.59 -25.66
N ASN A 342 6.22 7.04 -26.67
CA ASN A 342 6.37 5.62 -26.97
C ASN A 342 7.78 5.26 -27.41
N HIS A 343 8.41 6.10 -28.22
CA HIS A 343 9.71 5.78 -28.80
C HIS A 343 10.88 6.34 -27.99
N GLU A 344 10.97 7.66 -27.89
CA GLU A 344 12.23 8.29 -27.51
C GLU A 344 12.53 8.13 -26.02
N PHE A 345 11.56 8.40 -25.16
CA PHE A 345 11.79 8.26 -23.73
C PHE A 345 12.15 6.83 -23.37
N LYS A 346 11.40 5.86 -23.89
CA LYS A 346 11.67 4.46 -23.59
C LYS A 346 13.02 4.02 -24.12
N LYS A 347 13.36 4.41 -25.35
CA LYS A 347 14.65 4.02 -25.91
C LYS A 347 15.81 4.61 -25.11
N PHE A 348 15.72 5.90 -24.78
CA PHE A 348 16.79 6.55 -24.01
C PHE A 348 16.92 5.91 -22.64
N LEU A 349 15.81 5.65 -21.96
CA LEU A 349 15.86 5.09 -20.62
C LEU A 349 16.45 3.68 -20.63
N ASP A 350 16.01 2.83 -21.56
CA ASP A 350 16.53 1.47 -21.61
C ASP A 350 18.00 1.46 -21.99
N LYS A 351 18.40 2.32 -22.93
CA LYS A 351 19.81 2.39 -23.30
C LYS A 351 20.67 2.83 -22.13
N CYS A 352 20.21 3.84 -21.36
CA CYS A 352 20.96 4.29 -20.21
C CYS A 352 21.09 3.20 -19.15
N VAL A 353 20.00 2.48 -18.88
CA VAL A 353 20.05 1.43 -17.86
C VAL A 353 20.99 0.31 -18.30
N THR A 354 20.87 -0.12 -19.56
CA THR A 354 21.75 -1.17 -20.08
C THR A 354 23.21 -0.76 -20.04
N ALA A 355 23.51 0.49 -20.38
CA ALA A 355 24.89 0.96 -20.28
C ALA A 355 25.36 0.97 -18.83
N TYR A 356 24.48 1.35 -17.90
CA TYR A 356 24.88 1.37 -16.49
C TYR A 356 25.23 -0.03 -15.99
N GLN A 357 24.43 -1.04 -16.36
CA GLN A 357 24.64 -2.38 -15.83
C GLN A 357 25.66 -3.19 -16.63
N ASP A 358 26.23 -2.63 -17.70
CA ASP A 358 27.14 -3.40 -18.55
C ASP A 358 28.59 -3.35 -18.06
N GLY A 359 29.01 -2.26 -17.42
CA GLY A 359 30.40 -2.14 -17.04
C GLY A 359 30.81 -2.94 -15.82
N TYR A 360 29.87 -3.59 -15.16
CA TYR A 360 30.15 -4.32 -13.92
C TYR A 360 30.22 -5.83 -14.13
N VAL A 361 30.22 -6.31 -15.37
CA VAL A 361 30.28 -7.74 -15.68
C VAL A 361 31.48 -8.07 -16.57
N ILE A 362 31.73 -7.26 -17.60
CA ILE A 362 32.82 -7.49 -18.52
C ILE A 362 33.73 -6.27 -18.54
N ASN A 363 35.01 -6.52 -18.78
CA ASN A 363 36.04 -5.48 -18.83
C ASN A 363 36.62 -5.47 -20.24
N ARG A 364 36.07 -4.62 -21.09
CA ARG A 364 36.52 -4.51 -22.48
C ARG A 364 37.09 -3.13 -22.77
N ALA A 388 15.95 22.65 -35.86
CA ALA A 388 16.54 23.42 -36.96
C ALA A 388 18.04 23.16 -37.05
N LYS A 389 18.80 24.24 -37.25
CA LYS A 389 20.25 24.16 -37.36
C LYS A 389 20.89 25.20 -36.45
N LEU A 390 21.96 24.81 -35.77
CA LEU A 390 22.65 25.71 -34.86
C LEU A 390 23.33 26.82 -35.63
N LEU A 391 23.17 28.06 -35.16
CA LEU A 391 23.75 29.22 -35.80
C LEU A 391 25.19 29.43 -35.31
N GLU A 392 25.94 30.22 -36.07
CA GLU A 392 27.30 30.56 -35.70
C GLU A 392 27.31 31.70 -34.68
N LEU A 393 28.36 31.74 -33.86
CA LEU A 393 28.46 32.76 -32.82
C LEU A 393 28.64 34.16 -33.39
N THR A 394 29.08 34.29 -34.64
CA THR A 394 29.38 35.58 -35.22
C THR A 394 28.31 36.07 -36.19
N GLN A 395 27.17 35.38 -36.26
CA GLN A 395 26.09 35.76 -37.17
C GLN A 395 25.07 36.63 -36.43
N VAL A 396 25.52 37.82 -36.05
CA VAL A 396 24.65 38.79 -35.38
C VAL A 396 24.44 39.98 -36.29
N PRO A 397 23.27 40.61 -36.26
CA PRO A 397 23.04 41.79 -37.11
C PRO A 397 23.93 42.96 -36.70
N GLU A 398 24.16 43.83 -37.66
CA GLU A 398 24.99 45.02 -37.42
C GLU A 398 24.34 45.91 -36.37
N GLY A 399 25.14 46.37 -35.41
CA GLY A 399 24.65 47.21 -34.34
C GLY A 399 24.27 46.49 -33.06
N TRP A 400 24.64 45.22 -32.89
CA TRP A 400 24.29 44.44 -31.73
C TRP A 400 25.54 44.02 -30.96
N VAL A 401 25.34 43.77 -29.67
CA VAL A 401 26.41 43.30 -28.78
C VAL A 401 25.85 42.17 -27.94
N VAL A 402 26.60 41.08 -27.84
CA VAL A 402 26.18 39.87 -27.13
C VAL A 402 27.08 39.66 -25.91
N VAL A 403 26.47 39.40 -24.76
CA VAL A 403 27.20 39.22 -23.51
C VAL A 403 26.88 37.82 -22.98
N HIS A 404 27.92 37.02 -22.76
CA HIS A 404 27.77 35.69 -22.21
C HIS A 404 28.19 35.68 -20.74
N PHE A 405 27.48 34.88 -19.94
CA PHE A 405 27.74 34.77 -18.52
C PHE A 405 28.08 33.33 -18.16
N TYR A 406 29.08 33.17 -17.30
CA TYR A 406 29.45 31.86 -16.78
C TYR A 406 29.77 31.99 -15.30
N LEU A 407 29.33 31.02 -14.52
CA LEU A 407 29.50 31.00 -13.07
C LEU A 407 30.34 29.79 -12.72
N ASN A 408 31.63 30.01 -12.47
CA ASN A 408 32.58 28.94 -12.24
C ASN A 408 32.57 28.56 -10.76
N LYS A 409 31.98 27.40 -10.44
CA LYS A 409 31.87 26.97 -9.06
C LYS A 409 33.20 26.48 -8.50
N LEU A 410 34.08 25.97 -9.36
CA LEU A 410 35.34 25.40 -8.87
C LEU A 410 36.24 26.47 -8.28
N GLU A 411 36.52 27.53 -9.05
CA GLU A 411 37.36 28.61 -8.56
C GLU A 411 36.57 29.69 -7.82
N GLY A 412 35.24 29.64 -7.89
CA GLY A 412 34.43 30.59 -7.16
C GLY A 412 34.38 31.98 -7.75
N MET A 413 34.66 32.13 -9.04
CA MET A 413 34.66 33.42 -9.71
C MET A 413 33.62 33.43 -10.82
N GLY A 414 33.08 34.62 -11.07
CA GLY A 414 32.20 34.84 -12.20
C GLY A 414 32.97 35.29 -13.44
N ASN A 415 32.26 35.27 -14.57
CA ASN A 415 32.86 35.61 -15.84
C ASN A 415 31.84 36.30 -16.73
N ALA A 416 32.34 37.04 -17.71
CA ALA A 416 31.47 37.74 -18.66
C ALA A 416 32.25 37.94 -19.95
N ILE A 417 31.80 37.29 -21.02
CA ILE A 417 32.45 37.35 -22.33
C ILE A 417 31.57 38.16 -23.26
N VAL A 418 32.15 39.17 -23.90
CA VAL A 418 31.41 40.08 -24.77
C VAL A 418 32.01 40.02 -26.17
N PHE A 419 31.14 40.05 -27.18
CA PHE A 419 31.54 40.05 -28.58
C PHE A 419 30.96 41.28 -29.25
N ASP A 420 31.84 42.07 -29.89
CA ASP A 420 31.43 43.28 -30.59
C ASP A 420 31.48 43.03 -32.10
N LYS A 421 30.33 43.15 -32.76
CA LYS A 421 30.27 42.87 -34.18
C LYS A 421 30.99 43.93 -35.01
N CYS A 422 30.85 45.20 -34.64
CA CYS A 422 31.42 46.27 -35.43
C CYS A 422 32.94 46.25 -35.45
N ALA A 423 33.57 45.68 -34.42
CA ALA A 423 35.03 45.61 -34.36
C ALA A 423 35.57 44.18 -34.47
N ASN A 424 34.72 43.17 -34.34
CA ASN A 424 35.12 41.76 -34.41
C ASN A 424 36.21 41.45 -33.39
N SER A 425 35.85 41.63 -32.11
CA SER A 425 36.79 41.44 -31.03
C SER A 425 36.12 40.68 -29.89
N TRP A 426 36.94 40.09 -29.04
CA TRP A 426 36.49 39.31 -27.90
C TRP A 426 37.16 39.79 -26.63
N GLN A 427 36.40 39.88 -25.54
CA GLN A 427 36.90 40.33 -24.26
C GLN A 427 36.23 39.52 -23.15
N TYR A 428 36.85 39.53 -21.97
CA TYR A 428 36.28 38.86 -20.82
C TYR A 428 36.72 39.57 -19.54
N LYS A 429 36.00 39.32 -18.46
CA LYS A 429 36.25 39.96 -17.17
C LYS A 429 35.69 39.07 -16.07
N GLU A 430 36.10 39.36 -14.84
CA GLU A 430 35.76 38.56 -13.68
C GLU A 430 35.15 39.42 -12.57
N PHE A 431 34.41 38.76 -11.67
CA PHE A 431 33.77 39.44 -10.55
C PHE A 431 33.43 38.42 -9.47
N GLN A 432 33.01 38.95 -8.31
CA GLN A 432 32.61 38.14 -7.16
C GLN A 432 31.09 38.17 -7.03
N TYR A 433 30.50 37.04 -6.62
CA TYR A 433 29.05 36.90 -6.56
C TYR A 433 28.54 36.37 -5.23
N LYS A 434 29.35 36.37 -4.17
CA LYS A 434 28.95 35.73 -2.93
C LYS A 434 28.07 36.62 -2.04
N GLU A 435 27.96 37.91 -2.34
CA GLU A 435 27.09 38.80 -1.57
C GLU A 435 25.85 39.23 -2.33
N LEU A 436 25.93 39.30 -3.66
CA LEU A 436 24.75 39.52 -4.48
C LEU A 436 23.72 38.42 -4.25
N PHE A 437 24.19 37.19 -4.03
CA PHE A 437 23.28 36.08 -3.73
C PHE A 437 22.55 36.28 -2.40
N GLU A 438 23.25 36.77 -1.38
CA GLU A 438 22.62 37.04 -0.10
C GLU A 438 21.59 38.16 -0.21
N VAL A 439 21.91 39.22 -0.94
CA VAL A 439 20.95 40.29 -1.15
C VAL A 439 19.73 39.77 -1.92
N PHE A 440 19.94 38.92 -2.93
CA PHE A 440 18.84 38.35 -3.67
C PHE A 440 17.95 37.49 -2.77
N LEU A 441 18.57 36.69 -1.88
CA LEU A 441 17.80 35.88 -0.96
C LEU A 441 16.96 36.74 -0.02
N THR A 442 17.52 37.84 0.47
CA THR A 442 16.74 38.75 1.31
C THR A 442 15.55 39.33 0.54
N TRP A 443 15.79 39.75 -0.71
CA TRP A 443 14.70 40.30 -1.52
C TRP A 443 13.60 39.26 -1.72
N GLN A 444 13.98 38.03 -2.05
CA GLN A 444 12.99 36.97 -2.29
C GLN A 444 12.20 36.66 -1.02
N ALA A 445 12.88 36.57 0.13
CA ALA A 445 12.19 36.27 1.37
C ALA A 445 11.19 37.37 1.74
N ASN A 446 11.58 38.62 1.56
CA ASN A 446 10.65 39.71 1.87
C ASN A 446 9.50 39.80 0.87
N TYR A 447 9.77 39.49 -0.40
CA TYR A 447 8.72 39.52 -1.41
C TYR A 447 7.67 38.44 -1.17
N ASN A 448 8.10 37.23 -0.84
CA ASN A 448 7.13 36.15 -0.65
C ASN A 448 6.23 36.38 0.56
N LEU A 449 6.44 37.44 1.32
CA LEU A 449 5.59 37.80 2.45
C LEU A 449 4.82 39.09 2.22
N TYR A 450 5.45 40.13 1.69
CA TYR A 450 4.80 41.44 1.48
C TYR A 450 5.08 41.88 0.05
N LYS A 451 4.19 41.49 -0.87
CA LYS A 451 4.43 41.61 -2.31
C LYS A 451 4.81 43.03 -2.72
N GLU A 452 3.88 43.97 -2.58
CA GLU A 452 4.14 45.33 -3.04
C GLU A 452 4.93 46.13 -2.01
N ASN A 453 4.82 45.76 -0.74
CA ASN A 453 5.46 46.49 0.34
C ASN A 453 6.94 46.15 0.50
N ALA A 454 7.45 45.16 -0.24
CA ALA A 454 8.87 44.85 -0.22
C ALA A 454 9.64 45.58 -1.33
N ALA A 455 9.20 46.78 -1.71
CA ALA A 455 9.84 47.54 -2.77
C ALA A 455 11.14 48.21 -2.33
N GLU A 456 11.42 48.26 -1.03
CA GLU A 456 12.65 48.87 -0.53
C GLU A 456 13.85 47.95 -0.62
N HIS A 457 13.65 46.67 -0.90
CA HIS A 457 14.75 45.73 -1.10
C HIS A 457 15.12 45.59 -2.57
N LEU A 458 14.18 45.86 -3.48
CA LEU A 458 14.50 45.84 -4.90
C LEU A 458 15.51 46.92 -5.26
N VAL A 459 15.38 48.10 -4.67
CA VAL A 459 16.35 49.17 -4.89
C VAL A 459 17.73 48.75 -4.43
N THR A 460 17.81 48.13 -3.25
CA THR A 460 19.10 47.64 -2.74
C THR A 460 19.68 46.58 -3.67
N LEU A 461 18.83 45.68 -4.17
CA LEU A 461 19.32 44.65 -5.10
C LEU A 461 19.87 45.27 -6.38
N CYS A 462 19.16 46.26 -6.94
CA CYS A 462 19.64 46.90 -8.16
C CYS A 462 20.94 47.65 -7.93
N LYS A 463 21.07 48.34 -6.79
CA LYS A 463 22.32 49.02 -6.48
C LYS A 463 23.46 48.02 -6.28
N LYS A 464 23.18 46.88 -5.67
CA LYS A 464 24.22 45.85 -5.52
C LYS A 464 24.64 45.29 -6.87
N ILE A 465 23.68 45.09 -7.79
CA ILE A 465 24.04 44.65 -9.13
C ILE A 465 24.93 45.67 -9.81
N GLY A 466 24.58 46.95 -9.70
CA GLY A 466 25.38 48.00 -10.29
C GLY A 466 26.78 48.11 -9.70
N GLU A 467 26.92 47.89 -8.40
CA GLU A 467 28.23 47.95 -7.74
C GLU A 467 29.09 46.73 -8.04
N THR A 468 28.49 45.54 -8.08
CA THR A 468 29.26 44.31 -8.28
C THR A 468 29.82 44.23 -9.70
N MET A 469 29.06 44.69 -10.69
CA MET A 469 29.45 44.65 -12.09
C MET A 469 29.70 46.09 -12.57
N PRO A 470 30.90 46.63 -12.36
CA PRO A 470 31.18 48.00 -12.83
C PRO A 470 31.43 48.09 -14.33
N PHE A 471 31.64 46.97 -15.01
CA PHE A 471 31.93 47.00 -16.44
C PHE A 471 30.68 47.19 -17.30
N LEU A 472 29.48 47.17 -16.69
CA LEU A 472 28.27 47.46 -17.44
C LEU A 472 28.14 48.94 -17.80
N PHE A 473 28.89 49.81 -17.12
CA PHE A 473 28.84 51.25 -17.35
C PHE A 473 30.18 51.77 -17.87
N CYS A 474 30.93 50.93 -18.57
CA CYS A 474 32.22 51.29 -19.14
C CYS A 474 32.12 51.32 -20.66
N ASP A 475 32.75 52.34 -21.26
CA ASP A 475 32.70 52.53 -22.71
C ASP A 475 33.60 51.58 -23.47
N ASN A 476 34.69 51.11 -22.87
CA ASN A 476 35.58 50.17 -23.55
C ASN A 476 34.98 48.77 -23.60
N PHE A 477 34.23 48.38 -22.58
CA PHE A 477 33.62 47.05 -22.56
C PHE A 477 32.36 47.01 -23.41
N ILE A 478 31.40 47.89 -23.13
CA ILE A 478 30.17 47.95 -23.90
C ILE A 478 30.03 49.35 -24.50
N PRO A 479 30.16 49.51 -25.82
CA PRO A 479 29.99 50.84 -26.41
C PRO A 479 28.57 51.36 -26.22
N ASN A 480 28.47 52.65 -25.93
CA ASN A 480 27.17 53.25 -25.65
C ASN A 480 26.35 53.41 -26.92
N GLY A 481 25.03 53.41 -26.77
CA GLY A 481 24.13 53.57 -27.88
C GLY A 481 23.96 52.36 -28.77
N LYS A 482 24.20 51.16 -28.25
CA LYS A 482 24.07 49.93 -29.02
C LYS A 482 23.16 48.96 -28.30
N ASP A 483 22.48 48.13 -29.09
CA ASP A 483 21.60 47.11 -28.54
C ASP A 483 22.42 46.04 -27.84
N VAL A 484 21.86 45.49 -26.76
CA VAL A 484 22.57 44.53 -25.91
C VAL A 484 21.70 43.29 -25.77
N LEU A 485 22.31 42.12 -25.96
CA LEU A 485 21.65 40.83 -25.75
C LEU A 485 22.29 40.15 -24.55
N PHE A 486 21.45 39.69 -23.61
CA PHE A 486 21.91 39.05 -22.39
C PHE A 486 21.70 37.55 -22.46
N VAL A 487 22.72 36.79 -22.08
CA VAL A 487 22.62 35.34 -21.98
C VAL A 487 23.08 34.94 -20.57
N PRO A 488 22.18 34.93 -19.58
CA PRO A 488 22.60 34.74 -18.19
C PRO A 488 22.99 33.31 -17.84
N HIS A 489 23.24 33.07 -16.57
CA HIS A 489 23.59 31.75 -16.06
C HIS A 489 22.77 31.49 -14.80
N ASP A 490 23.20 30.50 -14.02
CA ASP A 490 22.35 29.76 -13.08
C ASP A 490 21.35 30.60 -12.30
N PHE A 491 21.81 31.48 -11.40
CA PHE A 491 20.87 32.29 -10.64
C PHE A 491 20.78 33.72 -11.17
N LEU A 492 21.49 34.03 -12.25
CA LEU A 492 21.38 35.33 -12.89
C LEU A 492 20.18 35.43 -13.81
N HIS A 493 19.47 34.33 -14.06
CA HIS A 493 18.27 34.38 -14.88
C HIS A 493 17.16 35.20 -14.24
N ARG A 494 17.22 35.40 -12.93
CA ARG A 494 16.14 36.06 -12.20
C ARG A 494 16.50 37.47 -11.74
N LEU A 495 17.69 37.96 -12.06
CA LEU A 495 18.12 39.31 -11.73
C LEU A 495 17.69 40.29 -12.82
N PRO A 496 17.04 41.40 -12.46
CA PRO A 496 16.68 42.43 -13.46
C PRO A 496 17.89 43.24 -13.92
N LEU A 497 18.67 42.66 -14.83
CA LEU A 497 19.92 43.27 -15.27
C LEU A 497 19.69 44.60 -15.97
N HIS A 498 18.49 44.81 -16.53
CA HIS A 498 18.20 46.05 -17.25
C HIS A 498 17.87 47.20 -16.31
N GLY A 499 17.75 46.95 -15.01
CA GLY A 499 17.44 48.01 -14.07
C GLY A 499 18.55 48.30 -13.09
N SER A 500 19.79 48.19 -13.54
CA SER A 500 20.94 48.46 -12.68
C SER A 500 21.06 49.96 -12.42
N ILE A 501 21.80 50.29 -11.36
CA ILE A 501 22.04 51.68 -10.97
C ILE A 501 23.54 51.89 -10.80
N GLU A 502 24.07 52.90 -11.47
CA GLU A 502 25.50 53.16 -11.46
C GLU A 502 25.96 53.62 -10.08
N ASN A 503 27.16 53.18 -9.69
CA ASN A 503 27.69 53.42 -8.34
C ASN A 503 28.29 54.82 -8.28
N LYS A 504 27.42 55.81 -8.13
CA LYS A 504 27.85 57.19 -7.95
C LYS A 504 26.72 57.96 -7.27
N THR A 505 26.81 59.29 -7.27
CA THR A 505 25.85 60.10 -6.53
C THR A 505 24.44 59.97 -7.11
N ASN A 506 24.28 60.24 -8.39
CA ASN A 506 22.98 60.20 -9.07
C ASN A 506 23.08 59.42 -10.37
N GLY A 507 23.65 58.22 -10.29
CA GLY A 507 23.84 57.41 -11.49
C GLY A 507 22.53 57.05 -12.16
N LYS A 508 22.62 56.83 -13.47
CA LYS A 508 21.45 56.54 -14.29
C LYS A 508 21.18 55.04 -14.31
N LEU A 509 20.10 54.66 -15.00
CA LEU A 509 19.73 53.27 -15.18
C LEU A 509 20.30 52.74 -16.50
N PHE A 510 20.42 51.41 -16.57
CA PHE A 510 20.96 50.79 -17.78
C PHE A 510 20.01 50.90 -18.96
N LEU A 511 18.70 50.98 -18.69
CA LEU A 511 17.70 51.00 -19.75
C LEU A 511 17.53 52.39 -20.39
N GLU A 512 18.16 53.42 -19.82
CA GLU A 512 18.06 54.76 -20.37
C GLU A 512 19.06 55.01 -21.50
N ASN A 513 19.91 54.05 -21.81
CA ASN A 513 20.89 54.19 -22.88
C ASN A 513 20.81 53.07 -23.90
N HIS A 514 20.51 51.84 -23.47
CA HIS A 514 20.50 50.68 -24.34
C HIS A 514 19.13 50.02 -24.32
N SER A 515 18.91 49.15 -25.31
CA SER A 515 17.76 48.26 -25.34
C SER A 515 18.23 46.83 -25.10
N CYS A 516 17.43 46.07 -24.36
CA CYS A 516 17.87 44.79 -23.83
C CYS A 516 16.95 43.67 -24.29
N CYS A 517 17.54 42.51 -24.57
CA CYS A 517 16.82 41.28 -24.87
C CYS A 517 17.45 40.14 -24.09
N TYR A 518 16.66 39.11 -23.84
CA TYR A 518 17.09 37.97 -23.03
C TYR A 518 16.93 36.67 -23.80
N LEU A 519 17.76 35.70 -23.45
CA LEU A 519 17.76 34.40 -24.13
C LEU A 519 18.38 33.35 -23.22
N PRO A 520 17.68 32.25 -22.95
CA PRO A 520 18.26 31.22 -22.06
C PRO A 520 19.54 30.62 -22.59
N ALA A 521 19.69 30.47 -23.90
CA ALA A 521 20.91 29.94 -24.49
C ALA A 521 21.00 30.42 -25.93
N TRP A 522 22.23 30.57 -26.43
CA TRP A 522 22.44 31.03 -27.79
C TRP A 522 21.90 30.04 -28.82
N SER A 523 21.78 28.77 -28.47
CA SER A 523 21.27 27.76 -29.39
C SER A 523 19.78 27.91 -29.67
N PHE A 524 19.07 28.77 -28.95
CA PHE A 524 17.64 28.97 -29.14
C PHE A 524 17.32 30.03 -30.19
N ALA A 525 18.34 30.62 -30.81
CA ALA A 525 18.15 31.62 -31.86
C ALA A 525 18.00 30.93 -33.21
N SER A 526 17.20 31.51 -34.08
CA SER A 526 16.93 30.92 -35.38
C SER A 526 16.60 32.01 -36.40
N GLU A 527 16.94 31.75 -37.66
CA GLU A 527 16.53 32.63 -38.74
C GLU A 527 15.01 32.60 -38.89
N LYS A 528 14.44 33.73 -39.30
CA LYS A 528 12.99 33.83 -39.43
C LYS A 528 12.64 34.98 -40.36
N GLU A 529 11.78 34.71 -41.34
CA GLU A 529 11.21 35.73 -42.20
C GLU A 529 9.75 35.90 -41.86
N ALA A 530 9.33 37.15 -41.63
CA ALA A 530 8.00 37.45 -41.11
C ALA A 530 7.02 37.58 -42.28
N SER A 531 6.52 36.44 -42.75
CA SER A 531 5.44 36.42 -43.73
C SER A 531 4.11 36.19 -43.01
N THR A 532 3.78 37.16 -42.15
CA THR A 532 2.67 37.04 -41.23
C THR A 532 1.46 37.82 -41.72
N SER A 533 0.28 37.40 -41.24
CA SER A 533 -0.97 38.09 -41.54
C SER A 533 -1.16 39.29 -40.61
N ASP A 534 -2.36 39.86 -40.59
CA ASP A 534 -2.66 41.00 -39.74
C ASP A 534 -3.87 40.71 -38.86
N GLU A 535 -3.89 39.53 -38.25
CA GLU A 535 -4.99 39.13 -37.38
C GLU A 535 -4.52 39.16 -35.92
N TYR A 536 -5.38 39.69 -35.05
CA TYR A 536 -5.11 39.78 -33.62
C TYR A 536 -6.05 38.84 -32.89
N VAL A 537 -5.49 37.94 -32.09
CA VAL A 537 -6.26 36.92 -31.39
C VAL A 537 -6.17 37.17 -29.89
N LEU A 538 -7.26 36.85 -29.19
CA LEU A 538 -7.34 36.99 -27.74
C LEU A 538 -7.81 35.68 -27.12
N LEU A 539 -7.17 35.28 -26.02
CA LEU A 539 -7.59 34.13 -25.23
C LEU A 539 -7.60 34.54 -23.77
N LYS A 540 -8.67 34.19 -23.06
CA LYS A 540 -8.81 34.60 -21.67
C LYS A 540 -9.59 33.54 -20.91
N ASN A 541 -9.14 33.27 -19.68
CA ASN A 541 -9.86 32.38 -18.76
C ASN A 541 -9.55 32.86 -17.33
N PHE A 542 -10.45 33.65 -16.77
CA PHE A 542 -10.30 34.18 -15.42
C PHE A 542 -11.53 33.85 -14.59
N ASP A 543 -11.34 33.83 -13.27
CA ASP A 543 -12.46 33.62 -12.36
C ASP A 543 -13.44 34.77 -12.40
N GLN A 544 -12.94 35.99 -12.55
CA GLN A 544 -13.79 37.18 -12.59
C GLN A 544 -13.28 38.09 -13.71
N GLY A 545 -14.18 38.93 -14.22
CA GLY A 545 -13.84 39.83 -15.30
C GLY A 545 -13.05 41.04 -14.86
N HIS A 546 -11.77 40.84 -14.55
CA HIS A 546 -10.90 41.96 -14.22
C HIS A 546 -10.70 42.88 -15.43
N PHE A 547 -10.71 42.32 -16.64
CA PHE A 547 -10.57 43.08 -17.87
C PHE A 547 -11.95 43.26 -18.48
N GLU A 548 -12.50 44.46 -18.40
CA GLU A 548 -13.82 44.76 -18.93
C GLU A 548 -13.77 45.68 -20.15
N THR A 549 -12.95 46.73 -20.11
CA THR A 549 -12.74 47.53 -21.32
C THR A 549 -12.12 46.70 -22.43
N LEU A 550 -11.15 45.85 -22.07
CA LEU A 550 -10.68 44.83 -23.01
C LEU A 550 -11.79 43.83 -23.28
N GLN A 551 -11.64 43.08 -24.36
CA GLN A 551 -12.60 42.14 -24.94
C GLN A 551 -13.80 42.85 -25.55
N ASN A 552 -13.92 44.16 -25.39
CA ASN A 552 -14.91 44.95 -26.09
C ASN A 552 -14.31 45.75 -27.25
N ASN A 553 -12.98 45.71 -27.41
CA ASN A 553 -12.35 46.39 -28.53
C ASN A 553 -12.69 45.67 -29.84
N GLN A 554 -12.79 46.44 -30.91
CA GLN A 554 -13.20 45.92 -32.21
C GLN A 554 -12.02 45.47 -33.06
N ILE A 555 -10.81 45.46 -32.52
CA ILE A 555 -9.63 45.05 -33.29
C ILE A 555 -9.36 43.55 -33.20
N TRP A 556 -10.01 42.84 -32.29
CA TRP A 556 -9.77 41.41 -32.15
C TRP A 556 -10.28 40.66 -33.37
N GLY A 557 -9.77 39.44 -33.55
CA GLY A 557 -10.06 38.63 -34.72
C GLY A 557 -11.38 37.91 -34.62
N THR A 558 -11.57 36.95 -35.52
CA THR A 558 -12.80 36.17 -35.60
C THR A 558 -12.73 34.84 -34.87
N GLN A 559 -11.59 34.50 -34.28
CA GLN A 559 -11.42 33.24 -33.56
C GLN A 559 -11.00 33.49 -32.12
N SER A 560 -11.62 34.47 -31.47
CA SER A 560 -11.35 34.76 -30.07
C SER A 560 -12.33 34.01 -29.19
N VAL A 561 -11.84 33.57 -28.03
CA VAL A 561 -12.60 32.78 -27.08
C VAL A 561 -12.73 33.58 -25.79
N LYS A 562 -12.97 34.88 -25.94
CA LYS A 562 -12.72 35.92 -24.93
C LYS A 562 -13.10 35.52 -23.50
N ASP A 563 -14.07 34.63 -23.34
CA ASP A 563 -14.37 34.11 -22.01
C ASP A 563 -14.42 32.58 -22.06
N GLY A 564 -13.85 31.96 -21.04
CA GLY A 564 -13.86 30.51 -20.92
C GLY A 564 -13.06 29.77 -21.97
N ALA A 565 -11.89 30.27 -22.34
CA ALA A 565 -11.04 29.58 -23.30
C ALA A 565 -10.48 28.29 -22.70
N SER A 566 -10.35 27.28 -23.55
CA SER A 566 -9.87 25.96 -23.15
C SER A 566 -8.60 25.62 -23.91
N SER A 567 -7.98 24.50 -23.52
CA SER A 567 -6.73 24.07 -24.15
C SER A 567 -6.94 23.60 -25.58
N ASP A 568 -8.15 23.14 -25.93
CA ASP A 568 -8.42 22.70 -27.28
C ASP A 568 -8.50 23.84 -28.29
N ASP A 569 -8.72 25.07 -27.81
CA ASP A 569 -8.82 26.23 -28.69
C ASP A 569 -7.47 26.81 -29.05
N LEU A 570 -6.45 26.60 -28.22
CA LEU A 570 -5.11 27.08 -28.56
C LEU A 570 -4.54 26.31 -29.74
N GLU A 571 -4.90 25.04 -29.89
CA GLU A 571 -4.41 24.20 -30.97
C GLU A 571 -5.12 24.43 -32.29
N ASN A 572 -6.17 25.26 -32.31
CA ASN A 572 -6.98 25.47 -33.50
C ASN A 572 -6.58 26.71 -34.30
N ILE A 573 -5.53 27.41 -33.89
CA ILE A 573 -5.05 28.55 -34.66
C ILE A 573 -4.15 28.04 -35.78
N ARG A 574 -4.50 28.38 -37.03
CA ARG A 574 -3.78 27.84 -38.17
C ARG A 574 -3.31 28.89 -39.17
N ASN A 575 -3.65 30.16 -39.01
CA ASN A 575 -3.36 31.18 -40.02
C ASN A 575 -2.12 32.01 -39.70
N ASN A 576 -1.33 31.60 -38.70
CA ASN A 576 -0.12 32.31 -38.28
C ASN A 576 -0.44 33.77 -37.99
N PRO A 577 -1.12 34.07 -36.88
CA PRO A 577 -1.55 35.46 -36.63
C PRO A 577 -0.40 36.41 -36.35
N ARG A 578 -0.72 37.66 -36.06
CA ARG A 578 0.28 38.68 -35.81
C ARG A 578 0.53 38.92 -34.32
N LEU A 579 -0.48 38.79 -33.48
CA LEU A 579 -0.33 39.04 -32.05
C LEU A 579 -1.31 38.17 -31.30
N LEU A 580 -0.80 37.31 -30.42
CA LEU A 580 -1.62 36.43 -29.60
C LEU A 580 -1.38 36.77 -28.14
N THR A 581 -2.45 37.03 -27.40
CA THR A 581 -2.36 37.36 -25.97
C THR A 581 -3.23 36.37 -25.20
N ILE A 582 -2.63 35.71 -24.20
CA ILE A 582 -3.31 34.72 -23.38
C ILE A 582 -3.31 35.21 -21.94
N LEU A 583 -4.49 35.25 -21.33
CA LEU A 583 -4.65 35.71 -19.95
C LEU A 583 -5.17 34.55 -19.11
N CYS A 584 -4.35 34.09 -18.16
CA CYS A 584 -4.71 32.97 -17.30
C CYS A 584 -3.76 32.98 -16.11
N HIS A 585 -3.88 31.94 -15.27
CA HIS A 585 -3.03 31.78 -14.11
C HIS A 585 -1.89 30.82 -14.42
N GLY A 586 -1.06 30.54 -13.41
CA GLY A 586 0.09 29.69 -13.58
C GLY A 586 0.14 28.60 -12.52
N GLU A 587 0.94 27.58 -12.81
CA GLU A 587 1.07 26.42 -11.92
C GLU A 587 2.43 25.80 -12.17
N ALA A 588 3.29 25.80 -11.16
CA ALA A 588 4.66 25.32 -11.30
C ALA A 588 4.83 23.97 -10.62
N ASN A 589 5.61 23.11 -11.27
CA ASN A 589 6.03 21.84 -10.69
C ASN A 589 7.47 21.98 -10.20
N MET A 590 7.70 21.63 -8.94
CA MET A 590 8.98 21.86 -8.30
C MET A 590 10.05 20.85 -8.67
N SER A 591 9.69 19.77 -9.36
CA SER A 591 10.65 18.74 -9.71
C SER A 591 10.79 18.52 -11.20
N ASN A 592 9.69 18.46 -11.94
CA ASN A 592 9.72 18.15 -13.37
C ASN A 592 9.24 19.36 -14.17
N PRO A 593 10.12 20.05 -14.90
CA PRO A 593 9.67 21.20 -15.70
C PRO A 593 8.72 20.85 -16.83
N PHE A 594 8.65 19.59 -17.25
CA PHE A 594 7.71 19.20 -18.30
C PHE A 594 6.26 19.25 -17.85
N ARG A 595 6.01 19.21 -16.54
CA ARG A 595 4.64 19.18 -16.02
C ARG A 595 4.10 20.56 -15.66
N SER A 596 4.88 21.62 -15.86
CA SER A 596 4.37 22.97 -15.65
C SER A 596 3.28 23.28 -16.67
N MET A 597 2.25 23.99 -16.21
CA MET A 597 1.04 24.12 -17.01
C MET A 597 0.46 25.52 -16.87
N LEU A 598 -0.43 25.85 -17.80
CA LEU A 598 -1.25 27.06 -17.75
C LEU A 598 -2.69 26.67 -17.43
N LYS A 599 -3.32 27.43 -16.55
CA LYS A 599 -4.64 27.09 -16.03
C LYS A 599 -5.71 27.59 -16.98
N LEU A 600 -6.16 26.72 -17.88
CA LEU A 600 -7.24 27.02 -18.80
C LEU A 600 -8.51 26.26 -18.37
N ALA A 601 -9.61 26.54 -19.06
CA ALA A 601 -10.90 25.96 -18.69
C ALA A 601 -10.98 24.51 -19.12
N ASN A 602 -10.04 23.70 -18.62
CA ASN A 602 -9.93 22.28 -18.95
C ASN A 602 -8.94 21.66 -17.98
N GLY A 603 -8.49 20.44 -18.26
CA GLY A 603 -7.41 19.88 -17.48
C GLY A 603 -6.13 20.69 -17.54
N GLY A 604 -5.99 21.55 -18.54
CA GLY A 604 -4.85 22.41 -18.69
C GLY A 604 -3.99 21.99 -19.88
N ILE A 605 -2.98 22.82 -20.16
CA ILE A 605 -2.00 22.54 -21.19
C ILE A 605 -0.62 22.71 -20.59
N THR A 606 0.26 21.74 -20.85
CA THR A 606 1.55 21.65 -20.16
C THR A 606 2.69 21.97 -21.13
N TYR A 607 3.91 21.89 -20.59
CA TYR A 607 5.10 22.15 -21.38
C TYR A 607 5.25 21.15 -22.53
N LEU A 608 4.98 19.87 -22.26
CA LEU A 608 5.12 18.84 -23.27
C LEU A 608 3.98 18.90 -24.29
N GLU A 609 2.77 19.22 -23.83
CA GLU A 609 1.62 19.30 -24.72
C GLU A 609 1.77 20.42 -25.75
N ILE A 610 2.34 21.56 -25.36
CA ILE A 610 2.57 22.64 -26.32
C ILE A 610 3.53 22.20 -27.42
N LEU A 611 4.61 21.52 -27.03
CA LEU A 611 5.56 21.02 -28.02
C LEU A 611 4.94 19.97 -28.92
N ASN A 612 4.05 19.14 -28.38
CA ASN A 612 3.48 18.04 -29.16
C ASN A 612 2.28 18.44 -30.02
N SER A 613 1.59 19.52 -29.68
CA SER A 613 0.30 19.84 -30.30
C SER A 613 0.30 21.10 -31.16
N VAL A 614 0.70 22.24 -30.58
CA VAL A 614 0.52 23.52 -31.26
C VAL A 614 1.48 23.60 -32.44
N LYS A 615 0.95 23.95 -33.62
CA LYS A 615 1.74 24.04 -34.84
C LYS A 615 1.39 25.25 -35.70
N GLY A 616 0.57 26.17 -35.19
CA GLY A 616 0.15 27.30 -35.99
C GLY A 616 0.53 28.66 -35.43
N LEU A 617 1.75 28.78 -34.90
CA LEU A 617 2.22 30.01 -34.28
C LEU A 617 3.62 30.35 -34.78
N LYS A 618 3.81 30.30 -36.09
CA LYS A 618 5.10 30.57 -36.71
C LYS A 618 5.19 32.06 -37.04
N GLY A 619 6.09 32.77 -36.36
CA GLY A 619 6.34 34.16 -36.64
C GLY A 619 5.45 35.16 -35.91
N SER A 620 4.72 34.72 -34.90
CA SER A 620 3.76 35.56 -34.20
C SER A 620 4.30 36.01 -32.85
N GLN A 621 4.07 37.28 -32.52
CA GLN A 621 4.43 37.82 -31.22
C GLN A 621 3.42 37.37 -30.17
N VAL A 622 3.92 36.96 -29.00
CA VAL A 622 3.08 36.43 -27.93
C VAL A 622 3.24 37.33 -26.71
N ILE A 623 2.12 37.70 -26.11
CA ILE A 623 2.09 38.46 -24.87
C ILE A 623 1.48 37.58 -23.79
N LEU A 624 2.19 37.43 -22.68
CA LEU A 624 1.78 36.56 -21.59
C LEU A 624 1.55 37.38 -20.33
N GLY A 625 0.60 36.93 -19.51
CA GLY A 625 0.32 37.58 -18.24
C GLY A 625 0.43 36.64 -17.07
N ALA A 626 1.43 35.76 -17.09
CA ALA A 626 1.53 34.66 -16.14
C ALA A 626 2.52 34.86 -15.02
N CYS A 627 3.15 36.05 -14.90
CA CYS A 627 3.90 36.42 -13.70
C CYS A 627 4.91 35.35 -13.27
N GLU A 628 6.03 35.26 -13.98
CA GLU A 628 6.96 34.12 -13.97
C GLU A 628 7.18 33.51 -12.59
N THR A 629 7.08 34.30 -11.52
CA THR A 629 7.16 33.75 -10.17
C THR A 629 6.16 32.63 -9.90
N ASP A 630 5.09 32.51 -10.70
CA ASP A 630 4.17 31.38 -10.59
C ASP A 630 4.47 30.25 -11.56
N LEU A 631 5.26 30.50 -12.60
CA LEU A 631 5.59 29.49 -13.58
C LEU A 631 6.79 28.63 -13.19
N VAL A 632 7.68 29.15 -12.34
CA VAL A 632 8.87 28.41 -11.93
C VAL A 632 8.91 28.42 -10.40
N PRO A 633 9.49 27.38 -9.80
CA PRO A 633 9.54 27.30 -8.34
C PRO A 633 10.62 28.21 -7.77
N PRO A 634 10.54 28.55 -6.50
CA PRO A 634 11.63 29.30 -5.85
C PRO A 634 12.89 28.46 -5.75
N LEU A 635 14.02 29.13 -5.56
CA LEU A 635 15.31 28.48 -5.54
C LEU A 635 15.92 28.53 -4.14
N SER A 636 16.58 27.44 -3.75
CA SER A 636 17.24 27.34 -2.46
C SER A 636 18.73 27.02 -2.60
N ASP A 637 19.33 27.35 -3.74
CA ASP A 637 20.73 27.06 -4.01
C ASP A 637 21.23 28.00 -5.09
N VAL A 638 22.52 27.89 -5.40
CA VAL A 638 23.13 28.77 -6.39
C VAL A 638 22.64 28.45 -7.80
N MET A 639 22.47 27.16 -8.12
CA MET A 639 22.22 26.74 -9.48
C MET A 639 20.79 26.25 -9.66
N ASP A 640 20.20 26.58 -10.80
CA ASP A 640 18.95 25.98 -11.25
C ASP A 640 18.87 26.09 -12.76
N GLU A 641 18.16 25.14 -13.36
CA GLU A 641 18.00 25.10 -14.81
C GLU A 641 16.56 24.76 -15.18
N HIS A 642 15.61 25.41 -14.51
CA HIS A 642 14.19 25.17 -14.74
C HIS A 642 13.73 26.04 -15.90
N TYR A 643 13.41 25.40 -17.03
CA TYR A 643 12.94 26.12 -18.20
C TYR A 643 11.48 26.53 -18.04
N SER A 644 11.17 27.73 -18.49
CA SER A 644 9.80 28.23 -18.45
C SER A 644 9.06 27.84 -19.73
N VAL A 645 7.78 28.21 -19.80
CA VAL A 645 6.97 27.93 -20.98
C VAL A 645 7.31 28.85 -22.16
N ALA A 646 8.01 29.96 -21.90
CA ALA A 646 8.47 30.82 -22.98
C ALA A 646 9.44 30.09 -23.90
N THR A 647 10.29 29.23 -23.34
CA THR A 647 11.16 28.41 -24.19
C THR A 647 10.36 27.44 -25.05
N ALA A 648 9.30 26.85 -24.49
CA ALA A 648 8.43 25.98 -25.27
C ALA A 648 7.78 26.73 -26.41
N LEU A 649 7.33 27.97 -26.17
CA LEU A 649 6.79 28.79 -27.25
C LEU A 649 7.85 29.15 -28.29
N LEU A 650 9.07 29.46 -27.84
CA LEU A 650 10.14 29.78 -28.78
C LEU A 650 10.56 28.58 -29.63
N LEU A 651 10.39 27.37 -29.11
CA LEU A 651 10.80 26.17 -29.84
C LEU A 651 9.81 25.73 -30.91
N ILE A 652 8.62 26.34 -30.96
CA ILE A 652 7.62 25.98 -31.96
C ILE A 652 7.41 27.10 -32.97
N GLY A 653 8.30 28.08 -33.02
CA GLY A 653 8.29 29.08 -34.07
C GLY A 653 7.89 30.49 -33.66
N ALA A 654 7.59 30.73 -32.38
CA ALA A 654 7.28 32.08 -31.95
C ALA A 654 8.51 32.98 -32.04
N ALA A 655 8.27 34.26 -32.27
CA ALA A 655 9.35 35.22 -32.47
C ALA A 655 9.72 35.99 -31.20
N GLY A 656 8.85 36.00 -30.19
CA GLY A 656 9.13 36.72 -28.97
C GLY A 656 8.01 36.66 -27.97
N VAL A 657 8.35 36.64 -26.67
CA VAL A 657 7.39 36.57 -25.59
C VAL A 657 7.62 37.74 -24.64
N VAL A 658 6.53 38.37 -24.21
CA VAL A 658 6.59 39.50 -23.28
C VAL A 658 5.79 39.14 -22.04
N GLY A 659 6.39 39.35 -20.86
CA GLY A 659 5.74 39.04 -19.61
C GLY A 659 6.26 39.86 -18.44
N THR A 660 5.87 39.50 -17.23
CA THR A 660 6.30 40.18 -16.02
C THR A 660 7.16 39.25 -15.17
N MET A 661 8.22 39.81 -14.58
CA MET A 661 9.11 39.01 -13.75
C MET A 661 8.51 38.69 -12.38
N TRP A 662 7.70 39.59 -11.83
CA TRP A 662 6.98 39.32 -10.59
C TRP A 662 5.54 39.80 -10.75
N LYS A 663 4.81 39.87 -9.64
CA LYS A 663 3.37 40.05 -9.65
C LYS A 663 3.03 41.53 -9.48
N VAL A 664 2.29 42.08 -10.45
CA VAL A 664 1.79 43.44 -10.39
C VAL A 664 0.28 43.41 -10.57
N ARG A 665 -0.36 44.57 -10.56
CA ARG A 665 -1.81 44.66 -10.70
C ARG A 665 -2.21 44.78 -12.17
N SER A 666 -3.52 44.57 -12.40
CA SER A 666 -4.03 44.40 -13.76
C SER A 666 -4.01 45.69 -14.58
N ASN A 667 -4.01 46.86 -13.93
CA ASN A 667 -4.04 48.11 -14.68
C ASN A 667 -2.79 48.29 -15.52
N LYS A 668 -1.62 47.93 -14.98
CA LYS A 668 -0.38 48.04 -15.74
C LYS A 668 -0.40 47.13 -16.97
N THR A 669 -0.86 45.89 -16.78
CA THR A 669 -0.94 44.96 -17.91
C THR A 669 -1.92 45.47 -18.97
N LYS A 670 -3.06 46.03 -18.54
CA LYS A 670 -4.02 46.58 -19.48
C LYS A 670 -3.40 47.74 -20.27
N SER A 671 -2.68 48.63 -19.58
CA SER A 671 -2.05 49.75 -20.26
C SER A 671 -1.00 49.28 -21.26
N LEU A 672 -0.21 48.27 -20.90
CA LEU A 672 0.76 47.71 -21.83
C LEU A 672 0.05 47.13 -23.06
N ILE A 673 -1.06 46.43 -22.83
CA ILE A 673 -1.78 45.82 -23.94
C ILE A 673 -2.32 46.88 -24.90
N GLU A 674 -2.92 47.96 -24.36
CA GLU A 674 -3.39 49.02 -25.24
C GLU A 674 -2.23 49.68 -25.98
N TRP A 675 -1.13 49.96 -25.29
CA TRP A 675 0.00 50.62 -25.94
C TRP A 675 0.59 49.76 -27.05
N LYS A 676 0.59 48.43 -26.87
CA LYS A 676 1.03 47.54 -27.92
C LYS A 676 0.00 47.40 -29.04
N LEU A 677 -1.28 47.53 -28.71
CA LEU A 677 -2.31 47.47 -29.74
C LEU A 677 -2.28 48.69 -30.65
N GLU A 678 -1.93 49.85 -30.11
CA GLU A 678 -1.93 51.07 -30.91
C GLU A 678 -0.93 50.97 -32.06
N ASN A 679 0.26 50.44 -31.79
CA ASN A 679 1.18 50.02 -32.83
C ASN A 679 2.14 48.99 -32.25
N ILE A 680 2.73 48.19 -33.14
CA ILE A 680 3.46 46.99 -32.71
C ILE A 680 4.97 47.10 -32.86
N GLU A 681 5.48 48.09 -33.60
CA GLU A 681 6.92 48.20 -33.84
C GLU A 681 7.62 49.09 -32.83
N TYR A 682 6.92 49.55 -31.79
CA TYR A 682 7.54 50.38 -30.77
C TYR A 682 8.43 49.55 -29.85
N LYS A 683 9.39 50.22 -29.22
CA LYS A 683 10.32 49.59 -28.31
C LYS A 683 9.84 49.70 -26.87
N LEU A 684 10.11 48.65 -26.09
CA LEU A 684 9.64 48.59 -24.71
C LEU A 684 10.37 49.58 -23.80
N ASN A 685 11.65 49.82 -24.05
CA ASN A 685 12.44 50.68 -23.16
C ASN A 685 11.95 52.11 -23.15
N GLU A 686 11.49 52.65 -24.27
CA GLU A 686 10.89 53.99 -24.25
C GLU A 686 9.64 54.02 -23.38
N TRP A 687 8.79 53.01 -23.49
CA TRP A 687 7.59 52.94 -22.66
C TRP A 687 7.95 52.89 -21.18
N GLN A 688 8.95 52.09 -20.82
CA GLN A 688 9.39 52.06 -19.43
C GLN A 688 10.06 53.36 -19.00
N LYS A 689 10.65 54.10 -19.93
CA LYS A 689 11.31 55.36 -19.61
C LYS A 689 10.35 56.50 -19.38
N GLU A 690 9.26 56.57 -20.14
CA GLU A 690 8.34 57.70 -20.04
C GLU A 690 7.27 57.52 -18.96
N THR A 691 7.19 56.36 -18.31
CA THR A 691 6.11 56.05 -17.38
C THR A 691 6.73 55.79 -16.00
N GLY A 692 7.62 56.69 -15.58
CA GLY A 692 8.19 56.61 -14.25
C GLY A 692 9.10 55.43 -13.99
N GLY A 693 10.00 55.14 -14.93
CA GLY A 693 10.97 54.08 -14.75
C GLY A 693 12.26 54.56 -14.13
N ALA A 694 12.27 55.81 -13.64
CA ALA A 694 13.45 56.37 -13.01
C ALA A 694 13.12 57.13 -11.74
N ALA A 695 12.08 56.74 -11.01
CA ALA A 695 11.63 57.43 -9.81
C ALA A 695 11.88 56.61 -8.56
N TYR A 696 13.02 55.90 -8.51
CA TYR A 696 13.35 55.10 -7.35
C TYR A 696 13.74 55.94 -6.15
N LYS A 697 14.20 57.18 -6.38
CA LYS A 697 14.54 58.05 -5.25
C LYS A 697 13.30 58.62 -4.58
N ASP A 698 12.25 58.91 -5.37
CA ASP A 698 11.06 59.57 -4.84
C ASP A 698 9.99 58.56 -4.44
N HIS A 699 9.51 57.76 -5.39
CA HIS A 699 8.40 56.85 -5.16
C HIS A 699 8.82 55.44 -5.58
N PRO A 700 9.33 54.63 -4.65
CA PRO A 700 9.79 53.28 -4.99
C PRO A 700 8.69 52.40 -5.59
N PRO A 701 7.42 52.51 -5.15
CA PRO A 701 6.39 51.66 -5.77
C PRO A 701 6.24 51.84 -7.27
N THR A 702 6.41 53.05 -7.80
CA THR A 702 6.35 53.24 -9.24
C THR A 702 7.48 52.51 -9.96
N PHE A 703 8.69 52.57 -9.40
CA PHE A 703 9.82 51.81 -9.93
C PHE A 703 9.55 50.32 -9.91
N TYR A 704 9.04 49.83 -8.77
CA TYR A 704 8.69 48.42 -8.62
C TYR A 704 7.68 47.97 -9.67
N ARG A 705 6.65 48.77 -9.89
CA ARG A 705 5.61 48.43 -10.84
C ARG A 705 6.05 48.59 -12.29
N SER A 706 7.05 49.45 -12.54
CA SER A 706 7.42 49.77 -13.91
C SER A 706 8.54 48.90 -14.48
N ILE A 707 9.46 48.41 -13.66
CA ILE A 707 10.60 47.67 -14.17
C ILE A 707 10.33 46.16 -14.21
N ALA A 708 9.08 45.75 -14.08
CA ALA A 708 8.76 44.33 -14.04
C ALA A 708 8.64 43.70 -15.42
N PHE A 709 8.71 44.48 -16.50
CA PHE A 709 8.48 43.96 -17.84
C PHE A 709 9.81 43.75 -18.56
N ARG A 710 9.90 42.65 -19.29
CA ARG A 710 11.07 42.37 -20.12
C ARG A 710 10.66 41.50 -21.30
N SER A 711 11.46 41.54 -22.36
CA SER A 711 11.17 40.84 -23.60
C SER A 711 12.16 39.70 -23.79
N ILE A 712 11.64 38.52 -24.14
CA ILE A 712 12.45 37.31 -24.31
C ILE A 712 12.43 36.93 -25.78
N GLY A 713 13.62 36.72 -26.35
CA GLY A 713 13.74 36.36 -27.74
C GLY A 713 14.72 37.24 -28.48
N PHE A 714 15.24 36.77 -29.60
CA PHE A 714 16.21 37.53 -30.39
C PHE A 714 15.67 37.76 -31.78
N PRO A 715 15.38 39.00 -32.17
CA PRO A 715 14.92 39.26 -33.55
C PRO A 715 16.08 39.16 -34.54
N LEU A 716 15.82 38.54 -35.67
CA LEU A 716 16.83 38.41 -36.72
C LEU A 716 16.41 39.14 -37.99
N ASP B 5 20.47 44.12 42.09
CA ASP B 5 20.97 42.76 42.21
C ASP B 5 19.97 41.90 42.99
N MET B 6 18.94 41.43 42.30
CA MET B 6 17.92 40.58 42.89
C MET B 6 17.79 39.28 42.10
N ASN B 7 17.42 38.21 42.79
CA ASN B 7 17.32 36.88 42.21
C ASN B 7 15.87 36.45 42.20
N ILE B 8 15.40 35.93 41.07
CA ILE B 8 14.04 35.46 40.94
C ILE B 8 14.04 33.96 40.71
N THR B 9 12.94 33.32 41.10
CA THR B 9 12.77 31.87 40.98
C THR B 9 11.57 31.60 40.08
N VAL B 10 11.75 30.75 39.08
CA VAL B 10 10.72 30.47 38.10
C VAL B 10 10.48 28.98 38.04
N GLU B 11 9.29 28.61 37.56
CA GLU B 11 8.88 27.23 37.41
C GLU B 11 8.30 27.01 36.02
N LEU B 12 8.53 25.83 35.48
CA LEU B 12 8.11 25.48 34.12
C LEU B 12 7.27 24.22 34.17
N THR B 13 6.05 24.29 33.64
CA THR B 13 5.10 23.18 33.68
C THR B 13 4.66 22.83 32.27
N PHE B 14 4.56 21.54 31.98
CA PHE B 14 4.17 21.03 30.67
C PHE B 14 2.72 20.56 30.68
N PHE B 15 2.12 20.57 29.49
CA PHE B 15 0.76 20.09 29.30
C PHE B 15 0.66 19.03 28.21
N GLU B 16 1.79 18.54 27.72
CA GLU B 16 1.82 17.54 26.66
C GLU B 16 3.01 16.64 26.89
N PRO B 17 3.04 15.46 26.29
CA PRO B 17 4.25 14.63 26.35
C PRO B 17 5.41 15.30 25.65
N TYR B 18 6.51 15.47 26.36
CA TYR B 18 7.71 16.11 25.82
C TYR B 18 8.73 15.05 25.43
N ARG B 19 9.86 15.51 24.89
CA ARG B 19 10.86 14.62 24.31
C ARG B 19 12.16 14.70 25.08
N LEU B 20 12.90 13.58 25.08
CA LEU B 20 14.08 13.39 25.90
C LEU B 20 15.18 12.78 25.07
N VAL B 21 16.44 13.03 25.46
CA VAL B 21 17.60 12.52 24.74
C VAL B 21 18.75 12.35 25.72
N GLU B 22 19.75 11.57 25.31
CA GLU B 22 20.92 11.31 26.15
C GLU B 22 21.93 12.43 26.04
N TRP B 23 22.69 12.64 27.11
CA TRP B 23 23.59 13.79 27.20
C TRP B 23 25.01 13.42 26.75
N PHE B 24 25.59 14.24 25.89
CA PHE B 24 26.97 14.12 25.46
C PHE B 24 27.62 15.48 25.49
N ASP B 25 28.94 15.49 25.67
CA ASP B 25 29.70 16.74 25.63
C ASP B 25 29.69 17.32 24.22
N TRP B 26 30.14 18.56 24.10
CA TRP B 26 30.12 19.24 22.80
C TRP B 26 30.99 18.53 21.78
N ASP B 27 32.18 18.07 22.18
CA ASP B 27 33.07 17.38 21.25
C ASP B 27 32.58 15.97 20.94
N ALA B 28 32.12 15.24 21.96
CA ALA B 28 31.67 13.87 21.78
C ALA B 28 30.30 13.78 21.12
N ARG B 29 29.57 14.88 21.02
CA ARG B 29 28.24 14.83 20.42
C ARG B 29 28.29 14.59 18.92
N LYS B 30 29.41 14.92 18.27
CA LYS B 30 29.49 14.77 16.82
C LYS B 30 29.48 13.32 16.37
N LYS B 31 29.84 12.38 17.25
CA LYS B 31 29.88 10.97 16.86
C LYS B 31 28.50 10.37 16.66
N SER B 32 27.53 10.77 17.49
CA SER B 32 26.19 10.21 17.43
C SER B 32 25.30 11.00 16.47
N HIS B 33 24.20 10.39 16.07
CA HIS B 33 23.22 11.02 15.19
C HIS B 33 21.95 11.46 15.93
N SER B 34 21.45 10.62 16.83
CA SER B 34 20.30 11.02 17.63
C SER B 34 20.63 12.20 18.54
N ALA B 35 21.86 12.24 19.07
CA ALA B 35 22.26 13.37 19.92
C ALA B 35 22.30 14.67 19.13
N MET B 36 22.80 14.64 17.89
CA MET B 36 22.82 15.85 17.08
C MET B 36 21.42 16.22 16.59
N ARG B 37 20.53 15.23 16.41
CA ARG B 37 19.17 15.51 16.01
C ARG B 37 18.35 16.12 17.14
N GLY B 38 18.63 15.72 18.39
CA GLY B 38 17.84 16.17 19.51
C GLY B 38 18.47 17.24 20.38
N GLN B 39 19.11 18.24 19.77
CA GLN B 39 19.76 19.30 20.53
C GLN B 39 18.78 20.26 21.17
N ALA B 40 17.48 20.19 20.85
CA ALA B 40 16.48 21.08 21.43
C ALA B 40 15.51 20.32 22.32
N PHE B 41 15.95 19.22 22.91
CA PHE B 41 15.14 18.39 23.79
C PHE B 41 15.64 18.52 25.22
N ALA B 42 15.03 17.75 26.11
CA ALA B 42 15.54 17.61 27.47
C ALA B 42 16.65 16.57 27.49
N GLN B 43 17.53 16.69 28.48
CA GLN B 43 18.73 15.87 28.55
C GLN B 43 18.62 14.84 29.66
N TRP B 44 19.44 13.79 29.54
CA TRP B 44 19.42 12.67 30.47
C TRP B 44 20.84 12.17 30.67
N THR B 45 21.28 12.07 31.91
CA THR B 45 22.61 11.57 32.24
C THR B 45 22.49 10.43 33.25
N TRP B 46 23.45 9.50 33.18
CA TRP B 46 23.45 8.31 34.02
C TRP B 46 24.11 8.59 35.36
N LYS B 47 23.69 7.84 36.38
CA LYS B 47 24.24 7.94 37.72
C LYS B 47 24.76 6.56 38.13
N GLY B 48 25.99 6.26 37.73
CA GLY B 48 26.61 4.99 38.02
C GLY B 48 27.17 4.34 36.78
N LYS B 49 27.68 3.12 36.96
CA LYS B 49 28.26 2.33 35.90
C LYS B 49 27.37 1.14 35.59
N GLY B 50 27.00 0.98 34.33
CA GLY B 50 26.04 -0.05 33.96
C GLY B 50 24.71 0.14 34.66
N ARG B 51 24.23 1.38 34.73
CA ARG B 51 23.12 1.76 35.58
C ARG B 51 21.83 1.89 34.77
N THR B 52 20.71 2.00 35.49
CA THR B 52 19.41 2.30 34.91
C THR B 52 18.76 3.50 35.57
N ALA B 53 19.54 4.38 36.18
CA ALA B 53 19.04 5.55 36.88
C ALA B 53 19.74 6.81 36.38
N GLY B 54 19.09 7.95 36.59
CA GLY B 54 19.63 9.20 36.10
C GLY B 54 18.76 10.37 36.49
N LYS B 55 19.02 11.51 35.83
CA LYS B 55 18.33 12.77 36.11
C LYS B 55 18.12 13.53 34.81
N SER B 56 17.23 14.51 34.85
CA SER B 56 16.93 15.37 33.71
C SER B 56 17.21 16.83 34.06
N PHE B 57 17.97 17.51 33.21
CA PHE B 57 18.61 18.76 33.60
C PHE B 57 18.53 19.83 32.50
N ILE B 58 17.32 20.12 32.01
CA ILE B 58 17.12 21.11 30.93
C ILE B 58 18.00 22.35 31.15
N THR B 59 18.76 22.71 30.13
CA THR B 59 19.82 23.72 30.27
C THR B 59 19.25 25.13 30.16
N GLY B 60 20.09 26.11 30.53
CA GLY B 60 19.69 27.49 30.51
C GLY B 60 19.89 28.18 29.17
N THR B 61 20.72 27.61 28.30
CA THR B 61 20.90 28.19 26.97
C THR B 61 19.64 28.09 26.12
N LEU B 62 18.93 26.96 26.23
CA LEU B 62 17.66 26.81 25.51
C LEU B 62 16.62 27.81 26.01
N VAL B 63 16.54 27.99 27.33
CA VAL B 63 15.61 28.96 27.90
C VAL B 63 15.98 30.37 27.47
N ARG B 64 17.28 30.70 27.43
CA ARG B 64 17.72 32.00 26.96
C ARG B 64 17.32 32.22 25.50
N SER B 65 17.47 31.20 24.66
CA SER B 65 17.10 31.31 23.26
C SER B 65 15.61 31.59 23.10
N ALA B 66 14.78 30.84 23.84
CA ALA B 66 13.34 31.06 23.78
C ALA B 66 12.97 32.45 24.27
N VAL B 67 13.62 32.90 25.35
CA VAL B 67 13.30 34.21 25.91
C VAL B 67 13.66 35.32 24.93
N ILE B 68 14.84 35.24 24.29
CA ILE B 68 15.20 36.29 23.35
C ILE B 68 14.32 36.26 22.10
N LYS B 69 13.87 35.08 21.67
CA LYS B 69 12.89 35.02 20.59
C LYS B 69 11.59 35.74 20.98
N ALA B 70 11.12 35.51 22.20
CA ALA B 70 9.92 36.20 22.68
C ALA B 70 10.13 37.71 22.75
N VAL B 71 11.31 38.13 23.22
CA VAL B 71 11.62 39.57 23.28
C VAL B 71 11.56 40.18 21.90
N GLU B 72 12.15 39.50 20.90
CA GLU B 72 12.14 40.01 19.54
C GLU B 72 10.72 40.13 19.00
N GLU B 73 9.88 39.12 19.25
CA GLU B 73 8.50 39.18 18.78
C GLU B 73 7.74 40.33 19.44
N LEU B 74 7.91 40.50 20.76
CA LEU B 74 7.21 41.59 21.45
C LEU B 74 7.65 42.94 20.95
N LEU B 75 8.95 43.13 20.72
CA LEU B 75 9.43 44.40 20.18
C LEU B 75 8.95 44.64 18.77
N SER B 76 8.85 43.59 17.94
CA SER B 76 8.32 43.77 16.59
C SER B 76 6.84 44.12 16.58
N LEU B 77 6.05 43.56 17.51
CA LEU B 77 4.63 43.90 17.53
C LEU B 77 4.35 45.33 17.97
N ASN B 78 5.36 46.13 18.30
CA ASN B 78 5.13 47.48 18.80
C ASN B 78 6.02 48.51 18.11
N ASN B 79 6.58 48.18 16.95
CA ASN B 79 7.50 49.07 16.22
C ASN B 79 8.73 49.43 17.05
N GLY B 80 9.25 48.48 17.81
CA GLY B 80 10.48 48.69 18.54
C GLY B 80 10.38 49.55 19.78
N LYS B 81 9.27 49.48 20.51
CA LYS B 81 9.11 50.24 21.74
C LYS B 81 8.43 49.38 22.79
N TRP B 82 8.73 49.67 24.05
CA TRP B 82 8.05 49.03 25.18
C TRP B 82 7.89 50.07 26.29
N GLU B 83 6.64 50.41 26.60
CA GLU B 83 6.31 51.40 27.62
C GLU B 83 6.97 52.75 27.34
N GLY B 84 7.10 53.11 26.08
CA GLY B 84 7.68 54.39 25.70
C GLY B 84 9.18 54.44 25.64
N VAL B 85 9.87 53.31 25.80
CA VAL B 85 11.33 53.29 25.75
C VAL B 85 11.78 52.64 24.45
N PRO B 86 12.34 53.41 23.52
CA PRO B 86 12.76 52.86 22.23
C PRO B 86 13.98 51.95 22.37
N CYS B 87 14.14 51.08 21.38
CA CYS B 87 15.25 50.12 21.34
C CYS B 87 15.84 50.09 19.94
N CYS B 88 17.08 49.65 19.85
CA CYS B 88 17.76 49.50 18.57
C CYS B 88 17.49 48.10 18.03
N ASN B 89 18.21 47.73 16.96
CA ASN B 89 17.97 46.46 16.29
C ASN B 89 18.73 45.30 16.92
N GLY B 90 19.80 45.56 17.65
CA GLY B 90 20.59 44.50 18.24
C GLY B 90 21.76 44.10 17.37
N SER B 91 22.27 42.89 17.63
CA SER B 91 23.39 42.36 16.86
C SER B 91 23.30 40.85 16.83
N PHE B 92 23.41 40.27 15.63
CA PHE B 92 23.32 38.82 15.44
C PHE B 92 24.36 38.35 14.42
N GLN B 93 25.57 38.89 14.51
CA GLN B 93 26.65 38.55 13.59
C GLN B 93 27.98 38.66 14.31
N THR B 94 28.85 37.68 14.08
CA THR B 94 30.18 37.68 14.67
C THR B 94 31.22 37.35 13.61
N ASP B 95 32.30 38.11 13.59
CA ASP B 95 33.35 37.93 12.61
C ASP B 95 34.16 36.66 12.90
N GLU B 96 34.52 35.94 11.85
CA GLU B 96 35.33 34.73 12.01
C GLU B 96 36.69 35.05 12.60
N SER B 97 37.32 36.14 12.16
CA SER B 97 38.55 36.60 12.78
C SER B 97 38.25 37.29 14.10
N LYS B 98 39.32 37.69 14.80
CA LYS B 98 39.24 38.42 16.08
C LYS B 98 38.24 37.79 17.04
N GLY B 99 38.06 36.48 16.96
CA GLY B 99 37.12 35.80 17.83
C GLY B 99 36.81 34.42 17.30
N LYS B 100 35.89 33.75 17.99
CA LYS B 100 35.44 32.42 17.64
C LYS B 100 33.92 32.41 17.50
N LYS B 101 33.44 31.54 16.62
CA LYS B 101 32.01 31.41 16.40
C LYS B 101 31.35 30.78 17.61
N PRO B 102 30.11 31.17 17.92
CA PRO B 102 29.38 30.53 18.99
C PRO B 102 28.88 29.16 18.57
N SER B 103 28.44 28.44 19.61
CA SER B 103 28.07 27.02 19.56
C SER B 103 26.92 26.67 18.71
N PHE B 104 25.89 27.45 18.64
CA PHE B 104 24.70 27.18 17.83
C PHE B 104 24.64 28.25 16.79
N LEU B 105 24.52 28.03 15.52
CA LEU B 105 24.37 29.15 14.58
C LEU B 105 22.97 29.26 14.09
N ARG B 106 22.47 30.41 13.84
CA ARG B 106 21.10 30.67 13.42
C ARG B 106 20.90 30.32 11.95
N LYS B 107 19.67 29.95 11.60
CA LYS B 107 19.31 29.67 10.21
C LYS B 107 18.00 30.29 9.76
N ARG B 108 17.12 30.70 10.67
CA ARG B 108 15.83 31.27 10.29
C ARG B 108 15.99 32.76 10.03
N HIS B 109 14.85 33.44 9.82
CA HIS B 109 14.85 34.87 9.53
C HIS B 109 14.86 35.67 10.83
N THR B 110 15.07 36.98 10.69
CA THR B 110 15.16 37.89 11.83
C THR B 110 14.27 39.10 11.59
N LEU B 111 13.47 39.45 12.59
CA LEU B 111 12.56 40.59 12.49
C LEU B 111 13.28 41.87 12.85
N GLN B 112 13.10 42.90 12.03
CA GLN B 112 13.78 44.18 12.20
C GLN B 112 12.78 45.32 12.07
N TRP B 113 13.18 46.48 12.58
CA TRP B 113 12.35 47.68 12.54
C TRP B 113 13.26 48.88 12.30
N GLN B 114 12.72 50.08 12.52
CA GLN B 114 13.49 51.31 12.44
C GLN B 114 13.97 51.68 13.83
N ALA B 115 15.27 51.93 13.96
CA ALA B 115 15.87 52.08 15.28
C ALA B 115 15.32 53.29 16.02
N ASN B 116 15.33 54.46 15.37
CA ASN B 116 14.87 55.71 15.98
C ASN B 116 15.60 55.97 17.31
N ASN B 117 16.93 56.09 17.22
CA ASN B 117 17.77 56.32 18.38
C ASN B 117 18.71 57.49 18.10
N LYS B 118 19.15 58.14 19.18
CA LYS B 118 20.10 59.24 19.10
C LYS B 118 21.51 58.83 19.50
N ASN B 119 21.63 57.86 20.41
CA ASN B 119 22.93 57.42 20.90
C ASN B 119 23.18 55.98 20.49
N ILE B 120 24.41 55.70 20.07
CA ILE B 120 24.83 54.34 19.76
C ILE B 120 25.10 53.61 21.06
N CYS B 121 24.57 52.40 21.18
CA CYS B 121 24.74 51.63 22.41
C CYS B 121 26.23 51.33 22.64
N ASP B 122 26.66 51.50 23.89
CA ASP B 122 28.05 51.29 24.26
C ASP B 122 28.09 50.74 25.68
N LYS B 123 29.27 50.74 26.28
CA LYS B 123 29.44 50.20 27.63
C LYS B 123 28.78 51.05 28.70
N GLU B 124 28.68 52.36 28.51
CA GLU B 124 28.13 53.26 29.53
C GLU B 124 26.62 53.35 29.51
N GLU B 125 25.98 53.28 28.34
CA GLU B 125 24.53 53.31 28.25
C GLU B 125 24.08 52.26 27.24
N ALA B 126 22.87 51.75 27.44
CA ALA B 126 22.34 50.73 26.55
C ALA B 126 20.82 50.71 26.69
N CYS B 127 20.16 50.19 25.66
CA CYS B 127 18.73 49.96 25.69
C CYS B 127 18.44 48.63 26.37
N PRO B 128 17.20 48.40 26.79
CA PRO B 128 16.87 47.11 27.43
C PRO B 128 17.17 45.89 26.56
N PHE B 129 17.08 46.00 25.24
CA PHE B 129 17.37 44.87 24.37
C PHE B 129 18.83 44.45 24.48
N CYS B 130 19.75 45.42 24.41
CA CYS B 130 21.17 45.14 24.55
C CYS B 130 21.55 44.74 25.98
N ILE B 131 20.78 45.16 26.97
CA ILE B 131 21.01 44.69 28.34
C ILE B 131 20.59 43.23 28.48
N LEU B 132 19.44 42.86 27.90
CA LEU B 132 19.01 41.47 27.95
C LEU B 132 19.96 40.55 27.17
N LEU B 133 20.48 41.02 26.04
CA LEU B 133 21.62 40.33 25.44
C LEU B 133 22.85 40.54 26.31
N GLY B 134 23.75 39.56 26.29
CA GLY B 134 24.95 39.68 27.09
C GLY B 134 26.05 40.43 26.36
N ARG B 135 25.72 41.60 25.82
CA ARG B 135 26.55 42.26 24.83
C ARG B 135 27.72 43.02 25.44
N PHE B 136 27.45 43.94 26.36
CA PHE B 136 28.49 44.76 26.97
C PHE B 136 28.63 44.34 28.42
N ASP B 137 29.44 43.30 28.65
CA ASP B 137 29.64 42.74 29.98
C ASP B 137 31.10 42.40 30.21
N ASN B 138 31.40 41.72 31.31
CA ASN B 138 32.70 41.12 31.54
C ASN B 138 32.70 39.63 31.26
N ALA B 139 31.61 39.08 30.74
CA ALA B 139 31.47 37.66 30.45
C ALA B 139 31.51 37.42 28.95
N GLY B 140 32.26 36.41 28.54
CA GLY B 140 32.40 36.10 27.13
C GLY B 140 32.17 34.63 26.81
N LYS B 141 32.88 34.13 25.80
CA LYS B 141 32.68 32.77 25.31
C LYS B 141 33.20 31.70 26.27
N VAL B 142 33.99 32.08 27.27
CA VAL B 142 34.56 31.14 28.23
C VAL B 142 34.05 31.50 29.63
N HIS B 143 33.44 30.53 30.30
CA HIS B 143 32.89 30.77 31.63
C HIS B 143 34.00 30.77 32.67
N GLU B 144 34.10 31.85 33.44
CA GLU B 144 35.17 32.01 34.42
C GLU B 144 34.66 32.18 35.84
N ARG B 145 33.78 33.14 36.10
CA ARG B 145 33.49 33.59 37.46
C ARG B 145 32.08 33.27 37.94
N ASN B 146 31.09 33.37 37.06
CA ASN B 146 29.65 33.31 37.36
C ASN B 146 29.18 34.56 38.09
N LYS B 147 30.03 35.58 38.19
CA LYS B 147 29.66 36.87 38.76
C LYS B 147 29.73 38.00 37.74
N ASP B 148 30.40 37.79 36.61
CA ASP B 148 30.58 38.82 35.60
C ASP B 148 29.33 39.05 34.77
N TYR B 149 28.30 38.21 34.91
CA TYR B 149 27.09 38.32 34.11
C TYR B 149 26.16 39.38 34.69
N ASP B 150 25.68 40.27 33.83
CA ASP B 150 24.58 41.15 34.23
C ASP B 150 23.22 40.46 34.11
N ILE B 151 23.17 39.32 33.44
CA ILE B 151 21.98 38.47 33.40
C ILE B 151 22.44 37.03 33.21
N HIS B 152 21.93 36.14 34.05
CA HIS B 152 22.43 34.76 34.07
C HIS B 152 21.25 33.79 34.12
N PHE B 153 21.37 32.70 33.38
CA PHE B 153 20.40 31.62 33.37
C PHE B 153 21.09 30.35 33.87
N SER B 154 20.38 29.59 34.71
CA SER B 154 20.91 28.35 35.26
C SER B 154 20.16 27.16 34.69
N ASN B 155 20.66 25.97 34.96
CA ASN B 155 19.98 24.74 34.56
C ASN B 155 18.72 24.54 35.38
N PHE B 156 17.71 23.92 34.76
CA PHE B 156 16.43 23.66 35.40
C PHE B 156 16.36 22.17 35.73
N ASP B 157 16.05 21.87 36.99
CA ASP B 157 16.07 20.50 37.49
C ASP B 157 14.65 20.01 37.76
N LEU B 158 14.43 18.73 37.47
CA LEU B 158 13.13 18.11 37.70
C LEU B 158 12.85 17.98 39.19
N ASP B 159 11.58 18.13 39.56
CA ASP B 159 11.17 18.08 40.97
C ASP B 159 10.80 16.64 41.32
N HIS B 160 11.78 15.90 41.84
CA HIS B 160 11.50 14.58 42.40
C HIS B 160 10.78 14.75 43.74
N LYS B 161 9.46 14.73 43.71
CA LYS B 161 8.68 15.14 44.87
C LYS B 161 8.75 14.13 46.01
N GLN B 162 8.58 12.84 45.74
CA GLN B 162 8.35 11.89 46.83
C GLN B 162 9.64 11.46 47.51
N GLU B 163 10.50 10.74 46.80
CA GLU B 163 11.67 10.11 47.39
C GLU B 163 12.50 9.45 46.29
N LYS B 164 13.54 8.71 46.68
CA LYS B 164 14.24 7.78 45.78
C LYS B 164 14.83 8.50 44.57
N ASN B 165 15.84 9.31 44.85
CA ASN B 165 16.60 9.98 43.79
C ASN B 165 17.09 9.02 42.72
N ASP B 166 17.13 7.71 43.02
CA ASP B 166 17.36 6.71 41.99
C ASP B 166 16.12 6.56 41.12
N LEU B 167 16.06 7.30 40.02
CA LEU B 167 14.90 7.32 39.14
C LEU B 167 15.23 6.56 37.86
N ARG B 168 14.44 5.53 37.56
CA ARG B 168 14.70 4.67 36.41
C ARG B 168 14.21 5.32 35.12
N LEU B 169 14.91 5.03 34.03
CA LEU B 169 14.51 5.56 32.73
C LEU B 169 13.23 4.93 32.22
N VAL B 170 13.00 3.65 32.53
CA VAL B 170 11.79 2.96 32.08
C VAL B 170 10.54 3.45 32.81
N ASP B 171 10.69 4.15 33.92
CA ASP B 171 9.55 4.68 34.66
C ASP B 171 9.10 6.05 34.17
N ILE B 172 9.87 6.70 33.28
CA ILE B 172 9.57 8.05 32.83
C ILE B 172 9.34 8.12 31.33
N ALA B 173 10.13 7.40 30.54
CA ALA B 173 10.10 7.53 29.09
C ALA B 173 9.68 6.23 28.44
N SER B 174 9.41 6.31 27.13
CA SER B 174 9.07 5.16 26.30
C SER B 174 9.48 5.47 24.87
N GLY B 175 9.67 4.41 24.09
CA GLY B 175 10.17 4.52 22.72
C GLY B 175 9.05 4.43 21.70
N ARG B 176 9.23 5.14 20.58
CA ARG B 176 8.26 5.13 19.51
C ARG B 176 8.98 5.40 18.19
N ILE B 177 8.37 4.97 17.08
CA ILE B 177 8.95 5.11 15.75
C ILE B 177 8.05 6.02 14.91
N LEU B 178 8.66 6.99 14.25
CA LEU B 178 7.96 7.89 13.34
C LEU B 178 8.59 7.76 11.95
N ASN B 179 7.78 7.95 10.91
CA ASN B 179 8.23 7.75 9.54
C ASN B 179 7.86 8.94 8.68
N ARG B 180 8.29 8.89 7.41
CA ARG B 180 8.00 9.92 6.42
C ARG B 180 7.39 9.25 5.19
N VAL B 181 6.22 9.72 4.78
CA VAL B 181 5.42 9.06 3.75
C VAL B 181 5.52 9.85 2.46
N ASP B 182 5.76 9.15 1.35
CA ASP B 182 5.82 9.78 0.04
C ASP B 182 4.43 10.18 -0.44
N PHE B 183 4.30 11.41 -0.91
CA PHE B 183 2.99 11.95 -1.29
C PHE B 183 2.39 11.20 -2.47
N ASP B 184 3.19 10.89 -3.49
CA ASP B 184 2.68 10.34 -4.74
C ASP B 184 2.32 8.87 -4.64
N THR B 185 3.25 8.03 -4.19
CA THR B 185 2.98 6.60 -4.11
C THR B 185 2.10 6.23 -2.93
N GLY B 186 2.26 6.94 -1.81
CA GLY B 186 1.55 6.61 -0.58
C GLY B 186 2.27 5.65 0.34
N LYS B 187 3.55 5.38 0.09
CA LYS B 187 4.34 4.44 0.88
C LYS B 187 5.45 5.19 1.59
N ALA B 188 5.77 4.77 2.81
CA ALA B 188 6.72 5.46 3.64
C ALA B 188 8.15 5.01 3.36
N LYS B 189 9.10 5.66 4.02
CA LYS B 189 10.51 5.30 3.96
C LYS B 189 11.24 5.93 5.14
N ASP B 190 12.52 5.60 5.26
CA ASP B 190 13.52 6.24 6.14
C ASP B 190 12.96 6.71 7.48
N TYR B 191 12.44 5.78 8.28
CA TYR B 191 11.87 6.11 9.58
C TYR B 191 12.96 6.61 10.55
N PHE B 192 12.51 6.99 11.75
CA PHE B 192 13.39 7.36 12.85
C PHE B 192 12.63 7.19 14.16
N ARG B 193 13.36 7.20 15.26
CA ARG B 193 12.77 6.92 16.57
C ARG B 193 13.19 7.98 17.59
N THR B 194 12.39 8.09 18.65
CA THR B 194 12.59 9.11 19.68
C THR B 194 12.05 8.60 21.01
N TRP B 195 12.11 9.46 22.04
CA TRP B 195 11.63 9.15 23.37
C TRP B 195 10.58 10.16 23.80
N GLU B 196 9.59 9.70 24.57
CA GLU B 196 8.50 10.54 25.05
C GLU B 196 8.34 10.34 26.55
N ALA B 197 8.15 11.44 27.28
CA ALA B 197 8.13 11.42 28.74
C ALA B 197 6.73 11.71 29.27
N ASP B 198 6.46 11.22 30.47
CA ASP B 198 5.14 11.33 31.10
C ASP B 198 5.01 12.69 31.78
N TYR B 199 4.03 13.47 31.34
CA TYR B 199 3.86 14.84 31.81
C TYR B 199 2.92 14.97 33.00
N GLU B 200 2.24 13.90 33.40
CA GLU B 200 1.33 13.96 34.53
C GLU B 200 2.03 13.78 35.86
N THR B 201 3.08 12.97 35.91
CA THR B 201 3.86 12.76 37.13
C THR B 201 5.14 13.58 37.14
N TYR B 202 5.81 13.72 35.99
CA TYR B 202 7.08 14.44 35.87
C TYR B 202 6.90 15.55 34.86
N GLY B 203 6.44 16.71 35.32
CA GLY B 203 6.16 17.81 34.41
C GLY B 203 6.58 19.18 34.87
N THR B 204 7.20 19.28 36.03
CA THR B 204 7.59 20.56 36.62
C THR B 204 9.09 20.64 36.79
N TYR B 205 9.68 21.75 36.35
CA TYR B 205 11.11 22.01 36.48
C TYR B 205 11.32 23.37 37.14
N THR B 206 12.42 23.50 37.88
CA THR B 206 12.68 24.70 38.67
C THR B 206 14.08 25.23 38.38
N GLY B 207 14.19 26.56 38.23
CA GLY B 207 15.46 27.20 37.98
C GLY B 207 15.56 28.60 38.58
N ARG B 208 16.60 29.34 38.20
CA ARG B 208 16.84 30.68 38.71
C ARG B 208 17.33 31.59 37.61
N ILE B 209 16.97 32.88 37.71
CA ILE B 209 17.44 33.92 36.79
C ILE B 209 17.91 35.11 37.62
N THR B 210 19.10 35.61 37.30
CA THR B 210 19.73 36.69 38.05
C THR B 210 19.89 37.90 37.14
N LEU B 211 19.39 39.05 37.57
CA LEU B 211 19.50 40.30 36.82
C LEU B 211 20.11 41.37 37.71
N ARG B 212 21.16 42.03 37.21
CA ARG B 212 21.87 43.06 37.97
C ARG B 212 21.66 44.45 37.38
N ASN B 213 20.59 44.67 36.64
CA ASN B 213 20.29 45.98 36.06
C ASN B 213 18.78 46.12 35.98
N GLU B 214 18.22 47.04 36.74
CA GLU B 214 16.77 47.20 36.84
C GLU B 214 16.16 47.90 35.63
N HIS B 215 16.92 48.11 34.55
CA HIS B 215 16.40 48.82 33.40
C HIS B 215 15.69 47.93 32.39
N ALA B 216 15.70 46.60 32.59
CA ALA B 216 15.09 45.68 31.65
C ALA B 216 14.14 44.68 32.32
N LYS B 217 13.84 44.88 33.60
CA LYS B 217 12.95 43.96 34.31
C LYS B 217 11.55 43.95 33.71
N LYS B 218 11.02 45.12 33.36
CA LYS B 218 9.65 45.19 32.86
C LYS B 218 9.49 44.41 31.57
N LEU B 219 10.48 44.46 30.68
CA LEU B 219 10.44 43.66 29.45
C LEU B 219 10.74 42.19 29.69
N LEU B 220 11.66 41.87 30.60
CA LEU B 220 11.97 40.47 30.88
C LEU B 220 10.76 39.74 31.45
N LEU B 221 10.01 40.39 32.36
CA LEU B 221 8.86 39.76 32.97
C LEU B 221 7.76 39.46 31.96
N ALA B 222 7.54 40.33 30.97
CA ALA B 222 6.56 40.05 29.94
C ALA B 222 7.04 38.99 28.96
N SER B 223 8.33 39.01 28.64
CA SER B 223 8.88 38.00 27.73
C SER B 223 8.81 36.60 28.35
N LEU B 224 8.97 36.50 29.67
CA LEU B 224 8.80 35.20 30.32
C LEU B 224 7.37 34.69 30.17
N GLY B 225 6.39 35.57 30.22
CA GLY B 225 5.00 35.19 30.05
C GLY B 225 4.52 35.07 28.63
N PHE B 226 5.33 35.47 27.64
CA PHE B 226 4.96 35.34 26.24
C PHE B 226 5.45 34.06 25.58
N VAL B 227 6.13 33.18 26.32
CA VAL B 227 6.66 31.94 25.75
C VAL B 227 5.55 30.89 25.71
N ASP B 228 5.43 30.18 24.59
CA ASP B 228 4.35 29.24 24.35
C ASP B 228 4.79 27.78 24.32
N LYS B 229 5.94 27.48 23.73
CA LYS B 229 6.35 26.09 23.53
C LYS B 229 7.79 25.91 23.99
N LEU B 230 8.11 24.67 24.34
CA LEU B 230 9.47 24.27 24.68
C LEU B 230 9.55 22.76 24.67
N CYS B 231 10.62 22.22 24.06
CA CYS B 231 10.91 20.80 24.01
C CYS B 231 9.82 19.98 23.33
N GLY B 232 9.04 20.61 22.44
CA GLY B 232 8.03 19.92 21.68
C GLY B 232 6.65 19.86 22.29
N ALA B 233 6.36 20.70 23.29
CA ALA B 233 5.08 20.66 24.00
C ALA B 233 4.71 22.07 24.42
N LEU B 234 3.43 22.27 24.71
CA LEU B 234 2.95 23.52 25.28
C LEU B 234 3.35 23.61 26.74
N CYS B 235 3.65 24.83 27.19
CA CYS B 235 4.22 25.02 28.51
C CYS B 235 3.73 26.34 29.12
N ARG B 236 4.11 26.56 30.37
CA ARG B 236 3.79 27.79 31.10
C ARG B 236 4.92 28.09 32.06
N ILE B 237 5.22 29.38 32.22
CA ILE B 237 6.30 29.83 33.11
C ILE B 237 5.69 30.78 34.13
N GLU B 238 5.93 30.50 35.41
CA GLU B 238 5.39 31.29 36.51
C GLU B 238 6.52 31.69 37.45
N VAL B 239 6.43 32.89 37.99
CA VAL B 239 7.42 33.39 38.94
C VAL B 239 6.86 33.20 40.35
N ILE B 240 7.60 32.48 41.19
CA ILE B 240 7.18 32.22 42.55
C ILE B 240 7.61 33.35 43.48
N SER B 266 6.97 -8.07 38.42
CA SER B 266 8.38 -7.79 38.22
C SER B 266 9.06 -8.93 37.45
N GLU B 267 10.34 -9.17 37.78
CA GLU B 267 11.08 -10.24 37.13
C GLU B 267 10.45 -11.61 37.40
N ASP B 268 10.02 -11.84 38.64
CA ASP B 268 9.39 -13.12 38.97
C ASP B 268 8.15 -13.36 38.11
N HIS B 269 7.31 -12.35 37.96
CA HIS B 269 6.07 -12.52 37.20
C HIS B 269 6.33 -12.99 35.77
N ASN B 270 7.03 -12.16 34.99
CA ASN B 270 7.18 -12.48 33.57
C ASN B 270 8.09 -13.69 33.36
N ASP B 271 9.14 -13.85 34.18
CA ASP B 271 9.97 -15.04 34.02
C ASP B 271 9.21 -16.33 34.34
N GLU B 272 8.43 -16.34 35.42
CA GLU B 272 7.66 -17.54 35.76
C GLU B 272 6.61 -17.83 34.69
N LEU B 273 5.95 -16.78 34.18
CA LEU B 273 4.99 -17.00 33.11
C LEU B 273 5.67 -17.52 31.85
N ARG B 274 6.89 -17.06 31.57
CA ARG B 274 7.63 -17.61 30.44
C ARG B 274 7.95 -19.08 30.63
N LYS B 275 8.35 -19.47 31.84
CA LYS B 275 8.61 -20.89 32.09
C LYS B 275 7.35 -21.72 31.90
N GLN B 276 6.22 -21.23 32.41
CA GLN B 276 4.95 -21.95 32.23
C GLN B 276 4.57 -22.04 30.76
N ALA B 277 4.77 -20.96 30.00
CA ALA B 277 4.47 -21.00 28.57
C ALA B 277 5.35 -22.01 27.84
N GLU B 278 6.63 -22.08 28.19
CA GLU B 278 7.50 -23.07 27.58
C GLU B 278 7.07 -24.49 27.92
N VAL B 279 6.64 -24.72 29.17
CA VAL B 279 6.14 -26.03 29.56
C VAL B 279 4.92 -26.40 28.72
N ILE B 280 4.00 -25.45 28.56
CA ILE B 280 2.78 -25.71 27.78
C ILE B 280 3.13 -26.01 26.33
N VAL B 281 4.06 -25.24 25.76
CA VAL B 281 4.44 -25.44 24.37
C VAL B 281 5.09 -26.82 24.19
N GLU B 282 5.94 -27.22 25.13
CA GLU B 282 6.55 -28.54 25.05
C GLU B 282 5.49 -29.64 25.15
N ALA B 283 4.53 -29.49 26.05
CA ALA B 283 3.48 -30.49 26.19
C ALA B 283 2.65 -30.60 24.91
N PHE B 284 2.32 -29.47 24.27
CA PHE B 284 1.64 -29.51 22.99
C PHE B 284 2.49 -30.15 21.90
N LYS B 285 3.80 -29.88 21.89
CA LYS B 285 4.68 -30.45 20.88
C LYS B 285 4.82 -31.96 21.03
N GLN B 286 4.69 -32.47 22.27
CA GLN B 286 4.84 -33.90 22.49
C GLN B 286 3.78 -34.72 21.76
N ASN B 287 2.62 -34.14 21.47
CA ASN B 287 1.52 -34.86 20.83
C ASN B 287 1.36 -34.51 19.36
N ASP B 288 2.35 -33.82 18.77
CA ASP B 288 2.29 -33.34 17.39
C ASP B 288 1.01 -32.50 17.23
N LYS B 289 1.01 -31.35 17.92
CA LYS B 289 -0.07 -30.37 17.81
C LYS B 289 0.50 -28.96 17.88
N LEU B 290 1.63 -28.74 17.21
CA LEU B 290 2.33 -27.47 17.35
C LEU B 290 1.57 -26.32 16.71
N GLU B 291 0.72 -26.61 15.72
CA GLU B 291 0.02 -25.56 14.99
C GLU B 291 -1.11 -24.90 15.78
N LYS B 292 -1.48 -25.45 16.93
CA LYS B 292 -2.57 -24.90 17.73
C LYS B 292 -2.10 -23.86 18.75
N ILE B 293 -0.79 -23.60 18.82
CA ILE B 293 -0.28 -22.65 19.81
C ILE B 293 -0.75 -21.24 19.50
N ARG B 294 -0.76 -20.86 18.21
CA ARG B 294 -1.23 -19.52 17.84
C ARG B 294 -2.70 -19.34 18.18
N ILE B 295 -3.52 -20.37 17.91
CA ILE B 295 -4.94 -20.31 18.25
C ILE B 295 -5.12 -20.19 19.76
N LEU B 296 -4.32 -20.95 20.52
CA LEU B 296 -4.40 -20.86 21.99
C LEU B 296 -4.02 -19.46 22.47
N ALA B 297 -2.98 -18.86 21.89
CA ALA B 297 -2.57 -17.52 22.30
C ALA B 297 -3.66 -16.50 22.02
N ASP B 298 -4.27 -16.56 20.83
CA ASP B 298 -5.34 -15.62 20.51
C ASP B 298 -6.55 -15.83 21.41
N ALA B 299 -6.92 -17.08 21.69
CA ALA B 299 -8.05 -17.35 22.56
C ALA B 299 -7.79 -16.86 23.98
N ILE B 300 -6.57 -17.05 24.50
CA ILE B 300 -6.26 -16.57 25.84
C ILE B 300 -6.27 -15.05 25.89
N ARG B 301 -5.73 -14.37 24.87
CA ARG B 301 -5.80 -12.92 24.86
C ARG B 301 -7.23 -12.41 24.78
N THR B 302 -8.11 -13.14 24.09
CA THR B 302 -9.49 -12.71 23.96
C THR B 302 -10.29 -12.81 25.26
N LEU B 303 -9.75 -13.47 26.28
CA LEU B 303 -10.49 -13.64 27.54
C LEU B 303 -10.57 -12.37 28.37
N ARG B 304 -9.85 -11.31 28.00
CA ARG B 304 -9.85 -10.08 28.77
C ARG B 304 -11.18 -9.34 28.73
N LEU B 305 -12.09 -9.75 27.86
CA LEU B 305 -13.41 -9.13 27.75
C LEU B 305 -14.49 -9.88 28.52
N HIS B 306 -14.14 -10.92 29.27
CA HIS B 306 -15.13 -11.77 29.92
C HIS B 306 -15.03 -11.82 31.43
N GLY B 307 -13.93 -11.38 32.03
CA GLY B 307 -13.79 -11.39 33.47
C GLY B 307 -13.28 -12.71 34.00
N GLU B 308 -12.99 -12.73 35.31
CA GLU B 308 -12.41 -13.91 35.95
C GLU B 308 -13.44 -15.00 36.19
N GLY B 309 -14.74 -14.71 36.06
CA GLY B 309 -15.75 -15.73 36.29
C GLY B 309 -15.76 -16.83 35.25
N VAL B 310 -15.23 -16.56 34.06
CA VAL B 310 -15.17 -17.60 33.04
C VAL B 310 -14.14 -18.67 33.39
N ILE B 311 -13.17 -18.35 34.24
CA ILE B 311 -12.17 -19.33 34.67
C ILE B 311 -12.38 -19.79 36.10
N GLU B 312 -13.12 -19.04 36.92
CA GLU B 312 -13.38 -19.47 38.29
C GLU B 312 -14.63 -20.34 38.39
N LYS B 313 -15.67 -20.04 37.61
CA LYS B 313 -16.91 -20.80 37.64
C LYS B 313 -16.96 -21.90 36.59
N ASP B 314 -15.87 -22.11 35.85
CA ASP B 314 -15.75 -23.18 34.86
C ASP B 314 -16.84 -23.06 33.79
N GLU B 315 -16.76 -21.95 33.05
CA GLU B 315 -17.71 -21.65 31.99
C GLU B 315 -17.16 -21.91 30.59
N LEU B 316 -15.95 -22.45 30.48
CA LEU B 316 -15.41 -22.75 29.15
C LEU B 316 -16.21 -23.87 28.50
N PRO B 317 -16.39 -23.84 27.18
CA PRO B 317 -17.16 -24.88 26.51
C PRO B 317 -16.48 -26.24 26.59
N ASP B 318 -17.29 -27.28 26.50
CA ASP B 318 -16.83 -28.66 26.60
C ASP B 318 -17.14 -29.39 25.29
N GLY B 319 -16.91 -30.70 25.29
CA GLY B 319 -17.11 -31.49 24.09
C GLY B 319 -18.58 -31.61 23.72
N LYS B 320 -18.81 -32.00 22.46
CA LYS B 320 -20.16 -32.13 21.96
C LYS B 320 -20.85 -33.38 22.51
N GLU B 321 -20.29 -34.55 22.19
CA GLU B 321 -20.80 -35.83 22.69
C GLU B 321 -19.83 -36.49 23.65
N GLU B 322 -18.60 -36.72 23.21
CA GLU B 322 -17.59 -37.33 24.06
C GLU B 322 -16.87 -36.28 24.89
N ARG B 323 -16.53 -36.66 26.12
CA ARG B 323 -15.75 -35.81 27.01
C ARG B 323 -14.27 -36.17 27.02
N ASP B 324 -13.92 -37.41 26.70
CA ASP B 324 -12.55 -37.83 26.50
C ASP B 324 -12.29 -37.99 25.00
N LYS B 325 -11.00 -38.19 24.65
CA LYS B 325 -10.53 -38.41 23.29
C LYS B 325 -11.18 -37.48 22.27
N GLY B 326 -11.48 -36.25 22.68
CA GLY B 326 -12.16 -35.30 21.82
C GLY B 326 -11.22 -34.55 20.91
N HIS B 327 -11.83 -33.73 20.04
CA HIS B 327 -11.10 -32.87 19.12
C HIS B 327 -10.86 -31.48 19.71
N HIS B 328 -11.26 -31.24 20.95
CA HIS B 328 -11.15 -29.93 21.56
C HIS B 328 -9.69 -29.63 21.90
N LEU B 329 -9.45 -28.42 22.39
CA LEU B 329 -8.13 -28.01 22.83
C LEU B 329 -8.05 -27.75 24.32
N TRP B 330 -9.17 -27.47 24.99
CA TRP B 330 -9.16 -27.26 26.43
C TRP B 330 -8.97 -28.55 27.21
N ASP B 331 -9.05 -29.70 26.55
CA ASP B 331 -8.92 -31.00 27.19
C ASP B 331 -7.69 -31.74 26.69
N ILE B 332 -6.58 -31.02 26.56
CA ILE B 332 -5.30 -31.59 26.17
C ILE B 332 -4.42 -31.67 27.41
N LYS B 333 -3.90 -32.87 27.68
CA LYS B 333 -3.16 -33.11 28.91
C LYS B 333 -1.86 -32.31 28.92
N VAL B 334 -1.57 -31.67 30.06
CA VAL B 334 -0.33 -30.93 30.27
C VAL B 334 0.24 -31.40 31.61
N GLN B 335 1.35 -32.13 31.55
CA GLN B 335 1.99 -32.70 32.75
C GLN B 335 1.01 -33.56 33.56
N GLY B 336 0.16 -34.30 32.85
CA GLY B 336 -0.78 -35.20 33.47
C GLY B 336 -2.12 -34.59 33.84
N THR B 337 -2.29 -33.28 33.67
CA THR B 337 -3.54 -32.61 33.96
C THR B 337 -4.04 -31.87 32.71
N ALA B 338 -5.33 -31.58 32.70
CA ALA B 338 -5.93 -30.87 31.58
C ALA B 338 -5.47 -29.42 31.55
N LEU B 339 -5.84 -28.72 30.48
CA LEU B 339 -5.39 -27.34 30.29
C LEU B 339 -6.24 -26.33 31.04
N ARG B 340 -7.56 -26.56 31.14
CA ARG B 340 -8.42 -25.65 31.88
C ARG B 340 -8.01 -25.59 33.36
N THR B 341 -7.73 -26.74 33.95
CA THR B 341 -7.25 -26.77 35.32
C THR B 341 -5.90 -26.08 35.48
N LYS B 342 -4.97 -26.28 34.55
CA LYS B 342 -3.68 -25.61 34.64
C LYS B 342 -3.83 -24.10 34.59
N LEU B 343 -4.70 -23.60 33.71
CA LEU B 343 -4.98 -22.16 33.69
C LEU B 343 -5.61 -21.69 34.99
N LYS B 344 -6.50 -22.50 35.58
CA LYS B 344 -7.10 -22.11 36.86
C LYS B 344 -6.04 -21.99 37.95
N GLU B 345 -5.14 -22.97 38.04
CA GLU B 345 -4.06 -22.88 39.03
C GLU B 345 -3.13 -21.70 38.77
N LEU B 346 -2.83 -21.41 37.51
CA LEU B 346 -1.98 -20.25 37.23
C LEU B 346 -2.65 -18.95 37.68
N TRP B 347 -3.95 -18.81 37.41
CA TRP B 347 -4.66 -17.61 37.85
C TRP B 347 -4.71 -17.52 39.37
N GLN B 348 -5.01 -18.62 40.06
CA GLN B 348 -4.99 -18.60 41.51
C GLN B 348 -3.61 -18.29 42.07
N SER B 349 -2.55 -18.69 41.36
CA SER B 349 -1.20 -18.41 41.83
C SER B 349 -0.83 -16.94 41.67
N ASN B 350 -1.20 -16.32 40.55
CA ASN B 350 -0.78 -14.93 40.37
C ASN B 350 -1.70 -13.95 41.10
N LYS B 351 -2.93 -13.79 40.61
CA LYS B 351 -4.00 -13.07 41.30
C LYS B 351 -3.64 -11.64 41.72
N ASP B 352 -2.49 -11.13 41.30
CA ASP B 352 -1.99 -9.84 41.78
C ASP B 352 -1.95 -8.76 40.72
N ILE B 353 -1.39 -9.07 39.55
CA ILE B 353 -1.32 -8.09 38.47
C ILE B 353 -2.70 -7.72 37.94
N GLY B 354 -3.66 -8.62 38.06
CA GLY B 354 -4.99 -8.41 37.53
C GLY B 354 -5.31 -9.41 36.42
N TRP B 355 -6.54 -9.30 35.93
CA TRP B 355 -7.00 -10.22 34.89
C TRP B 355 -6.48 -9.82 33.51
N ARG B 356 -6.63 -8.54 33.16
CA ARG B 356 -6.24 -8.06 31.84
C ARG B 356 -4.74 -8.27 31.61
N LYS B 357 -3.91 -7.83 32.56
CA LYS B 357 -2.47 -7.94 32.40
C LYS B 357 -2.02 -9.40 32.34
N PHE B 358 -2.61 -10.26 33.18
CA PHE B 358 -2.25 -11.67 33.19
C PHE B 358 -2.55 -12.32 31.84
N THR B 359 -3.77 -12.11 31.33
CA THR B 359 -4.12 -12.70 30.03
C THR B 359 -3.24 -12.15 28.91
N GLU B 360 -3.00 -10.83 28.90
CA GLU B 360 -2.19 -10.24 27.84
C GLU B 360 -0.77 -10.79 27.85
N MET B 361 -0.16 -10.88 29.03
CA MET B 361 1.23 -11.34 29.10
C MET B 361 1.34 -12.82 28.75
N LEU B 362 0.39 -13.64 29.21
CA LEU B 362 0.42 -15.05 28.84
C LEU B 362 0.30 -15.23 27.33
N GLY B 363 -0.63 -14.50 26.70
CA GLY B 363 -0.78 -14.60 25.26
C GLY B 363 0.46 -14.13 24.51
N SER B 364 1.06 -13.03 24.97
CA SER B 364 2.27 -12.52 24.32
C SER B 364 3.41 -13.52 24.41
N ASN B 365 3.60 -14.14 25.59
CA ASN B 365 4.66 -15.13 25.73
C ASN B 365 4.44 -16.33 24.82
N LEU B 366 3.19 -16.82 24.74
CA LEU B 366 2.91 -17.93 23.85
C LEU B 366 3.20 -17.57 22.39
N TYR B 367 2.76 -16.38 21.97
CA TYR B 367 2.99 -15.97 20.58
C TYR B 367 4.48 -15.86 20.27
N LEU B 368 5.25 -15.25 21.17
CA LEU B 368 6.67 -15.10 20.93
C LEU B 368 7.38 -16.45 20.88
N ILE B 369 7.04 -17.37 21.76
CA ILE B 369 7.66 -18.69 21.74
C ILE B 369 7.34 -19.41 20.44
N TYR B 370 6.08 -19.37 20.00
CA TYR B 370 5.70 -20.02 18.75
C TYR B 370 6.45 -19.41 17.58
N LYS B 371 6.52 -18.08 17.53
CA LYS B 371 7.19 -17.41 16.42
C LYS B 371 8.68 -17.75 16.38
N LYS B 372 9.33 -17.81 17.54
CA LYS B 372 10.74 -18.21 17.56
C LYS B 372 10.92 -19.66 17.14
N GLU B 373 10.03 -20.56 17.58
CA GLU B 373 10.18 -21.97 17.26
C GLU B 373 9.96 -22.25 15.79
N THR B 374 8.90 -21.70 15.21
CA THR B 374 8.55 -22.00 13.82
C THR B 374 9.51 -21.38 12.81
N GLY B 375 10.39 -20.48 13.23
CA GLY B 375 11.31 -19.84 12.32
C GLY B 375 10.66 -18.81 11.41
N THR B 379 7.72 -18.69 1.43
CA THR B 379 6.59 -17.79 1.61
C THR B 379 6.90 -16.39 1.07
N ARG B 380 6.87 -15.39 1.96
CA ARG B 380 7.16 -14.01 1.59
C ARG B 380 8.64 -13.75 1.89
N PHE B 381 9.49 -14.18 0.95
CA PHE B 381 10.93 -14.05 1.12
C PHE B 381 11.37 -12.62 0.89
N ARG B 382 12.19 -12.09 1.77
CA ARG B 382 12.71 -10.73 1.68
C ARG B 382 14.23 -10.75 1.74
N ILE B 383 14.85 -9.93 0.90
CA ILE B 383 16.31 -9.88 0.80
C ILE B 383 16.90 -8.81 1.72
N LEU B 384 16.39 -7.59 1.63
CA LEU B 384 16.89 -6.47 2.42
C LEU B 384 15.84 -6.01 3.42
N GLY B 385 16.29 -5.24 4.40
CA GLY B 385 15.45 -4.69 5.45
C GLY B 385 15.05 -3.26 5.17
N ASP B 386 14.80 -2.52 6.25
CA ASP B 386 14.38 -1.13 6.18
C ASP B 386 15.55 -0.22 6.55
N THR B 387 15.36 1.08 6.29
CA THR B 387 16.41 2.07 6.44
C THR B 387 16.00 3.10 7.50
N GLU B 388 16.93 3.38 8.42
CA GLU B 388 16.73 4.39 9.46
C GLU B 388 17.63 5.58 9.13
N TYR B 389 17.02 6.67 8.69
CA TYR B 389 17.74 7.84 8.22
C TYR B 389 17.39 9.04 9.09
N TYR B 390 18.40 9.64 9.71
CA TYR B 390 18.23 10.82 10.54
C TYR B 390 18.58 12.07 9.74
N SER B 391 17.76 13.11 9.91
CA SER B 391 18.05 14.41 9.30
C SER B 391 19.43 14.88 9.74
N LYS B 392 20.37 14.96 8.80
CA LYS B 392 21.74 15.26 9.14
C LYS B 392 21.87 16.72 9.56
N ALA B 393 22.56 16.95 10.67
CA ALA B 393 22.85 18.32 11.09
C ALA B 393 23.92 18.90 10.18
N HIS B 394 23.48 19.60 9.13
CA HIS B 394 24.38 20.03 8.06
C HIS B 394 25.36 21.07 8.58
N ASP B 395 26.62 20.94 8.18
CA ASP B 395 27.67 21.89 8.47
C ASP B 395 28.45 22.19 7.21
N SER B 396 29.01 23.40 7.14
CA SER B 396 29.75 23.83 5.98
C SER B 396 30.67 24.98 6.39
N GLU B 397 31.36 25.57 5.42
CA GLU B 397 32.21 26.72 5.65
C GLU B 397 31.77 27.84 4.70
N GLY B 398 31.59 29.03 5.26
CA GLY B 398 31.12 30.16 4.47
C GLY B 398 29.73 29.97 3.89
N SER B 399 28.81 29.37 4.67
CA SER B 399 27.46 29.11 4.21
C SER B 399 26.41 29.71 5.15
N ASP B 400 26.81 30.60 6.05
CA ASP B 400 25.89 31.23 6.98
C ASP B 400 25.49 32.61 6.46
N LEU B 401 24.19 32.89 6.49
CA LEU B 401 23.65 34.11 5.92
C LEU B 401 22.71 34.76 6.92
N PHE B 402 22.62 36.09 6.85
CA PHE B 402 21.72 36.87 7.69
C PHE B 402 20.63 37.46 6.81
N ILE B 403 19.39 37.09 7.07
CA ILE B 403 18.25 37.47 6.26
C ILE B 403 17.25 38.22 7.12
N PRO B 404 17.27 39.55 7.11
CA PRO B 404 16.29 40.32 7.89
C PRO B 404 14.98 40.49 7.14
N VAL B 405 13.89 40.49 7.89
CA VAL B 405 12.55 40.75 7.37
C VAL B 405 11.93 41.88 8.16
N THR B 406 11.40 42.88 7.46
CA THR B 406 10.82 44.06 8.09
C THR B 406 9.34 44.17 7.74
N PRO B 407 8.42 43.86 8.64
CA PRO B 407 6.99 43.96 8.34
C PRO B 407 6.57 45.40 8.14
N PRO B 408 5.50 45.65 7.39
CA PRO B 408 5.06 47.02 7.15
C PRO B 408 4.57 47.70 8.42
N GLU B 409 4.57 49.02 8.39
CA GLU B 409 4.12 49.83 9.52
C GLU B 409 2.62 50.09 9.39
N GLY B 410 1.88 49.84 10.46
CA GLY B 410 0.44 50.00 10.49
C GLY B 410 -0.32 48.70 10.36
N ILE B 411 0.35 47.63 9.94
CA ILE B 411 -0.32 46.33 9.80
C ILE B 411 -0.68 45.78 11.17
N GLU B 412 -1.69 44.91 11.21
CA GLU B 412 -2.18 44.34 12.45
C GLU B 412 -1.96 42.84 12.46
N THR B 413 -1.88 42.29 13.67
CA THR B 413 -1.69 40.86 13.89
C THR B 413 -2.80 40.36 14.81
N LYS B 414 -3.33 39.18 14.50
CA LYS B 414 -4.39 38.57 15.30
C LYS B 414 -3.99 37.15 15.69
N GLU B 415 -4.94 36.42 16.28
CA GLU B 415 -4.72 35.06 16.74
C GLU B 415 -6.07 34.37 16.82
N TRP B 416 -6.21 33.23 16.15
CA TRP B 416 -7.47 32.52 16.04
C TRP B 416 -7.36 31.14 16.70
N ILE B 417 -8.44 30.72 17.35
CA ILE B 417 -8.52 29.41 18.00
C ILE B 417 -9.76 28.68 17.49
N ILE B 418 -9.62 27.37 17.28
CA ILE B 418 -10.73 26.51 16.88
C ILE B 418 -10.86 25.38 17.88
N VAL B 419 -12.07 25.11 18.34
CA VAL B 419 -12.36 24.05 19.29
C VAL B 419 -13.52 23.22 18.77
N GLY B 420 -13.45 21.91 18.97
CA GLY B 420 -14.49 21.01 18.52
C GLY B 420 -14.32 19.59 19.01
N ARG B 421 -14.88 18.63 18.28
CA ARG B 421 -14.75 17.21 18.61
C ARG B 421 -14.55 16.40 17.34
N LEU B 422 -13.85 15.28 17.47
CA LEU B 422 -13.62 14.35 16.38
C LEU B 422 -14.34 13.04 16.69
N LYS B 423 -15.19 12.60 15.78
CA LYS B 423 -16.04 11.43 15.99
C LYS B 423 -15.67 10.33 15.01
N ALA B 424 -15.51 9.11 15.51
CA ALA B 424 -15.10 7.99 14.68
C ALA B 424 -16.32 7.36 14.01
N ALA B 425 -16.31 7.33 12.67
CA ALA B 425 -17.38 6.70 11.91
C ALA B 425 -17.09 5.25 11.57
N THR B 426 -15.84 4.82 11.66
CA THR B 426 -15.41 3.46 11.36
C THR B 426 -14.42 3.03 12.43
N PRO B 427 -14.20 1.72 12.59
CA PRO B 427 -13.13 1.27 13.48
C PRO B 427 -11.78 1.79 13.03
N PHE B 428 -11.02 2.35 13.96
CA PHE B 428 -9.76 3.01 13.65
C PHE B 428 -8.57 2.19 14.13
N TYR B 429 -7.38 2.60 13.70
CA TYR B 429 -6.15 1.87 14.01
C TYR B 429 -4.97 2.82 13.90
N PHE B 430 -4.24 3.00 15.00
CA PHE B 430 -2.96 3.70 15.01
C PHE B 430 -1.88 2.69 15.40
N GLY B 431 -0.86 2.56 14.56
CA GLY B 431 0.09 1.47 14.66
C GLY B 431 1.27 1.77 15.56
N VAL B 432 1.69 0.76 16.31
CA VAL B 432 2.91 0.78 17.09
C VAL B 432 3.66 -0.53 16.84
N GLN B 433 4.81 -0.68 17.49
CA GLN B 433 5.63 -1.86 17.36
C GLN B 433 5.63 -2.67 18.64
N GLN B 434 6.22 -3.86 18.58
CA GLN B 434 6.14 -4.82 19.68
C GLN B 434 6.79 -4.24 20.93
N PRO B 435 6.15 -4.36 22.10
CA PRO B 435 6.71 -3.76 23.32
C PRO B 435 8.05 -4.35 23.75
N SER B 436 8.43 -5.52 23.26
CA SER B 436 9.72 -6.11 23.57
C SER B 436 10.83 -5.54 22.71
N ASP B 437 10.51 -4.62 21.79
CA ASP B 437 11.50 -3.98 20.94
C ASP B 437 11.53 -2.46 21.13
N SER B 438 10.86 -1.94 22.17
CA SER B 438 10.75 -0.50 22.39
C SER B 438 11.22 -0.12 23.79
N ILE B 439 12.13 -0.88 24.37
CA ILE B 439 12.64 -0.58 25.71
C ILE B 439 13.67 0.53 25.60
N PRO B 440 13.45 1.67 26.26
CA PRO B 440 14.45 2.74 26.21
C PRO B 440 15.76 2.32 26.86
N GLY B 441 16.86 2.77 26.28
CA GLY B 441 18.18 2.37 26.72
C GLY B 441 18.67 1.07 26.14
N LYS B 442 17.86 0.39 25.33
CA LYS B 442 18.24 -0.86 24.69
C LYS B 442 17.86 -0.83 23.22
N GLU B 443 17.99 -1.96 22.54
CA GLU B 443 17.59 -2.04 21.13
C GLU B 443 16.09 -1.82 20.97
N SER B 449 24.85 -12.15 7.75
CA SER B 449 24.48 -13.31 8.56
C SER B 449 23.01 -13.25 8.95
N LEU B 450 22.53 -12.03 9.22
CA LEU B 450 21.16 -11.84 9.66
C LEU B 450 20.17 -12.18 8.55
N VAL B 451 19.12 -12.90 8.91
CA VAL B 451 18.00 -13.14 8.02
C VAL B 451 16.83 -12.30 8.51
N ILE B 452 15.86 -12.09 7.62
CA ILE B 452 14.73 -11.21 7.89
C ILE B 452 13.55 -12.06 8.34
N ASN B 453 13.02 -11.76 9.52
CA ASN B 453 11.80 -12.38 10.02
C ASN B 453 10.83 -11.26 10.41
N GLU B 454 9.55 -11.47 10.15
CA GLU B 454 8.54 -10.44 10.32
C GLU B 454 7.48 -10.88 11.32
N HIS B 455 6.97 -9.92 12.09
CA HIS B 455 5.90 -10.16 13.03
C HIS B 455 4.55 -10.19 12.32
N THR B 456 3.57 -10.81 13.00
CA THR B 456 2.20 -10.89 12.50
C THR B 456 1.21 -10.65 13.64
N SER B 457 1.48 -9.68 14.51
CA SER B 457 0.60 -9.38 15.63
C SER B 457 0.00 -7.98 15.56
N PHE B 458 0.83 -6.93 15.49
CA PHE B 458 0.39 -5.57 15.20
C PHE B 458 -0.61 -4.99 16.21
N ASN B 459 -0.15 -4.67 17.42
CA ASN B 459 -0.96 -4.02 18.43
C ASN B 459 -1.31 -2.58 18.04
N ILE B 460 -2.02 -1.89 18.94
CA ILE B 460 -2.50 -0.53 18.72
C ILE B 460 -1.91 0.39 19.78
N LEU B 461 -1.93 1.70 19.49
CA LEU B 461 -1.33 2.70 20.37
C LEU B 461 -2.27 3.07 21.51
N LEU B 462 -1.74 3.08 22.73
CA LEU B 462 -2.48 3.48 23.93
C LEU B 462 -1.54 4.27 24.82
N ASP B 463 -2.11 4.84 25.89
CA ASP B 463 -1.30 5.51 26.90
C ASP B 463 -1.19 4.64 28.14
N LYS B 464 -0.59 5.18 29.20
CA LYS B 464 -0.32 4.39 30.40
C LYS B 464 -1.58 4.07 31.21
N GLU B 465 -2.66 4.82 31.01
CA GLU B 465 -3.93 4.54 31.66
C GLU B 465 -4.90 3.77 30.75
N ASN B 466 -4.40 3.23 29.65
CA ASN B 466 -5.17 2.40 28.71
C ASN B 466 -6.28 3.19 28.01
N ARG B 467 -6.03 4.45 27.69
CA ARG B 467 -6.98 5.26 26.93
C ARG B 467 -6.47 5.46 25.51
N TYR B 468 -7.40 5.50 24.56
CA TYR B 468 -7.04 5.64 23.15
C TYR B 468 -6.46 7.03 22.89
N ARG B 469 -5.48 7.09 21.99
CA ARG B 469 -4.69 8.30 21.76
C ARG B 469 -4.63 8.61 20.28
N ILE B 470 -4.69 9.89 19.96
CA ILE B 470 -4.41 10.43 18.62
C ILE B 470 -3.18 11.33 18.74
N PRO B 471 -2.02 10.91 18.27
CA PRO B 471 -0.80 11.71 18.44
C PRO B 471 -0.82 12.96 17.55
N ARG B 472 -0.01 13.95 17.97
CA ARG B 472 0.08 15.20 17.24
C ARG B 472 0.69 15.02 15.86
N SER B 473 1.68 14.13 15.75
CA SER B 473 2.40 13.96 14.49
C SER B 473 1.50 13.46 13.37
N ALA B 474 0.62 12.49 13.66
CA ALA B 474 -0.28 11.97 12.64
C ALA B 474 -1.26 13.02 12.15
N LEU B 475 -1.82 13.80 13.08
CA LEU B 475 -2.75 14.87 12.70
C LEU B 475 -2.04 15.95 11.88
N ARG B 476 -0.81 16.30 12.25
CA ARG B 476 -0.04 17.27 11.47
C ARG B 476 0.23 16.76 10.06
N GLY B 477 0.60 15.47 9.94
CA GLY B 477 0.81 14.90 8.62
C GLY B 477 -0.42 14.89 7.75
N ALA B 478 -1.56 14.53 8.33
CA ALA B 478 -2.81 14.56 7.57
C ALA B 478 -3.17 15.98 7.13
N LEU B 479 -2.97 16.96 8.02
CA LEU B 479 -3.25 18.35 7.66
C LEU B 479 -2.34 18.83 6.53
N ARG B 480 -1.05 18.47 6.57
CA ARG B 480 -0.16 18.85 5.48
C ARG B 480 -0.57 18.19 4.16
N ARG B 481 -0.96 16.91 4.22
CA ARG B 481 -1.40 16.21 3.01
C ARG B 481 -2.63 16.86 2.42
N ASP B 482 -3.59 17.30 3.25
CA ASP B 482 -4.77 17.96 2.72
C ASP B 482 -4.49 19.37 2.22
N LEU B 483 -3.60 20.11 2.88
CA LEU B 483 -3.27 21.45 2.41
C LEU B 483 -2.58 21.41 1.06
N ARG B 484 -1.68 20.45 0.84
CA ARG B 484 -1.03 20.34 -0.46
C ARG B 484 -2.05 20.05 -1.57
N THR B 485 -3.04 19.21 -1.28
CA THR B 485 -4.10 18.96 -2.26
C THR B 485 -4.94 20.21 -2.51
N ALA B 486 -5.25 20.97 -1.46
CA ALA B 486 -6.04 22.19 -1.62
C ALA B 486 -5.30 23.27 -2.39
N PHE B 487 -3.98 23.37 -2.25
CA PHE B 487 -3.21 24.37 -2.99
C PHE B 487 -3.02 24.00 -4.45
N GLY B 488 -2.87 22.71 -4.74
CA GLY B 488 -2.57 22.25 -6.08
C GLY B 488 -1.09 22.07 -6.38
N SER B 489 -0.22 22.40 -5.44
CA SER B 489 1.22 22.24 -5.62
C SER B 489 1.87 22.24 -4.24
N GLY B 490 3.13 21.84 -4.20
CA GLY B 490 3.87 21.74 -2.95
C GLY B 490 5.20 21.05 -3.18
N CYS B 491 5.92 20.88 -2.08
CA CYS B 491 7.27 20.33 -2.13
C CYS B 491 7.37 19.05 -1.31
N ASN B 492 8.33 18.21 -1.70
CA ASN B 492 8.71 17.04 -0.93
C ASN B 492 9.69 17.47 0.15
N VAL B 493 9.41 17.10 1.40
CA VAL B 493 10.14 17.65 2.54
C VAL B 493 11.59 17.16 2.50
N SER B 494 12.53 18.11 2.54
CA SER B 494 13.94 17.82 2.60
C SER B 494 14.46 18.05 4.02
N LEU B 495 15.45 17.24 4.41
CA LEU B 495 15.92 17.23 5.79
C LEU B 495 17.27 17.90 5.99
N GLY B 496 17.97 18.27 4.92
CA GLY B 496 19.22 18.98 5.08
C GLY B 496 19.01 20.38 5.63
N GLY B 497 18.38 21.22 4.82
CA GLY B 497 17.90 22.51 5.28
C GLY B 497 18.96 23.55 5.61
N GLN B 498 19.69 24.01 4.60
CA GLN B 498 20.55 25.17 4.79
C GLN B 498 19.77 26.47 4.58
N ILE B 499 18.79 26.46 3.69
CA ILE B 499 17.88 27.58 3.46
C ILE B 499 16.46 27.02 3.53
N LEU B 500 15.61 27.66 4.34
CA LEU B 500 14.26 27.14 4.53
C LEU B 500 13.38 27.43 3.32
N CYS B 501 12.45 26.52 3.07
CA CYS B 501 11.61 26.54 1.86
C CYS B 501 10.67 27.73 1.86
N ASN B 502 10.36 28.22 0.66
CA ASN B 502 9.46 29.36 0.46
C ASN B 502 8.23 28.98 -0.36
N CYS B 503 7.85 27.71 -0.35
CA CYS B 503 6.69 27.29 -1.11
C CYS B 503 5.41 27.69 -0.38
N LYS B 504 4.27 27.46 -1.04
CA LYS B 504 2.98 27.90 -0.47
C LYS B 504 2.62 27.11 0.78
N VAL B 505 2.90 25.81 0.80
CA VAL B 505 2.49 24.98 1.93
C VAL B 505 3.32 25.28 3.18
N CYS B 506 4.64 25.42 3.02
CA CYS B 506 5.51 25.62 4.18
C CYS B 506 5.25 26.94 4.88
N ILE B 507 4.94 28.00 4.12
CA ILE B 507 4.71 29.31 4.71
C ILE B 507 3.54 29.26 5.69
N GLU B 508 2.45 28.59 5.29
CA GLU B 508 1.30 28.44 6.17
C GLU B 508 1.52 27.40 7.26
N MET B 509 2.31 26.35 6.97
CA MET B 509 2.61 25.33 7.98
C MET B 509 3.48 25.87 9.11
N ARG B 510 4.27 26.90 8.87
CA ARG B 510 5.09 27.50 9.92
C ARG B 510 4.29 28.45 10.82
N ARG B 511 2.96 28.42 10.77
CA ARG B 511 2.13 29.28 11.62
C ARG B 511 1.05 28.52 12.37
N ILE B 512 1.06 27.19 12.31
CA ILE B 512 -0.02 26.36 12.83
C ILE B 512 0.47 25.56 14.02
N THR B 513 -0.36 25.50 15.08
CA THR B 513 -0.07 24.72 16.28
C THR B 513 -1.27 23.86 16.61
N LEU B 514 -1.01 22.61 16.98
CA LEU B 514 -2.03 21.62 17.31
C LEU B 514 -1.84 21.15 18.74
N LYS B 515 -2.61 20.15 19.15
CA LYS B 515 -2.52 19.61 20.50
C LYS B 515 -2.81 18.11 20.49
N ASP B 516 -2.27 17.42 21.49
CA ASP B 516 -2.50 16.00 21.67
C ASP B 516 -3.92 15.73 22.16
N SER B 517 -4.43 14.53 21.86
CA SER B 517 -5.82 14.18 22.18
C SER B 517 -5.89 12.80 22.80
N VAL B 518 -6.63 12.70 23.89
CA VAL B 518 -6.88 11.44 24.60
C VAL B 518 -8.35 11.36 24.97
N SER B 519 -8.95 10.19 24.79
CA SER B 519 -10.37 9.99 25.00
C SER B 519 -10.67 9.72 26.48
N ASP B 520 -11.92 9.38 26.77
CA ASP B 520 -12.37 9.06 28.11
C ASP B 520 -12.81 7.60 28.26
N PHE B 521 -12.38 6.74 27.35
CA PHE B 521 -12.82 5.35 27.27
C PHE B 521 -11.61 4.44 27.40
N SER B 522 -11.74 3.38 28.20
CA SER B 522 -10.58 2.56 28.54
C SER B 522 -10.91 1.06 28.55
N GLU B 523 -11.65 0.57 27.57
CA GLU B 523 -11.97 -0.84 27.52
C GLU B 523 -11.17 -1.56 26.43
N PRO B 524 -10.95 -2.86 26.57
CA PRO B 524 -10.03 -3.57 25.66
C PRO B 524 -10.54 -3.56 24.24
N PRO B 525 -9.64 -3.60 23.26
CA PRO B 525 -10.05 -3.60 21.85
C PRO B 525 -10.33 -5.01 21.31
N GLU B 526 -10.76 -5.04 20.05
CA GLU B 526 -11.08 -6.27 19.36
C GLU B 526 -9.98 -6.64 18.37
N ILE B 527 -10.02 -7.88 17.90
CA ILE B 527 -9.01 -8.44 17.00
C ILE B 527 -9.72 -8.96 15.75
N ARG B 528 -9.17 -8.63 14.59
CA ARG B 528 -9.72 -9.04 13.30
C ARG B 528 -8.74 -9.95 12.57
N TYR B 529 -9.26 -11.05 12.03
CA TYR B 529 -8.48 -12.03 11.29
C TYR B 529 -8.56 -11.77 9.79
N ARG B 530 -7.49 -12.15 9.08
CA ARG B 530 -7.43 -12.10 7.63
C ARG B 530 -6.64 -13.30 7.14
N ILE B 531 -6.99 -13.79 5.95
CA ILE B 531 -6.30 -14.91 5.32
C ILE B 531 -6.09 -14.59 3.84
N ALA B 532 -5.47 -15.53 3.13
CA ALA B 532 -5.26 -15.44 1.69
C ALA B 532 -5.67 -16.75 1.04
N LYS B 533 -6.25 -16.66 -0.16
CA LYS B 533 -6.73 -17.83 -0.88
C LYS B 533 -5.73 -18.26 -1.95
N ASN B 534 -5.76 -19.54 -2.28
CA ASN B 534 -4.95 -20.06 -3.36
C ASN B 534 -5.72 -19.92 -4.67
N PRO B 535 -5.22 -19.13 -5.64
CA PRO B 535 -5.99 -18.92 -6.87
C PRO B 535 -6.17 -20.17 -7.71
N GLY B 536 -5.35 -21.21 -7.52
CA GLY B 536 -5.43 -22.39 -8.36
C GLY B 536 -6.41 -23.44 -7.89
N THR B 537 -6.49 -23.66 -6.58
CA THR B 537 -7.41 -24.65 -6.02
C THR B 537 -8.56 -24.04 -5.23
N ALA B 538 -8.57 -22.71 -5.06
CA ALA B 538 -9.63 -22.03 -4.30
C ALA B 538 -9.72 -22.56 -2.87
N THR B 539 -8.57 -22.73 -2.23
CA THR B 539 -8.48 -23.17 -0.85
C THR B 539 -7.53 -22.24 -0.09
N VAL B 540 -7.53 -22.36 1.23
CA VAL B 540 -6.74 -21.46 2.07
C VAL B 540 -5.27 -21.84 2.00
N GLU B 541 -4.42 -20.85 1.73
CA GLU B 541 -2.98 -21.06 1.77
C GLU B 541 -2.53 -21.31 3.19
N ASP B 542 -1.67 -22.30 3.39
CA ASP B 542 -1.21 -22.67 4.72
C ASP B 542 -0.14 -21.69 5.19
N GLY B 543 -0.33 -21.16 6.40
CA GLY B 543 0.63 -20.23 6.97
C GLY B 543 0.44 -18.78 6.57
N SER B 544 -0.80 -18.34 6.38
CA SER B 544 -1.07 -16.97 5.94
C SER B 544 -1.98 -16.22 6.90
N LEU B 545 -2.12 -16.67 8.15
CA LEU B 545 -2.95 -15.98 9.11
C LEU B 545 -2.21 -14.80 9.73
N PHE B 546 -2.90 -13.66 9.85
CA PHE B 546 -2.37 -12.48 10.50
C PHE B 546 -3.53 -11.64 11.02
N ASP B 547 -3.32 -10.97 12.15
CA ASP B 547 -4.39 -10.26 12.84
C ASP B 547 -3.94 -8.84 13.17
N ILE B 548 -4.88 -8.07 13.73
CA ILE B 548 -4.65 -6.67 14.07
C ILE B 548 -5.71 -6.22 15.06
N GLU B 549 -5.43 -5.16 15.80
CA GLU B 549 -6.32 -4.63 16.83
C GLU B 549 -6.89 -3.29 16.39
N VAL B 550 -8.19 -3.09 16.58
CA VAL B 550 -8.88 -1.88 16.17
C VAL B 550 -9.70 -1.34 17.33
N GLY B 551 -10.02 -0.06 17.26
CA GLY B 551 -10.86 0.59 18.24
C GLY B 551 -12.30 0.69 17.82
N PRO B 552 -13.19 1.01 18.76
CA PRO B 552 -14.62 1.04 18.45
C PRO B 552 -15.01 2.26 17.63
N GLU B 553 -16.21 2.19 17.05
CA GLU B 553 -16.77 3.29 16.28
C GLU B 553 -17.80 4.03 17.11
N GLY B 554 -17.72 5.36 17.09
CA GLY B 554 -18.59 6.21 17.89
C GLY B 554 -17.88 6.99 18.97
N LEU B 555 -16.59 6.77 19.17
CA LEU B 555 -15.83 7.51 20.18
C LEU B 555 -15.59 8.96 19.71
N THR B 556 -15.35 9.83 20.69
CA THR B 556 -15.11 11.24 20.45
C THR B 556 -13.82 11.69 21.11
N PHE B 557 -13.14 12.64 20.46
CA PHE B 557 -11.85 13.16 20.89
C PHE B 557 -11.90 14.69 20.83
N PRO B 558 -11.13 15.37 21.68
CA PRO B 558 -11.04 16.84 21.59
C PRO B 558 -10.26 17.29 20.36
N PHE B 559 -10.40 18.57 20.04
CA PHE B 559 -9.71 19.14 18.89
C PHE B 559 -9.38 20.60 19.17
N VAL B 560 -8.13 21.00 18.93
CA VAL B 560 -7.67 22.37 19.14
C VAL B 560 -6.75 22.75 17.98
N LEU B 561 -6.93 23.95 17.43
CA LEU B 561 -6.05 24.49 16.40
C LEU B 561 -5.86 25.98 16.63
N ARG B 562 -4.65 26.46 16.33
CA ARG B 562 -4.30 27.87 16.53
C ARG B 562 -3.57 28.39 15.30
N TYR B 563 -3.91 29.59 14.87
CA TYR B 563 -3.27 30.26 13.74
C TYR B 563 -2.94 31.70 14.12
N ARG B 564 -1.72 32.13 13.83
CA ARG B 564 -1.28 33.49 14.11
C ARG B 564 -0.75 34.11 12.83
N GLY B 565 -1.27 35.28 12.48
CA GLY B 565 -0.86 35.95 11.25
C GLY B 565 -1.62 37.24 11.01
N HIS B 566 -1.64 37.69 9.76
CA HIS B 566 -2.33 38.92 9.38
C HIS B 566 -3.68 38.68 8.72
N LYS B 567 -3.83 37.58 7.98
CA LYS B 567 -5.06 37.26 7.27
C LYS B 567 -5.36 35.78 7.44
N PHE B 568 -6.63 35.45 7.63
CA PHE B 568 -7.00 34.04 7.71
C PHE B 568 -7.11 33.45 6.32
N PRO B 569 -6.37 32.38 6.02
CA PRO B 569 -6.37 31.84 4.65
C PRO B 569 -7.70 31.18 4.31
N GLU B 570 -7.94 31.04 3.00
CA GLU B 570 -9.14 30.37 2.52
C GLU B 570 -8.93 28.90 2.22
N GLN B 571 -7.70 28.47 1.95
CA GLN B 571 -7.43 27.04 1.83
C GLN B 571 -7.65 26.31 3.14
N LEU B 572 -7.24 26.92 4.26
CA LEU B 572 -7.51 26.32 5.56
C LEU B 572 -9.00 26.26 5.87
N SER B 573 -9.74 27.29 5.49
CA SER B 573 -11.19 27.25 5.63
C SER B 573 -11.80 26.13 4.79
N SER B 574 -11.29 25.94 3.58
CA SER B 574 -11.76 24.84 2.73
C SER B 574 -11.49 23.50 3.38
N VAL B 575 -10.29 23.33 3.95
CA VAL B 575 -9.96 22.06 4.62
C VAL B 575 -10.87 21.83 5.82
N ILE B 576 -11.11 22.87 6.62
CA ILE B 576 -11.97 22.72 7.79
C ILE B 576 -13.40 22.35 7.38
N ARG B 577 -13.92 23.00 6.34
CA ARG B 577 -15.25 22.65 5.84
C ARG B 577 -15.29 21.26 5.22
N TYR B 578 -14.17 20.80 4.66
CA TYR B 578 -14.09 19.45 4.12
C TYR B 578 -14.07 18.39 5.20
N TRP B 579 -13.51 18.70 6.37
CA TRP B 579 -13.44 17.76 7.49
C TRP B 579 -14.71 17.74 8.34
N GLU B 580 -15.73 18.52 7.99
CA GLU B 580 -16.90 18.73 8.82
C GLU B 580 -18.13 18.09 8.19
N GLU B 581 -19.03 17.57 9.02
CA GLU B 581 -20.28 17.00 8.57
C GLU B 581 -21.45 17.83 9.08
N ASN B 582 -22.43 18.09 8.21
CA ASN B 582 -23.62 18.83 8.62
C ASN B 582 -24.71 18.63 7.58
N ASP B 583 -25.83 18.01 7.99
CA ASP B 583 -27.09 18.00 7.25
C ASP B 583 -26.91 17.53 5.80
N GLY B 584 -26.56 16.25 5.69
CA GLY B 584 -26.41 15.64 4.39
C GLY B 584 -25.01 15.65 3.84
N LYS B 585 -24.01 15.71 4.70
CA LYS B 585 -22.60 15.70 4.28
C LYS B 585 -21.84 14.74 5.17
N ASN B 586 -20.95 13.96 4.57
CA ASN B 586 -20.09 13.07 5.34
C ASN B 586 -18.81 13.79 5.74
N GLY B 587 -18.16 13.25 6.78
CA GLY B 587 -16.85 13.73 7.19
C GLY B 587 -15.76 12.95 6.46
N MET B 588 -14.77 13.68 5.96
CA MET B 588 -13.76 13.11 5.08
C MET B 588 -12.36 13.35 5.62
N ALA B 589 -12.16 13.05 6.90
CA ALA B 589 -10.85 13.13 7.53
C ALA B 589 -10.31 11.72 7.72
N TRP B 590 -9.32 11.35 6.93
CA TRP B 590 -8.70 10.03 7.01
C TRP B 590 -7.43 10.13 7.86
N LEU B 591 -7.39 9.38 8.96
CA LEU B 591 -6.28 9.40 9.90
C LEU B 591 -5.78 7.99 10.15
N GLY B 592 -4.47 7.84 10.31
CA GLY B 592 -3.88 6.55 10.61
C GLY B 592 -3.60 5.70 9.39
N GLY B 593 -3.67 4.38 9.55
CA GLY B 593 -3.38 3.45 8.48
C GLY B 593 -4.56 2.56 8.14
N LEU B 594 -4.32 1.67 7.19
CA LEU B 594 -5.31 0.70 6.70
C LEU B 594 -6.55 1.40 6.13
N ASP B 595 -6.31 2.43 5.31
CA ASP B 595 -7.40 3.12 4.64
C ASP B 595 -7.99 2.32 3.49
N SER B 596 -7.30 1.29 3.02
CA SER B 596 -7.78 0.49 1.90
C SER B 596 -8.97 -0.37 2.28
N THR B 597 -9.01 -0.86 3.52
CA THR B 597 -10.12 -1.66 4.02
C THR B 597 -11.13 -0.82 4.80
N GLY B 598 -11.00 0.50 4.77
CA GLY B 598 -11.98 1.37 5.37
C GLY B 598 -11.84 1.61 6.85
N LYS B 599 -10.62 1.74 7.35
CA LYS B 599 -10.37 1.98 8.77
C LYS B 599 -9.93 3.42 8.98
N GLY B 600 -10.59 4.11 9.90
CA GLY B 600 -10.12 5.40 10.36
C GLY B 600 -10.63 6.62 9.61
N ARG B 601 -11.95 6.74 9.47
CA ARG B 601 -12.56 7.93 8.89
C ARG B 601 -13.29 8.68 9.99
N PHE B 602 -12.93 9.95 10.19
CA PHE B 602 -13.45 10.75 11.28
C PHE B 602 -14.31 11.89 10.75
N ALA B 603 -14.98 12.57 11.67
CA ALA B 603 -15.81 13.73 11.36
C ALA B 603 -15.63 14.77 12.46
N LEU B 604 -15.86 16.02 12.11
CA LEU B 604 -15.67 17.15 13.01
C LEU B 604 -17.01 17.80 13.30
N LYS B 605 -17.24 18.15 14.56
CA LYS B 605 -18.53 18.69 14.98
C LYS B 605 -18.33 19.66 16.13
N ASP B 606 -19.35 20.51 16.34
CA ASP B 606 -19.37 21.49 17.43
C ASP B 606 -18.19 22.46 17.31
N ILE B 607 -18.17 23.20 16.20
CA ILE B 607 -17.04 24.06 15.87
C ILE B 607 -17.34 25.48 16.34
N LYS B 608 -16.38 26.08 17.04
CA LYS B 608 -16.42 27.48 17.45
C LYS B 608 -15.08 28.13 17.16
N ILE B 609 -15.11 29.39 16.73
CA ILE B 609 -13.92 30.13 16.37
C ILE B 609 -13.91 31.47 17.11
N PHE B 610 -12.77 31.80 17.72
CA PHE B 610 -12.58 33.03 18.47
C PHE B 610 -11.46 33.85 17.84
N GLU B 611 -11.08 34.95 18.50
CA GLU B 611 -10.11 35.87 17.93
C GLU B 611 -9.45 36.68 19.03
N TRP B 612 -8.12 36.80 18.97
CA TRP B 612 -7.36 37.66 19.87
C TRP B 612 -6.84 38.87 19.08
N ASP B 613 -6.88 40.03 19.71
CA ASP B 613 -6.29 41.24 19.14
C ASP B 613 -4.99 41.52 19.87
N LEU B 614 -3.87 41.41 19.15
CA LEU B 614 -2.54 41.45 19.75
C LEU B 614 -1.90 42.83 19.69
N ASN B 615 -2.63 43.86 19.25
CA ASN B 615 -2.12 45.22 19.24
C ASN B 615 -2.65 46.05 20.40
N GLN B 616 -3.97 46.03 20.62
CA GLN B 616 -4.54 46.81 21.72
C GLN B 616 -4.70 45.98 22.99
N LYS B 617 -4.75 44.66 22.87
CA LYS B 617 -5.02 43.80 24.02
C LYS B 617 -3.88 42.83 24.30
N ILE B 618 -2.64 43.30 24.23
CA ILE B 618 -1.50 42.41 24.49
C ILE B 618 -1.39 42.08 25.99
N ASN B 619 -1.72 43.03 26.87
CA ASN B 619 -1.58 42.78 28.30
C ASN B 619 -2.52 41.69 28.78
N GLU B 620 -3.76 41.67 28.28
CA GLU B 620 -4.70 40.61 28.65
C GLU B 620 -4.27 39.26 28.07
N TYR B 621 -3.68 39.25 26.88
CA TYR B 621 -3.15 37.99 26.34
C TYR B 621 -2.01 37.45 27.20
N ILE B 622 -1.10 38.32 27.63
CA ILE B 622 0.01 37.87 28.47
C ILE B 622 -0.51 37.43 29.83
N LYS B 623 -1.48 38.14 30.39
CA LYS B 623 -2.02 37.81 31.70
C LYS B 623 -2.75 36.47 31.71
N GLU B 624 -3.51 36.16 30.66
CA GLU B 624 -4.24 34.91 30.57
C GLU B 624 -3.41 33.76 30.04
N ARG B 625 -2.16 34.01 29.66
CA ARG B 625 -1.26 32.99 29.10
C ARG B 625 -1.84 32.34 27.85
N GLY B 626 -2.61 33.10 27.07
CA GLY B 626 -3.22 32.55 25.88
C GLY B 626 -4.22 31.45 26.14
N MET B 627 -4.67 31.30 27.39
CA MET B 627 -5.59 30.23 27.80
C MET B 627 -5.04 28.85 27.44
N ARG B 628 -3.75 28.64 27.63
CA ARG B 628 -3.13 27.36 27.33
C ARG B 628 -3.45 26.36 28.43
N GLY B 629 -3.93 25.19 28.03
CA GLY B 629 -4.33 24.17 28.97
C GLY B 629 -5.74 24.29 29.50
N LYS B 630 -6.50 25.30 29.06
CA LYS B 630 -7.85 25.53 29.54
C LYS B 630 -8.86 25.62 28.39
N GLU B 631 -8.56 24.94 27.28
CA GLU B 631 -9.47 24.96 26.13
C GLU B 631 -10.73 24.14 26.38
N LYS B 632 -10.65 23.14 27.25
CA LYS B 632 -11.84 22.38 27.62
C LYS B 632 -12.89 23.29 28.27
N GLU B 633 -12.45 24.19 29.14
CA GLU B 633 -13.36 25.16 29.74
C GLU B 633 -13.83 26.21 28.75
N LEU B 634 -13.09 26.45 27.67
CA LEU B 634 -13.53 27.35 26.62
C LEU B 634 -14.59 26.73 25.72
N LEU B 635 -14.54 25.41 25.51
CA LEU B 635 -15.55 24.77 24.67
C LEU B 635 -16.94 24.91 25.29
N GLU B 636 -17.06 24.74 26.60
CA GLU B 636 -18.34 24.80 27.29
C GLU B 636 -18.66 26.18 27.86
N MET B 637 -17.75 27.15 27.71
CA MET B 637 -17.97 28.47 28.27
C MET B 637 -19.08 29.21 27.53
N GLY B 638 -19.91 29.91 28.29
CA GLY B 638 -20.89 30.80 27.67
C GLY B 638 -20.24 32.04 27.12
N GLU B 639 -20.97 32.70 26.21
CA GLU B 639 -20.43 33.89 25.55
C GLU B 639 -20.33 35.07 26.52
N SER B 640 -21.05 35.04 27.64
CA SER B 640 -21.02 36.12 28.61
C SER B 640 -19.92 35.95 29.66
N SER B 641 -19.13 34.87 29.57
CA SER B 641 -18.06 34.63 30.52
C SER B 641 -16.67 34.72 29.89
N LEU B 642 -16.58 35.17 28.65
CA LEU B 642 -15.29 35.24 27.98
C LEU B 642 -14.40 36.29 28.64
N PRO B 643 -13.09 36.04 28.72
CA PRO B 643 -12.18 37.05 29.25
C PRO B 643 -12.05 38.24 28.29
N ASP B 644 -11.58 39.35 28.84
CA ASP B 644 -11.44 40.58 28.07
C ASP B 644 -10.40 40.39 26.97
N GLY B 645 -10.73 40.89 25.77
CA GLY B 645 -9.86 40.81 24.62
C GLY B 645 -10.20 39.70 23.65
N LEU B 646 -11.02 38.73 24.06
CA LEU B 646 -11.39 37.59 23.23
C LEU B 646 -12.83 37.77 22.79
N ILE B 647 -13.06 37.80 21.47
CA ILE B 647 -14.39 38.00 20.91
C ILE B 647 -14.68 36.89 19.91
N PRO B 648 -15.95 36.58 19.65
CA PRO B 648 -16.26 35.59 18.61
C PRO B 648 -15.93 36.11 17.22
N TYR B 649 -15.72 35.16 16.31
CA TYR B 649 -15.41 35.44 14.92
C TYR B 649 -16.65 35.17 14.07
N LYS B 650 -17.03 36.15 13.25
CA LYS B 650 -18.29 36.10 12.52
C LYS B 650 -18.16 36.01 11.02
N PHE B 651 -16.96 36.15 10.46
CA PHE B 651 -16.76 36.17 9.01
C PHE B 651 -16.24 34.83 8.48
N PHE B 652 -16.64 33.73 9.10
CA PHE B 652 -16.23 32.40 8.62
C PHE B 652 -17.07 32.03 7.41
N GLU B 653 -16.41 31.64 6.32
CA GLU B 653 -17.07 31.45 5.05
C GLU B 653 -17.89 30.16 5.04
N GLU B 654 -18.77 30.05 4.06
CA GLU B 654 -19.62 28.89 3.87
C GLU B 654 -18.99 27.92 2.88
N ARG B 655 -19.60 26.74 2.76
CA ARG B 655 -19.07 25.68 1.91
C ARG B 655 -19.05 26.05 0.43
N GLU B 656 -20.10 26.70 -0.05
CA GLU B 656 -20.26 26.96 -1.48
C GLU B 656 -19.64 28.28 -1.94
N CYS B 657 -19.16 29.10 -1.00
CA CYS B 657 -18.52 30.37 -1.34
C CYS B 657 -17.01 30.25 -1.49
N LEU B 658 -16.44 29.08 -1.23
CA LEU B 658 -14.99 28.89 -1.31
C LEU B 658 -14.63 28.30 -2.66
N PHE B 659 -13.74 28.99 -3.38
CA PHE B 659 -13.28 28.51 -4.68
C PHE B 659 -12.52 27.20 -4.53
N PRO B 660 -11.61 27.04 -3.58
CA PRO B 660 -11.14 25.70 -3.23
C PRO B 660 -12.27 24.91 -2.57
N TYR B 661 -12.08 23.59 -2.53
CA TYR B 661 -13.07 22.62 -2.08
C TYR B 661 -14.16 22.44 -3.13
N LYS B 662 -14.18 23.28 -4.15
CA LYS B 662 -15.11 23.12 -5.26
C LYS B 662 -14.46 22.62 -6.53
N GLU B 663 -13.15 22.81 -6.67
CA GLU B 663 -12.40 22.31 -7.81
C GLU B 663 -11.22 21.44 -7.41
N ASN B 664 -10.94 21.28 -6.13
CA ASN B 664 -9.76 20.54 -5.70
C ASN B 664 -10.06 19.43 -4.70
N LEU B 665 -11.01 19.64 -3.79
CA LEU B 665 -11.23 18.70 -2.69
C LEU B 665 -12.49 17.85 -2.85
N LYS B 666 -13.60 18.46 -3.26
CA LYS B 666 -14.85 17.71 -3.38
C LYS B 666 -14.79 16.59 -4.42
N PRO B 667 -14.25 16.79 -5.64
CA PRO B 667 -14.24 15.69 -6.61
C PRO B 667 -13.12 14.69 -6.40
N GLN B 668 -12.48 14.70 -5.23
CA GLN B 668 -11.36 13.80 -4.98
C GLN B 668 -11.82 12.34 -4.93
N TRP B 669 -12.84 12.04 -4.14
CA TRP B 669 -13.35 10.69 -3.97
C TRP B 669 -14.84 10.65 -4.28
N SER B 670 -15.28 9.60 -4.96
CA SER B 670 -16.68 9.35 -5.25
C SER B 670 -17.22 8.24 -4.35
N GLU B 671 -18.54 8.13 -4.29
CA GLU B 671 -19.20 7.19 -3.40
C GLU B 671 -20.24 6.39 -4.18
N VAL B 672 -20.25 5.07 -3.97
CA VAL B 672 -21.25 4.18 -4.53
C VAL B 672 -21.87 3.40 -3.37
N GLN B 673 -23.20 3.40 -3.29
CA GLN B 673 -23.91 2.75 -2.19
C GLN B 673 -25.02 1.88 -2.75
N TYR B 674 -25.18 0.69 -2.20
CA TYR B 674 -26.14 -0.28 -2.73
C TYR B 674 -26.57 -1.24 -1.63
N THR B 675 -27.64 -1.97 -1.91
CA THR B 675 -28.21 -2.95 -0.99
C THR B 675 -28.18 -4.32 -1.63
N ILE B 676 -27.97 -5.36 -0.82
CA ILE B 676 -27.88 -6.74 -1.29
C ILE B 676 -28.98 -7.55 -0.62
N GLU B 677 -29.68 -8.35 -1.43
CA GLU B 677 -30.78 -9.20 -0.96
C GLU B 677 -30.32 -10.65 -0.97
N VAL B 678 -30.38 -11.30 0.19
CA VAL B 678 -29.94 -12.68 0.35
C VAL B 678 -31.14 -13.51 0.79
N GLY B 679 -31.54 -14.48 -0.04
CA GLY B 679 -32.69 -15.29 0.25
C GLY B 679 -32.35 -16.71 0.66
N SER B 680 -31.30 -16.87 1.45
CA SER B 680 -30.83 -18.17 1.89
C SER B 680 -30.01 -17.97 3.17
N PRO B 681 -29.85 -19.01 3.98
CA PRO B 681 -29.08 -18.86 5.22
C PRO B 681 -27.65 -18.41 4.95
N LEU B 682 -27.16 -17.53 5.82
CA LEU B 682 -25.87 -16.88 5.66
C LEU B 682 -25.02 -17.17 6.88
N LEU B 683 -23.78 -17.61 6.65
CA LEU B 683 -22.86 -17.98 7.74
C LEU B 683 -21.45 -17.48 7.40
N THR B 684 -21.07 -16.34 7.97
CA THR B 684 -19.68 -15.89 7.97
C THR B 684 -19.09 -16.25 9.32
N ALA B 685 -18.32 -17.33 9.36
CA ALA B 685 -17.95 -17.95 10.63
C ALA B 685 -16.93 -17.12 11.39
N ASP B 686 -17.09 -17.07 12.71
CA ASP B 686 -16.11 -16.52 13.63
C ASP B 686 -15.48 -17.65 14.41
N THR B 687 -14.15 -17.69 14.45
CA THR B 687 -13.43 -18.86 14.90
C THR B 687 -12.96 -18.80 16.35
N ILE B 688 -12.97 -17.63 16.99
CA ILE B 688 -12.49 -17.50 18.36
C ILE B 688 -13.69 -17.46 19.31
N SER B 689 -14.79 -16.85 18.86
CA SER B 689 -16.01 -16.85 19.65
C SER B 689 -16.54 -18.26 19.86
N ALA B 690 -16.35 -19.14 18.88
CA ALA B 690 -16.73 -20.54 19.06
C ALA B 690 -15.87 -21.26 20.08
N LEU B 691 -14.72 -20.69 20.46
CA LEU B 691 -13.86 -21.27 21.48
C LEU B 691 -14.02 -20.62 22.85
N THR B 692 -14.44 -19.36 22.92
CA THR B 692 -14.53 -18.65 24.18
C THR B 692 -15.95 -18.56 24.75
N GLU B 693 -16.98 -18.57 23.91
CA GLU B 693 -18.34 -18.44 24.41
C GLU B 693 -18.86 -19.75 24.99
N PRO B 694 -19.76 -19.68 25.97
CA PRO B 694 -20.21 -20.91 26.65
C PRO B 694 -21.36 -21.63 25.97
N GLY B 695 -21.78 -21.20 24.78
CA GLY B 695 -22.94 -21.79 24.13
C GLY B 695 -22.76 -23.22 23.68
N ASN B 696 -21.51 -23.70 23.59
CA ASN B 696 -21.21 -25.06 23.14
C ASN B 696 -21.78 -25.32 21.74
N ARG B 697 -21.29 -24.54 20.79
CA ARG B 697 -21.74 -24.60 19.41
C ARG B 697 -20.53 -24.67 18.49
N ASP B 698 -20.73 -25.28 17.32
CA ASP B 698 -19.63 -25.58 16.40
C ASP B 698 -19.27 -24.44 15.46
N ALA B 699 -20.26 -23.69 14.97
CA ALA B 699 -19.99 -22.62 14.02
C ALA B 699 -21.06 -21.54 14.21
N ILE B 700 -20.63 -20.32 14.50
CA ILE B 700 -21.52 -19.20 14.75
C ILE B 700 -21.13 -18.03 13.87
N ALA B 701 -21.97 -17.00 13.87
CA ALA B 701 -21.82 -15.85 12.99
C ALA B 701 -20.97 -14.76 13.65
N TYR B 702 -20.71 -13.70 12.88
CA TYR B 702 -19.83 -12.62 13.29
C TYR B 702 -20.62 -11.39 13.68
N LYS B 703 -20.15 -10.69 14.71
CA LYS B 703 -20.78 -9.47 15.20
C LYS B 703 -19.75 -8.61 15.89
N LYS B 704 -20.06 -7.31 16.02
CA LYS B 704 -19.10 -6.33 16.52
C LYS B 704 -19.77 -5.43 17.56
N ARG B 705 -18.94 -4.62 18.21
CA ARG B 705 -19.37 -3.72 19.28
C ARG B 705 -19.41 -2.28 18.79
N VAL B 706 -20.44 -1.55 19.19
CA VAL B 706 -20.65 -0.16 18.77
C VAL B 706 -20.81 0.70 20.01
N TYR B 707 -20.10 1.84 20.04
CA TYR B 707 -20.14 2.76 21.17
C TYR B 707 -21.22 3.81 20.94
N ASN B 708 -21.99 4.10 21.99
CA ASN B 708 -23.05 5.09 21.93
C ASN B 708 -22.60 6.35 22.65
N ASP B 709 -22.60 7.48 21.92
CA ASP B 709 -22.14 8.73 22.50
C ASP B 709 -23.10 9.22 23.58
N GLY B 710 -24.36 9.44 23.21
CA GLY B 710 -25.38 9.74 24.21
C GLY B 710 -25.51 8.58 25.17
N ASN B 711 -25.52 8.90 26.47
CA ASN B 711 -25.51 8.04 27.66
C ASN B 711 -24.14 7.40 27.90
N ASN B 712 -23.19 7.58 26.99
CA ASN B 712 -21.78 7.28 27.23
C ASN B 712 -21.55 5.83 27.67
N ALA B 713 -21.90 4.90 26.80
CA ALA B 713 -21.68 3.48 27.11
C ALA B 713 -21.65 2.67 25.82
N ILE B 714 -21.07 1.48 25.92
CA ILE B 714 -21.15 0.50 24.83
C ILE B 714 -22.56 -0.05 24.79
N GLU B 715 -23.12 -0.14 23.58
CA GLU B 715 -24.48 -0.62 23.44
C GLU B 715 -24.59 -2.07 23.91
N PRO B 716 -25.67 -2.42 24.61
CA PRO B 716 -25.77 -3.76 25.21
C PRO B 716 -26.14 -4.88 24.25
N GLU B 717 -26.16 -4.63 22.94
CA GLU B 717 -26.42 -5.69 21.98
C GLU B 717 -25.45 -5.56 20.81
N PRO B 718 -24.97 -6.67 20.27
CA PRO B 718 -24.06 -6.61 19.12
C PRO B 718 -24.83 -6.40 17.81
N ARG B 719 -24.07 -6.20 16.74
CA ARG B 719 -24.63 -5.98 15.41
C ARG B 719 -23.98 -6.95 14.43
N PHE B 720 -24.79 -7.73 13.72
CA PHE B 720 -24.27 -8.65 12.71
C PHE B 720 -23.93 -7.90 11.43
N ALA B 721 -22.83 -8.29 10.79
CA ALA B 721 -22.36 -7.60 9.60
C ALA B 721 -21.48 -8.55 8.79
N VAL B 722 -20.98 -8.03 7.66
CA VAL B 722 -20.02 -8.72 6.81
C VAL B 722 -18.77 -7.86 6.72
N LYS B 723 -17.61 -8.45 7.00
CA LYS B 723 -16.37 -7.71 7.06
C LYS B 723 -16.00 -7.13 5.71
N SER B 724 -15.29 -6.00 5.74
CA SER B 724 -14.88 -5.31 4.52
C SER B 724 -13.77 -6.04 3.76
N GLU B 725 -13.01 -6.90 4.43
CA GLU B 725 -11.96 -7.65 3.75
C GLU B 725 -12.53 -8.69 2.80
N THR B 726 -13.60 -9.39 3.19
CA THR B 726 -14.29 -10.29 2.27
C THR B 726 -14.87 -9.52 1.09
N HIS B 727 -15.46 -8.35 1.38
CA HIS B 727 -16.02 -7.49 0.34
C HIS B 727 -14.95 -7.08 -0.67
N ARG B 728 -13.75 -6.77 -0.19
CA ARG B 728 -12.66 -6.40 -1.08
C ARG B 728 -12.15 -7.60 -1.88
N GLY B 729 -11.97 -8.74 -1.20
CA GLY B 729 -11.44 -9.92 -1.87
C GLY B 729 -12.33 -10.45 -2.96
N ILE B 730 -13.66 -10.35 -2.78
CA ILE B 730 -14.56 -10.82 -3.83
C ILE B 730 -14.37 -10.01 -5.11
N PHE B 731 -14.31 -8.67 -4.99
CA PHE B 731 -14.07 -7.83 -6.16
C PHE B 731 -12.72 -8.13 -6.79
N ARG B 732 -11.68 -8.27 -5.96
CA ARG B 732 -10.35 -8.51 -6.49
C ARG B 732 -10.30 -9.82 -7.27
N THR B 733 -10.87 -10.89 -6.72
CA THR B 733 -10.89 -12.17 -7.42
C THR B 733 -11.72 -12.11 -8.69
N ALA B 734 -12.87 -11.43 -8.66
CA ALA B 734 -13.70 -11.33 -9.86
C ALA B 734 -12.94 -10.63 -10.98
N VAL B 735 -12.32 -9.49 -10.69
CA VAL B 735 -11.58 -8.77 -11.72
C VAL B 735 -10.38 -9.57 -12.21
N GLY B 736 -9.66 -10.22 -11.29
CA GLY B 736 -8.50 -11.00 -11.70
C GLY B 736 -8.85 -12.16 -12.59
N ARG B 737 -9.95 -12.88 -12.27
CA ARG B 737 -10.40 -13.95 -13.15
C ARG B 737 -10.90 -13.40 -14.48
N ARG B 738 -11.49 -12.20 -14.48
CA ARG B 738 -11.98 -11.61 -15.72
C ARG B 738 -10.83 -11.26 -16.66
N THR B 739 -9.75 -10.67 -16.14
CA THR B 739 -8.66 -10.22 -17.00
C THR B 739 -7.56 -11.25 -17.17
N GLY B 740 -7.52 -12.29 -16.35
CA GLY B 740 -6.46 -13.28 -16.43
C GLY B 740 -5.19 -12.91 -15.70
N ASP B 741 -5.21 -11.87 -14.88
CA ASP B 741 -4.02 -11.47 -14.12
C ASP B 741 -3.83 -12.31 -12.86
N LEU B 742 -4.85 -13.04 -12.43
CA LEU B 742 -4.78 -13.84 -11.21
C LEU B 742 -3.89 -15.07 -11.36
N GLY B 743 -3.55 -15.46 -12.59
CA GLY B 743 -2.76 -16.66 -12.81
C GLY B 743 -1.28 -16.39 -13.00
N LYS B 744 -0.83 -15.17 -12.69
CA LYS B 744 0.58 -14.83 -12.82
C LYS B 744 1.37 -15.42 -11.66
N GLU B 745 2.70 -15.32 -11.76
CA GLU B 745 3.57 -15.87 -10.72
C GLU B 745 3.83 -14.86 -9.59
N ASP B 746 4.21 -13.63 -9.93
CA ASP B 746 4.47 -12.63 -8.92
C ASP B 746 4.22 -11.25 -9.51
N HIS B 747 4.06 -10.27 -8.61
CA HIS B 747 3.79 -8.90 -9.00
C HIS B 747 4.80 -7.94 -8.40
N GLU B 748 6.09 -8.30 -8.49
CA GLU B 748 7.14 -7.48 -7.89
C GLU B 748 7.18 -6.09 -8.52
N ASP B 749 7.46 -6.01 -9.81
CA ASP B 749 7.48 -4.75 -10.54
C ASP B 749 6.40 -4.74 -11.61
N CYS B 750 5.23 -5.26 -11.28
CA CYS B 750 4.15 -5.46 -12.22
C CYS B 750 3.36 -4.18 -12.45
N THR B 751 2.76 -4.07 -13.63
CA THR B 751 1.93 -2.93 -14.00
C THR B 751 0.67 -3.42 -14.72
N CYS B 752 0.11 -4.53 -14.26
CA CYS B 752 -1.09 -5.08 -14.87
C CYS B 752 -2.31 -4.30 -14.42
N ASP B 753 -3.48 -4.65 -14.96
CA ASP B 753 -4.71 -3.96 -14.59
C ASP B 753 -5.05 -4.16 -13.13
N MET B 754 -4.88 -5.39 -12.63
CA MET B 754 -5.18 -5.67 -11.22
C MET B 754 -4.26 -4.89 -10.30
N CYS B 755 -2.97 -4.80 -10.63
CA CYS B 755 -2.05 -4.03 -9.82
C CYS B 755 -2.30 -2.53 -9.91
N ILE B 756 -2.78 -2.04 -11.05
CA ILE B 756 -3.12 -0.62 -11.16
C ILE B 756 -4.34 -0.29 -10.31
N ILE B 757 -5.38 -1.15 -10.35
CA ILE B 757 -6.59 -0.83 -9.63
C ILE B 757 -6.47 -1.10 -8.13
N PHE B 758 -5.84 -2.20 -7.74
CA PHE B 758 -5.82 -2.63 -6.34
C PHE B 758 -4.47 -2.42 -5.66
N GLY B 759 -3.45 -1.98 -6.38
CA GLY B 759 -2.17 -1.67 -5.78
C GLY B 759 -1.35 -2.90 -5.45
N ASN B 760 -0.13 -2.65 -5.01
CA ASN B 760 0.80 -3.70 -4.60
C ASN B 760 1.71 -3.12 -3.52
N GLU B 761 2.82 -3.79 -3.26
CA GLU B 761 3.77 -3.33 -2.25
C GLU B 761 4.56 -2.09 -2.69
N HIS B 762 4.26 -1.47 -3.83
CA HIS B 762 4.93 -0.26 -4.26
C HIS B 762 4.02 0.95 -4.32
N GLU B 763 2.71 0.77 -4.33
CA GLU B 763 1.79 1.89 -4.39
C GLU B 763 0.47 1.50 -3.74
N SER B 764 -0.19 2.46 -3.11
CA SER B 764 -1.42 2.20 -2.39
C SER B 764 -2.58 1.97 -3.37
N SER B 765 -3.69 1.50 -2.81
CA SER B 765 -4.88 1.20 -3.60
C SER B 765 -5.57 2.48 -4.04
N LYS B 766 -6.46 2.32 -5.03
CA LYS B 766 -7.27 3.43 -5.53
C LYS B 766 -8.77 3.19 -5.30
N ILE B 767 -9.11 2.26 -4.41
CA ILE B 767 -10.49 1.96 -4.09
C ILE B 767 -10.54 1.47 -2.65
N ARG B 768 -11.54 1.93 -1.89
CA ARG B 768 -11.63 1.69 -0.46
C ARG B 768 -13.00 1.13 -0.13
N PHE B 769 -13.03 0.05 0.66
CA PHE B 769 -14.25 -0.70 0.95
C PHE B 769 -14.66 -0.54 2.40
N GLU B 770 -15.93 -0.77 2.69
CA GLU B 770 -16.48 -0.75 4.03
C GLU B 770 -17.30 -2.02 4.30
N ASP B 771 -17.98 -2.05 5.44
CA ASP B 771 -18.71 -3.24 5.86
C ASP B 771 -20.12 -3.25 5.29
N LEU B 772 -20.71 -4.44 5.27
CA LEU B 772 -22.10 -4.67 4.89
C LEU B 772 -22.87 -5.02 6.15
N GLU B 773 -23.87 -4.20 6.50
CA GLU B 773 -24.54 -4.29 7.78
C GLU B 773 -26.00 -4.70 7.61
N LEU B 774 -26.45 -5.61 8.48
CA LEU B 774 -27.83 -6.05 8.48
C LEU B 774 -28.73 -4.93 9.00
N ILE B 775 -29.81 -4.65 8.27
CA ILE B 775 -30.67 -3.52 8.57
C ILE B 775 -32.12 -3.90 8.86
N ASN B 776 -32.52 -5.15 8.62
CA ASN B 776 -33.88 -5.58 8.90
C ASN B 776 -33.91 -6.77 9.86
N GLY B 777 -33.01 -6.79 10.84
CA GLY B 777 -32.95 -7.89 11.77
C GLY B 777 -34.02 -7.92 12.83
N ASN B 778 -34.75 -6.82 13.01
CA ASN B 778 -35.79 -6.77 14.03
C ASN B 778 -37.11 -7.37 13.54
N GLU B 779 -37.23 -7.66 12.25
CA GLU B 779 -38.46 -8.24 11.73
C GLU B 779 -38.57 -9.74 12.01
N PHE B 780 -37.49 -10.39 12.39
CA PHE B 780 -37.49 -11.84 12.54
C PHE B 780 -37.80 -12.23 13.98
N GLU B 781 -38.73 -13.19 14.12
CA GLU B 781 -39.07 -13.70 15.44
C GLU B 781 -37.90 -14.46 16.05
N LYS B 782 -37.18 -15.25 15.25
CA LYS B 782 -36.00 -15.97 15.71
C LYS B 782 -34.94 -15.82 14.62
N LEU B 783 -33.91 -15.01 14.91
CA LEU B 783 -32.97 -14.61 13.87
C LEU B 783 -32.00 -15.72 13.49
N GLU B 784 -31.72 -16.66 14.39
CA GLU B 784 -30.76 -17.72 14.14
C GLU B 784 -31.46 -19.07 14.12
N LYS B 785 -30.95 -19.97 13.28
CA LYS B 785 -31.53 -21.29 13.09
C LYS B 785 -30.48 -22.37 13.30
N HIS B 786 -30.91 -23.50 13.82
CA HIS B 786 -30.04 -24.63 14.12
C HIS B 786 -30.24 -25.72 13.07
N ILE B 787 -29.15 -26.15 12.42
CA ILE B 787 -29.18 -27.13 11.36
C ILE B 787 -28.11 -28.19 11.64
N ASP B 788 -28.38 -29.43 11.22
CA ASP B 788 -27.48 -30.55 11.48
C ASP B 788 -27.12 -31.26 10.18
N HIS B 789 -25.95 -31.88 10.15
CA HIS B 789 -25.44 -32.58 8.98
C HIS B 789 -24.71 -33.84 9.41
N VAL B 790 -24.60 -34.81 8.49
CA VAL B 790 -23.90 -36.06 8.76
C VAL B 790 -23.48 -36.69 7.43
N ALA B 791 -22.49 -37.58 7.49
CA ALA B 791 -21.98 -38.28 6.33
C ALA B 791 -22.42 -39.74 6.34
N ILE B 792 -22.84 -40.24 5.18
CA ILE B 792 -23.41 -41.58 5.04
C ILE B 792 -22.38 -42.49 4.39
N ASP B 793 -22.17 -43.66 5.00
CA ASP B 793 -21.24 -44.64 4.47
C ASP B 793 -21.77 -45.25 3.17
N ARG B 794 -20.84 -45.76 2.36
CA ARG B 794 -21.19 -46.28 1.05
C ARG B 794 -21.51 -47.77 1.06
N PHE B 795 -20.91 -48.54 1.96
CA PHE B 795 -21.13 -49.98 2.01
C PHE B 795 -22.31 -50.34 2.91
N THR B 796 -22.21 -50.00 4.19
CA THR B 796 -23.25 -50.37 5.15
C THR B 796 -24.51 -49.52 5.04
N GLY B 797 -24.43 -48.35 4.42
CA GLY B 797 -25.59 -47.51 4.20
C GLY B 797 -26.04 -46.69 5.38
N GLY B 798 -25.33 -46.75 6.51
CA GLY B 798 -25.68 -46.01 7.69
C GLY B 798 -24.73 -44.84 7.93
N ALA B 799 -25.14 -43.98 8.87
CA ALA B 799 -24.36 -42.80 9.20
C ALA B 799 -23.03 -43.20 9.84
N LEU B 800 -22.03 -42.35 9.63
CA LEU B 800 -20.68 -42.60 10.10
C LEU B 800 -20.52 -42.13 11.55
N ASP B 801 -19.75 -42.88 12.31
CA ASP B 801 -19.54 -42.57 13.73
C ASP B 801 -18.75 -41.28 13.88
N LYS B 802 -19.07 -40.52 14.93
CA LYS B 802 -18.45 -39.24 15.26
C LYS B 802 -18.16 -38.40 14.02
N ALA B 803 -19.22 -38.13 13.26
CA ALA B 803 -19.10 -37.32 12.06
C ALA B 803 -20.19 -36.26 11.95
N LYS B 804 -20.97 -36.05 13.01
CA LYS B 804 -22.06 -35.08 12.97
C LYS B 804 -21.57 -33.71 13.38
N PHE B 805 -22.08 -32.68 12.69
CA PHE B 805 -21.72 -31.30 12.98
C PHE B 805 -22.93 -30.42 12.76
N ASP B 806 -22.93 -29.25 13.40
CA ASP B 806 -24.07 -28.35 13.36
C ASP B 806 -23.59 -26.91 13.15
N THR B 807 -24.48 -26.09 12.61
CA THR B 807 -24.21 -24.69 12.31
C THR B 807 -25.33 -23.81 12.85
N TYR B 808 -25.06 -22.50 12.93
CA TYR B 808 -26.02 -21.50 13.36
C TYR B 808 -26.03 -20.33 12.37
N PRO B 809 -26.59 -20.51 11.18
CA PRO B 809 -26.69 -19.41 10.23
C PRO B 809 -27.86 -18.49 10.53
N LEU B 810 -27.86 -17.33 9.87
CA LEU B 810 -28.98 -16.42 9.93
C LEU B 810 -30.13 -16.95 9.08
N ALA B 811 -31.36 -16.75 9.55
CA ALA B 811 -32.53 -17.41 8.98
C ALA B 811 -33.07 -16.61 7.79
N GLY B 812 -32.46 -16.83 6.63
CA GLY B 812 -33.00 -16.28 5.41
C GLY B 812 -33.85 -17.29 4.65
N SER B 813 -34.85 -16.77 3.93
CA SER B 813 -35.78 -17.60 3.19
C SER B 813 -36.16 -16.89 1.91
N PRO B 814 -36.61 -17.61 0.89
CA PRO B 814 -36.94 -16.96 -0.39
C PRO B 814 -38.00 -15.88 -0.28
N LYS B 815 -39.01 -16.03 0.59
CA LYS B 815 -40.07 -15.06 0.73
C LYS B 815 -39.82 -14.09 1.88
N LYS B 816 -38.65 -14.16 2.51
CA LYS B 816 -38.27 -13.26 3.60
C LYS B 816 -36.76 -13.12 3.63
N PRO B 817 -36.16 -12.40 2.69
CA PRO B 817 -34.71 -12.36 2.57
C PRO B 817 -34.08 -11.43 3.61
N LEU B 818 -32.75 -11.34 3.56
CA LEU B 818 -31.97 -10.49 4.44
C LEU B 818 -31.45 -9.29 3.66
N LYS B 819 -31.39 -8.14 4.34
CA LYS B 819 -31.00 -6.88 3.72
C LYS B 819 -29.68 -6.42 4.31
N LEU B 820 -28.68 -6.22 3.44
CA LEU B 820 -27.36 -5.77 3.83
C LEU B 820 -26.99 -4.53 3.03
N LYS B 821 -26.39 -3.54 3.71
CA LYS B 821 -26.12 -2.24 3.10
C LYS B 821 -24.66 -1.88 3.27
N GLY B 822 -24.01 -1.46 2.18
CA GLY B 822 -22.61 -1.09 2.22
C GLY B 822 -22.22 -0.08 1.15
N ARG B 823 -20.93 0.27 1.07
CA ARG B 823 -20.47 1.28 0.14
C ARG B 823 -18.99 1.12 -0.09
N PHE B 824 -18.49 1.77 -1.15
CA PHE B 824 -17.06 1.90 -1.39
C PHE B 824 -16.78 3.23 -2.06
N TRP B 825 -15.51 3.61 -2.12
CA TRP B 825 -15.07 4.91 -2.63
C TRP B 825 -14.10 4.70 -3.79
N ILE B 826 -14.18 5.58 -4.79
CA ILE B 826 -13.34 5.51 -5.99
C ILE B 826 -12.61 6.83 -6.16
N LYS B 827 -11.31 6.75 -6.45
CA LYS B 827 -10.51 7.93 -6.67
C LYS B 827 -10.67 8.45 -8.11
N LYS B 828 -10.54 9.76 -8.26
CA LYS B 828 -10.69 10.38 -9.57
C LYS B 828 -9.48 10.07 -10.46
N GLY B 829 -9.70 10.15 -11.77
CA GLY B 829 -8.67 9.88 -12.73
C GLY B 829 -8.70 8.51 -13.36
N PHE B 830 -9.72 7.70 -13.07
CA PHE B 830 -9.82 6.37 -13.65
C PHE B 830 -10.01 6.45 -15.17
N SER B 831 -9.48 5.45 -15.86
CA SER B 831 -9.63 5.36 -17.31
C SER B 831 -11.03 4.88 -17.67
N GLY B 832 -11.30 4.79 -18.96
CA GLY B 832 -12.60 4.32 -19.43
C GLY B 832 -12.80 2.83 -19.40
N ASP B 833 -11.75 2.06 -19.15
CA ASP B 833 -11.84 0.61 -19.12
C ASP B 833 -11.96 0.05 -17.72
N HIS B 834 -11.30 0.70 -16.75
CA HIS B 834 -11.39 0.23 -15.36
C HIS B 834 -12.79 0.41 -14.80
N LYS B 835 -13.48 1.48 -15.18
CA LYS B 835 -14.87 1.65 -14.76
C LYS B 835 -15.74 0.51 -15.31
N LEU B 836 -15.53 0.15 -16.57
CA LEU B 836 -16.26 -0.96 -17.16
C LEU B 836 -15.95 -2.27 -16.44
N LEU B 837 -14.69 -2.48 -16.06
CA LEU B 837 -14.33 -3.67 -15.29
C LEU B 837 -15.05 -3.70 -13.96
N ILE B 838 -15.12 -2.57 -13.27
CA ILE B 838 -15.79 -2.52 -11.97
C ILE B 838 -17.29 -2.80 -12.12
N THR B 839 -17.92 -2.20 -13.13
CA THR B 839 -19.34 -2.46 -13.36
C THR B 839 -19.59 -3.91 -13.74
N THR B 840 -18.68 -4.52 -14.52
CA THR B 840 -18.82 -5.93 -14.85
C THR B 840 -18.70 -6.81 -13.61
N ALA B 841 -17.80 -6.46 -12.69
CA ALA B 841 -17.71 -7.20 -11.43
C ALA B 841 -19.00 -7.07 -10.63
N LEU B 842 -19.58 -5.86 -10.57
CA LEU B 842 -20.85 -5.68 -9.87
C LEU B 842 -21.94 -6.52 -10.51
N SER B 843 -22.01 -6.55 -11.84
CA SER B 843 -23.02 -7.35 -12.51
C SER B 843 -22.82 -8.83 -12.26
N ASP B 844 -21.58 -9.31 -12.27
CA ASP B 844 -21.31 -10.71 -11.99
C ASP B 844 -21.71 -11.08 -10.57
N ILE B 845 -21.49 -10.19 -9.60
CA ILE B 845 -21.93 -10.46 -8.24
C ILE B 845 -23.45 -10.46 -8.17
N ARG B 846 -24.11 -9.58 -8.92
CA ARG B 846 -25.57 -9.53 -8.91
C ARG B 846 -26.20 -10.80 -9.46
N ASP B 847 -25.53 -11.47 -10.40
CA ASP B 847 -26.07 -12.64 -11.08
C ASP B 847 -25.84 -13.93 -10.32
N GLY B 848 -25.31 -13.85 -9.11
CA GLY B 848 -25.14 -15.05 -8.30
C GLY B 848 -23.96 -15.92 -8.66
N LEU B 849 -22.89 -15.34 -9.20
CA LEU B 849 -21.69 -16.10 -9.51
C LEU B 849 -20.72 -16.18 -8.34
N TYR B 850 -20.94 -15.43 -7.26
CA TYR B 850 -20.04 -15.40 -6.11
C TYR B 850 -20.85 -15.37 -4.83
N PRO B 851 -21.05 -16.51 -4.18
CA PRO B 851 -21.80 -16.53 -2.92
C PRO B 851 -21.00 -15.89 -1.79
N LEU B 852 -21.73 -15.45 -0.76
CA LEU B 852 -21.15 -14.82 0.41
C LEU B 852 -21.02 -15.83 1.54
N GLY B 853 -19.88 -15.78 2.25
CA GLY B 853 -19.69 -16.65 3.38
C GLY B 853 -19.14 -18.01 3.00
N SER B 854 -19.51 -19.02 3.79
CA SER B 854 -19.03 -20.38 3.61
C SER B 854 -20.17 -21.32 3.23
N LYS B 855 -19.78 -22.54 2.86
CA LYS B 855 -20.72 -23.60 2.50
C LYS B 855 -21.60 -23.21 1.33
N GLY B 856 -21.01 -22.54 0.34
CA GLY B 856 -21.78 -22.09 -0.82
C GLY B 856 -22.16 -23.20 -1.78
N GLY B 857 -21.53 -24.36 -1.67
CA GLY B 857 -21.82 -25.49 -2.53
C GLY B 857 -23.02 -26.30 -2.14
N VAL B 858 -23.69 -25.96 -1.04
CA VAL B 858 -24.89 -26.66 -0.59
C VAL B 858 -26.06 -25.68 -0.40
N GLY B 859 -25.93 -24.45 -0.89
CA GLY B 859 -27.03 -23.52 -0.91
C GLY B 859 -26.95 -22.36 0.06
N TYR B 860 -25.84 -22.18 0.77
CA TYR B 860 -25.73 -21.08 1.72
C TYR B 860 -25.30 -19.80 1.02
N GLY B 861 -25.91 -18.69 1.43
CA GLY B 861 -25.46 -17.37 1.00
C GLY B 861 -25.55 -17.06 -0.47
N TRP B 862 -26.68 -17.37 -1.10
CA TRP B 862 -26.89 -17.06 -2.51
C TRP B 862 -27.61 -15.72 -2.67
N VAL B 863 -27.09 -14.89 -3.57
CA VAL B 863 -27.58 -13.53 -3.76
C VAL B 863 -28.76 -13.55 -4.72
N ALA B 864 -29.85 -12.89 -4.33
CA ALA B 864 -31.06 -12.84 -5.14
C ALA B 864 -31.25 -11.54 -5.89
N GLY B 865 -30.52 -10.49 -5.55
CA GLY B 865 -30.66 -9.22 -6.25
C GLY B 865 -29.83 -8.14 -5.59
N ILE B 866 -29.80 -7.00 -6.26
CA ILE B 866 -29.06 -5.82 -5.80
C ILE B 866 -29.78 -4.57 -6.29
N SER B 867 -29.94 -3.59 -5.40
CA SER B 867 -30.55 -2.31 -5.74
C SER B 867 -29.54 -1.20 -5.48
N ILE B 868 -29.45 -0.26 -6.42
CA ILE B 868 -28.48 0.82 -6.36
C ILE B 868 -29.17 2.07 -5.83
N ASP B 869 -28.43 2.87 -5.06
CA ASP B 869 -28.97 4.12 -4.53
C ASP B 869 -29.19 5.12 -5.65
N ASP B 870 -29.96 6.16 -5.35
CA ASP B 870 -30.33 7.18 -6.33
C ASP B 870 -29.46 8.42 -6.23
N ASN B 871 -28.36 8.36 -5.49
CA ASN B 871 -27.44 9.48 -5.36
C ASN B 871 -26.09 9.22 -6.01
N VAL B 872 -25.86 8.03 -6.55
CA VAL B 872 -24.60 7.66 -7.19
C VAL B 872 -24.48 8.42 -8.51
N PRO B 873 -23.27 8.58 -9.06
CA PRO B 873 -23.14 9.30 -10.32
C PRO B 873 -23.98 8.69 -11.43
N ASP B 874 -24.54 9.55 -12.28
CA ASP B 874 -25.48 9.12 -13.30
C ASP B 874 -24.83 8.16 -14.30
N ASP B 875 -23.58 8.42 -14.69
CA ASP B 875 -22.90 7.53 -15.63
C ASP B 875 -22.73 6.12 -15.07
N PHE B 876 -22.60 5.97 -13.75
CA PHE B 876 -22.49 4.64 -13.16
C PHE B 876 -23.78 3.85 -13.38
N LYS B 877 -24.93 4.47 -13.11
CA LYS B 877 -26.20 3.79 -13.36
C LYS B 877 -26.44 3.56 -14.84
N GLU B 878 -26.02 4.49 -15.69
CA GLU B 878 -26.14 4.29 -17.13
C GLU B 878 -25.33 3.08 -17.58
N MET B 879 -24.11 2.94 -17.07
CA MET B 879 -23.30 1.77 -17.39
C MET B 879 -23.90 0.49 -16.83
N ILE B 880 -24.47 0.55 -15.62
CA ILE B 880 -25.11 -0.64 -15.05
C ILE B 880 -26.28 -1.07 -15.93
N ASN B 881 -27.07 -0.13 -16.43
CA ASN B 881 -28.22 -0.46 -17.24
C ASN B 881 -27.82 -0.96 -18.62
N LYS B 882 -26.87 -0.27 -19.27
CA LYS B 882 -26.50 -0.61 -20.64
C LYS B 882 -25.63 -1.86 -20.70
N THR B 883 -24.52 -1.86 -19.94
CA THR B 883 -23.60 -2.99 -19.89
C THR B 883 -24.15 -4.18 -19.12
N GLU B 884 -25.44 -4.18 -18.80
CA GLU B 884 -26.08 -5.35 -18.24
C GLU B 884 -25.99 -6.51 -19.21
N MET B 885 -25.95 -7.72 -18.67
CA MET B 885 -25.78 -8.92 -19.49
C MET B 885 -26.90 -8.98 -20.52
N PRO B 886 -26.60 -9.10 -21.80
CA PRO B 886 -27.62 -8.87 -22.84
C PRO B 886 -28.78 -9.87 -22.75
N LEU B 887 -29.94 -9.38 -23.15
CA LEU B 887 -31.19 -10.14 -23.03
C LEU B 887 -31.18 -11.33 -23.98
N PRO B 888 -31.36 -12.55 -23.49
CA PRO B 888 -31.48 -13.71 -24.40
C PRO B 888 -32.76 -13.64 -25.22
N GLU B 889 -32.70 -14.18 -26.43
CA GLU B 889 -33.88 -14.29 -27.28
C GLU B 889 -34.55 -15.64 -27.03
N GLU B 890 -35.63 -15.63 -26.26
CA GLU B 890 -36.35 -16.87 -25.98
C GLU B 890 -37.03 -17.37 -27.26
N VAL B 891 -36.79 -18.63 -27.60
CA VAL B 891 -37.33 -19.19 -28.83
C VAL B 891 -38.84 -19.35 -28.70
N GLU B 892 -39.56 -19.09 -29.79
CA GLU B 892 -41.02 -19.12 -29.79
C GLU B 892 -41.50 -20.56 -29.73
N GLU B 893 -41.32 -21.17 -28.54
CA GLU B 893 -41.75 -22.53 -28.20
C GLU B 893 -41.54 -23.54 -29.32
N SER B 894 -40.46 -23.38 -30.08
CA SER B 894 -40.14 -24.36 -31.11
C SER B 894 -39.75 -25.69 -30.50
N ASN B 895 -38.88 -25.65 -29.49
CA ASN B 895 -38.50 -26.85 -28.75
C ASN B 895 -38.35 -26.56 -27.27
N ASN B 896 -39.13 -25.59 -26.76
CA ASN B 896 -39.01 -25.13 -25.39
C ASN B 896 -40.03 -25.78 -24.46
N GLY B 897 -40.44 -27.00 -24.75
CA GLY B 897 -41.33 -27.73 -23.88
C GLY B 897 -40.57 -28.48 -22.81
N PRO B 898 -41.15 -29.57 -22.29
CA PRO B 898 -40.44 -30.39 -21.31
C PRO B 898 -39.32 -31.17 -21.99
N ILE B 899 -38.12 -31.08 -21.43
CA ILE B 899 -36.98 -31.81 -21.96
C ILE B 899 -37.07 -33.24 -21.45
N ASN B 900 -37.70 -34.11 -22.22
CA ASN B 900 -38.02 -35.47 -21.80
C ASN B 900 -37.00 -36.44 -22.35
N ASN B 901 -36.42 -37.25 -21.47
CA ASN B 901 -35.52 -38.32 -21.87
C ASN B 901 -36.34 -39.56 -22.16
N ASP B 902 -36.38 -39.97 -23.43
CA ASP B 902 -37.19 -41.11 -23.86
C ASP B 902 -36.30 -42.34 -23.91
N TYR B 903 -36.44 -43.19 -22.90
CA TYR B 903 -35.68 -44.44 -22.82
C TYR B 903 -36.40 -45.38 -21.88
N VAL B 904 -36.75 -46.56 -22.37
CA VAL B 904 -37.50 -47.55 -21.60
C VAL B 904 -36.61 -48.74 -21.32
N HIS B 905 -36.44 -49.06 -20.04
CA HIS B 905 -35.64 -50.20 -19.64
C HIS B 905 -36.48 -51.47 -19.69
N PRO B 906 -35.89 -52.59 -20.14
CA PRO B 906 -36.64 -53.85 -20.17
C PRO B 906 -37.11 -54.33 -18.80
N GLY B 907 -36.47 -53.91 -17.71
CA GLY B 907 -36.87 -54.36 -16.39
C GLY B 907 -36.39 -55.76 -16.09
N HIS B 908 -37.03 -56.38 -15.11
CA HIS B 908 -36.72 -57.73 -14.67
C HIS B 908 -37.89 -58.66 -15.01
N GLN B 909 -37.55 -59.86 -15.48
CA GLN B 909 -38.56 -60.82 -15.92
C GLN B 909 -39.23 -61.57 -14.78
N SER B 910 -38.60 -61.62 -13.60
CA SER B 910 -39.17 -62.35 -12.46
C SER B 910 -40.50 -61.78 -11.99
N PRO B 911 -40.64 -60.47 -11.76
CA PRO B 911 -41.94 -59.95 -11.32
C PRO B 911 -42.94 -59.73 -12.45
N LYS B 912 -42.50 -59.78 -13.71
CA LYS B 912 -43.44 -59.60 -14.82
C LYS B 912 -44.28 -60.86 -15.06
N GLN B 913 -43.72 -62.05 -14.86
CA GLN B 913 -44.45 -63.28 -15.07
C GLN B 913 -45.35 -63.65 -13.90
N ASP B 914 -45.17 -63.03 -12.74
CA ASP B 914 -46.01 -63.29 -11.57
C ASP B 914 -46.99 -62.14 -11.41
N HIS B 915 -48.15 -62.29 -12.02
CA HIS B 915 -49.19 -61.26 -11.98
C HIS B 915 -50.16 -61.46 -10.82
N LYS B 916 -49.94 -62.46 -9.97
CA LYS B 916 -50.80 -62.70 -8.81
C LYS B 916 -50.11 -62.33 -7.50
N ASN B 917 -48.91 -61.75 -7.55
CA ASN B 917 -48.21 -61.23 -6.37
C ASN B 917 -47.99 -62.32 -5.32
N LYS B 918 -47.21 -63.33 -5.70
CA LYS B 918 -46.92 -64.48 -4.84
C LYS B 918 -45.54 -64.42 -4.23
N ASN B 919 -44.55 -63.89 -4.94
CA ASN B 919 -43.18 -63.91 -4.47
C ASN B 919 -42.94 -62.86 -3.38
N ILE B 920 -41.86 -63.05 -2.63
CA ILE B 920 -41.43 -62.11 -1.60
C ILE B 920 -39.96 -61.74 -1.87
N TYR B 921 -39.69 -60.45 -2.00
CA TYR B 921 -38.39 -59.93 -2.37
C TYR B 921 -37.61 -59.50 -1.12
N TYR B 922 -36.41 -58.97 -1.35
CA TYR B 922 -35.55 -58.47 -0.29
C TYR B 922 -35.37 -56.96 -0.42
N PRO B 923 -35.38 -56.21 0.69
CA PRO B 923 -35.38 -54.75 0.60
C PRO B 923 -34.13 -54.12 0.00
N HIS B 924 -32.98 -54.78 0.02
CA HIS B 924 -31.77 -54.17 -0.54
C HIS B 924 -30.85 -55.24 -1.10
N TYR B 925 -30.05 -54.83 -2.08
CA TYR B 925 -29.03 -55.68 -2.70
C TYR B 925 -27.75 -54.87 -2.85
N PHE B 926 -26.73 -55.49 -3.42
CA PHE B 926 -25.41 -54.88 -3.56
C PHE B 926 -25.00 -54.82 -5.03
N LEU B 927 -24.12 -53.87 -5.34
CA LEU B 927 -23.62 -53.66 -6.68
C LEU B 927 -22.10 -53.84 -6.67
N ASP B 928 -21.60 -54.74 -7.50
CA ASP B 928 -20.18 -55.08 -7.54
C ASP B 928 -19.61 -54.75 -8.91
N SER B 929 -18.49 -54.04 -8.93
CA SER B 929 -17.80 -53.69 -10.16
C SER B 929 -16.30 -53.62 -9.85
N GLY B 930 -15.53 -53.02 -10.75
CA GLY B 930 -14.11 -52.85 -10.52
C GLY B 930 -13.34 -54.14 -10.66
N SER B 931 -12.12 -54.14 -10.13
CA SER B 931 -11.52 -53.00 -9.46
C SER B 931 -10.52 -52.29 -10.37
N LYS B 932 -11.00 -51.31 -11.12
CA LYS B 932 -10.16 -50.55 -12.04
C LYS B 932 -10.66 -49.12 -12.07
N VAL B 933 -9.98 -48.23 -11.34
CA VAL B 933 -10.36 -46.83 -11.22
C VAL B 933 -9.40 -45.99 -12.05
N TYR B 934 -9.96 -45.11 -12.88
CA TYR B 934 -9.17 -44.24 -13.74
C TYR B 934 -8.93 -42.91 -13.04
N ARG B 935 -7.66 -42.53 -12.91
CA ARG B 935 -7.27 -41.30 -12.25
C ARG B 935 -6.56 -40.38 -13.23
N GLU B 936 -6.66 -39.07 -12.97
CA GLU B 936 -6.12 -38.06 -13.85
C GLU B 936 -5.22 -37.12 -13.06
N LYS B 937 -4.00 -36.92 -13.54
CA LYS B 937 -3.05 -36.03 -12.89
C LYS B 937 -3.10 -34.60 -13.41
N ASP B 938 -3.77 -34.36 -14.53
CA ASP B 938 -3.88 -33.02 -15.11
C ASP B 938 -5.24 -32.44 -14.73
N ILE B 939 -5.32 -31.93 -13.50
CA ILE B 939 -6.56 -31.38 -12.97
C ILE B 939 -6.82 -30.01 -13.58
N ILE B 940 -8.05 -29.51 -13.44
CA ILE B 940 -8.47 -28.24 -14.03
C ILE B 940 -8.48 -27.19 -12.94
N THR B 941 -7.86 -26.05 -13.22
CA THR B 941 -7.69 -25.00 -12.23
C THR B 941 -8.94 -24.12 -12.15
N HIS B 942 -8.96 -23.24 -11.15
CA HIS B 942 -10.09 -22.35 -10.91
C HIS B 942 -9.80 -20.89 -11.26
N GLU B 943 -8.60 -20.57 -11.74
CA GLU B 943 -8.15 -19.19 -11.82
C GLU B 943 -8.52 -18.50 -13.13
N GLU B 944 -9.20 -19.17 -14.06
CA GLU B 944 -9.51 -18.56 -15.34
C GLU B 944 -10.74 -19.27 -15.93
N PHE B 945 -11.38 -18.60 -16.89
CA PHE B 945 -12.48 -19.17 -17.66
C PHE B 945 -11.92 -19.67 -18.99
N THR B 946 -11.74 -20.98 -19.10
CA THR B 946 -11.24 -21.56 -20.34
C THR B 946 -12.28 -21.41 -21.44
N GLU B 947 -11.81 -21.12 -22.65
CA GLU B 947 -12.73 -20.81 -23.75
C GLU B 947 -13.44 -22.04 -24.30
N GLU B 948 -12.79 -23.21 -24.26
CA GLU B 948 -13.36 -24.43 -24.81
C GLU B 948 -14.17 -25.21 -23.78
N LEU B 949 -14.32 -24.68 -22.57
CA LEU B 949 -15.09 -25.31 -21.52
C LEU B 949 -16.44 -24.62 -21.37
N LEU B 950 -17.34 -25.24 -20.62
CA LEU B 950 -18.73 -24.82 -20.53
C LEU B 950 -19.06 -24.35 -19.12
N SER B 951 -19.95 -23.36 -19.05
CA SER B 951 -20.42 -22.81 -17.78
C SER B 951 -21.88 -22.39 -17.95
N GLY B 952 -22.68 -22.62 -16.92
CA GLY B 952 -24.10 -22.29 -17.01
C GLY B 952 -24.94 -22.60 -15.79
N LYS B 953 -26.23 -22.86 -16.01
CA LYS B 953 -27.18 -23.08 -14.93
C LYS B 953 -28.30 -23.98 -15.44
N ILE B 954 -28.78 -24.86 -14.56
CA ILE B 954 -29.83 -25.83 -14.89
C ILE B 954 -30.99 -25.64 -13.92
N ASN B 955 -32.21 -25.63 -14.44
CA ASN B 955 -33.42 -25.58 -13.64
C ASN B 955 -34.20 -26.89 -13.82
N CYS B 956 -34.80 -27.35 -12.73
CA CYS B 956 -35.49 -28.63 -12.75
C CYS B 956 -36.57 -28.65 -11.67
N LYS B 957 -37.47 -29.62 -11.79
CA LYS B 957 -38.58 -29.85 -10.86
C LYS B 957 -38.32 -31.13 -10.08
N LEU B 958 -39.28 -31.50 -9.22
CA LEU B 958 -39.14 -32.72 -8.41
C LEU B 958 -40.54 -33.21 -8.05
N GLU B 959 -41.00 -34.26 -8.72
CA GLU B 959 -42.23 -34.94 -8.35
C GLU B 959 -41.95 -36.00 -7.29
N THR B 960 -43.01 -36.40 -6.59
CA THR B 960 -42.92 -37.44 -5.58
C THR B 960 -43.91 -38.55 -5.90
N LEU B 961 -43.45 -39.80 -5.75
CA LEU B 961 -44.26 -40.96 -6.09
C LEU B 961 -44.73 -41.75 -4.87
N THR B 962 -44.08 -41.59 -3.72
CA THR B 962 -44.49 -42.16 -2.45
C THR B 962 -44.32 -41.09 -1.38
N PRO B 963 -44.98 -41.25 -0.23
CA PRO B 963 -44.86 -40.23 0.83
C PRO B 963 -43.41 -39.98 1.24
N LEU B 964 -43.11 -38.72 1.53
CA LEU B 964 -41.76 -38.26 1.80
C LEU B 964 -41.68 -37.72 3.23
N ILE B 965 -40.58 -38.02 3.92
CA ILE B 965 -40.35 -37.57 5.29
C ILE B 965 -38.99 -36.89 5.36
N ILE B 966 -38.98 -35.61 5.69
CA ILE B 966 -37.74 -34.86 5.93
C ILE B 966 -37.82 -34.22 7.32
N PRO B 967 -37.24 -34.85 8.34
CA PRO B 967 -37.44 -34.35 9.71
C PRO B 967 -36.68 -33.07 10.00
N ASP B 968 -37.19 -32.33 10.98
CA ASP B 968 -36.54 -31.15 11.53
C ASP B 968 -35.98 -31.55 12.89
N THR B 969 -34.71 -31.96 12.89
CA THR B 969 -34.07 -32.61 14.03
C THR B 969 -33.86 -31.65 15.21
N SER B 970 -33.82 -30.35 14.96
CA SER B 970 -33.48 -29.37 15.98
C SER B 970 -34.37 -29.50 17.22
N ASP B 971 -35.67 -29.74 17.02
CA ASP B 971 -36.61 -29.90 18.11
C ASP B 971 -36.96 -31.37 18.27
N GLU B 972 -36.57 -31.95 19.41
CA GLU B 972 -36.89 -33.34 19.70
C GLU B 972 -38.32 -33.52 20.21
N ASN B 973 -39.03 -32.42 20.49
CA ASN B 973 -40.39 -32.43 21.00
C ASN B 973 -41.26 -31.48 20.19
N GLY B 974 -41.19 -31.59 18.87
CA GLY B 974 -41.87 -30.67 18.00
C GLY B 974 -43.37 -30.83 17.90
N LEU B 975 -43.92 -31.93 18.39
CA LEU B 975 -45.35 -32.16 18.35
C LEU B 975 -46.00 -32.13 19.73
N LYS B 976 -45.21 -31.96 20.79
CA LYS B 976 -45.70 -31.88 22.17
C LYS B 976 -46.47 -33.15 22.56
N LEU B 977 -45.80 -34.30 22.37
CA LEU B 977 -46.32 -35.58 22.81
C LEU B 977 -45.47 -36.25 23.88
N GLN B 978 -44.33 -35.64 24.26
CA GLN B 978 -43.43 -36.26 25.21
C GLN B 978 -43.88 -36.12 26.66
N GLY B 979 -44.81 -35.22 26.94
CA GLY B 979 -45.29 -35.09 28.32
C GLY B 979 -46.04 -36.32 28.79
N ASN B 980 -46.94 -36.83 27.94
CA ASN B 980 -47.68 -38.04 28.31
C ASN B 980 -46.84 -39.29 28.17
N LYS B 981 -45.97 -39.34 27.16
CA LYS B 981 -45.09 -40.48 26.91
C LYS B 981 -43.65 -40.01 27.00
N PRO B 982 -43.00 -40.14 28.16
CA PRO B 982 -41.63 -39.65 28.30
C PRO B 982 -40.67 -40.47 27.43
N GLY B 983 -39.75 -39.78 26.77
CA GLY B 983 -38.75 -40.40 25.94
C GLY B 983 -39.14 -40.64 24.50
N HIS B 984 -40.38 -40.32 24.12
CA HIS B 984 -40.85 -40.55 22.76
C HIS B 984 -40.48 -39.35 21.89
N LYS B 985 -39.49 -39.53 21.02
CA LYS B 985 -39.05 -38.44 20.15
C LYS B 985 -40.06 -38.21 19.04
N ASN B 986 -40.31 -36.94 18.73
CA ASN B 986 -41.25 -36.56 17.70
C ASN B 986 -40.76 -35.30 17.01
N TYR B 987 -40.78 -35.31 15.68
CA TYR B 987 -40.27 -34.21 14.87
C TYR B 987 -41.37 -33.67 13.97
N LYS B 988 -40.99 -32.75 13.07
CA LYS B 988 -41.89 -32.23 12.05
C LYS B 988 -41.07 -31.96 10.79
N PHE B 989 -41.77 -31.60 9.71
CA PHE B 989 -41.11 -31.41 8.43
C PHE B 989 -40.19 -30.18 8.46
N PHE B 990 -39.12 -30.25 7.68
CA PHE B 990 -38.14 -29.18 7.64
C PHE B 990 -38.75 -27.91 7.05
N ASN B 991 -38.45 -26.77 7.67
CA ASN B 991 -38.96 -25.50 7.18
C ASN B 991 -38.09 -24.35 7.71
N ILE B 992 -38.15 -23.22 7.03
CA ILE B 992 -37.56 -21.97 7.48
C ILE B 992 -38.63 -20.90 7.44
N ASN B 993 -38.86 -20.24 8.58
CA ASN B 993 -39.86 -19.19 8.74
C ASN B 993 -41.28 -19.64 8.41
N GLY B 994 -41.55 -20.94 8.45
CA GLY B 994 -42.85 -21.46 8.11
C GLY B 994 -43.04 -21.91 6.69
N GLU B 995 -41.97 -22.01 5.90
CA GLU B 995 -42.04 -22.42 4.50
C GLU B 995 -41.33 -23.75 4.33
N LEU B 996 -42.02 -24.72 3.74
CA LEU B 996 -41.45 -26.06 3.57
C LEU B 996 -40.33 -26.03 2.55
N MET B 997 -39.19 -26.61 2.91
CA MET B 997 -38.01 -26.64 2.03
C MET B 997 -37.31 -27.99 2.16
N ILE B 998 -36.43 -28.25 1.20
CA ILE B 998 -35.54 -29.41 1.23
C ILE B 998 -34.11 -28.90 1.17
N PRO B 999 -33.25 -29.25 2.13
CA PRO B 999 -31.87 -28.75 2.09
C PRO B 999 -31.09 -29.31 0.91
N GLY B 1000 -30.11 -28.53 0.46
CA GLY B 1000 -29.29 -28.89 -0.69
C GLY B 1000 -28.23 -29.94 -0.44
N SER B 1001 -27.88 -30.17 0.83
CA SER B 1001 -26.90 -31.20 1.16
C SER B 1001 -27.41 -32.58 0.77
N GLU B 1002 -28.69 -32.86 1.05
CA GLU B 1002 -29.27 -34.15 0.71
C GLU B 1002 -29.34 -34.35 -0.80
N LEU B 1003 -29.71 -33.33 -1.55
CA LEU B 1003 -29.71 -33.44 -3.01
C LEU B 1003 -28.31 -33.70 -3.53
N ARG B 1004 -27.31 -32.99 -3.00
CA ARG B 1004 -25.94 -33.18 -3.46
C ARG B 1004 -25.46 -34.59 -3.16
N GLY B 1005 -25.74 -35.10 -1.97
CA GLY B 1005 -25.29 -36.45 -1.63
C GLY B 1005 -25.99 -37.51 -2.45
N MET B 1006 -27.30 -37.36 -2.67
CA MET B 1006 -28.04 -38.31 -3.49
C MET B 1006 -27.51 -38.34 -4.92
N LEU B 1007 -27.20 -37.18 -5.49
CA LEU B 1007 -26.63 -37.17 -6.83
C LEU B 1007 -25.21 -37.72 -6.85
N ARG B 1008 -24.41 -37.43 -5.82
CA ARG B 1008 -23.01 -37.86 -5.82
C ARG B 1008 -22.90 -39.38 -5.73
N THR B 1009 -23.76 -40.02 -4.92
CA THR B 1009 -23.72 -41.48 -4.83
C THR B 1009 -24.02 -42.12 -6.19
N HIS B 1010 -25.04 -41.63 -6.88
CA HIS B 1010 -25.38 -42.16 -8.20
C HIS B 1010 -24.26 -41.93 -9.20
N PHE B 1011 -23.66 -40.73 -9.18
CA PHE B 1011 -22.56 -40.45 -10.10
C PHE B 1011 -21.35 -41.35 -9.83
N GLU B 1012 -21.03 -41.58 -8.55
CA GLU B 1012 -19.93 -42.49 -8.24
C GLU B 1012 -20.23 -43.90 -8.73
N ALA B 1013 -21.46 -44.37 -8.53
CA ALA B 1013 -21.80 -45.71 -8.99
C ALA B 1013 -21.76 -45.83 -10.51
N LEU B 1014 -22.15 -44.76 -11.22
CA LEU B 1014 -22.21 -44.82 -12.68
C LEU B 1014 -20.82 -44.88 -13.31
N THR B 1015 -19.87 -44.10 -12.80
CA THR B 1015 -18.57 -43.94 -13.44
C THR B 1015 -17.47 -44.75 -12.79
N LYS B 1016 -17.81 -45.61 -11.82
CA LYS B 1016 -16.84 -46.51 -11.18
C LYS B 1016 -15.71 -45.72 -10.51
N SER B 1017 -16.09 -44.95 -9.49
CA SER B 1017 -15.15 -44.17 -8.72
C SER B 1017 -14.78 -44.91 -7.44
N CYS B 1018 -14.06 -44.23 -6.54
CA CYS B 1018 -13.66 -44.78 -5.27
C CYS B 1018 -14.78 -44.65 -4.25
N PHE B 1019 -14.53 -45.14 -3.02
CA PHE B 1019 -15.47 -44.99 -1.91
C PHE B 1019 -15.09 -43.74 -1.13
N ALA B 1020 -15.84 -42.66 -1.32
CA ALA B 1020 -15.49 -41.39 -0.69
C ALA B 1020 -15.62 -41.48 0.83
N ILE B 1021 -16.76 -41.97 1.31
CA ILE B 1021 -17.01 -42.12 2.74
C ILE B 1021 -17.02 -43.61 3.05
N PHE B 1022 -16.12 -44.05 3.93
CA PHE B 1022 -16.00 -45.45 4.26
C PHE B 1022 -15.51 -45.60 5.70
N GLY B 1023 -16.16 -46.47 6.47
CA GLY B 1023 -15.70 -46.79 7.80
C GLY B 1023 -14.46 -47.67 7.74
N GLU B 1024 -13.32 -47.13 8.16
CA GLU B 1024 -12.05 -47.80 7.92
C GLU B 1024 -11.81 -48.95 8.90
N ASP B 1025 -11.74 -48.63 10.20
CA ASP B 1025 -11.28 -49.57 11.21
C ASP B 1025 -12.47 -50.16 11.96
N SER B 1026 -12.80 -51.40 11.65
CA SER B 1026 -13.83 -52.16 12.37
C SER B 1026 -13.55 -53.64 12.21
N THR B 1027 -13.86 -54.41 13.24
CA THR B 1027 -13.60 -55.84 13.27
C THR B 1027 -14.91 -56.61 13.32
N LEU B 1028 -14.82 -57.89 12.97
CA LEU B 1028 -15.98 -58.77 12.90
C LEU B 1028 -15.82 -59.93 13.89
N SER B 1029 -16.96 -60.47 14.31
CA SER B 1029 -17.00 -61.63 15.19
C SER B 1029 -18.30 -62.39 14.92
N TRP B 1030 -18.22 -63.71 14.91
CA TRP B 1030 -19.32 -64.57 14.51
C TRP B 1030 -19.83 -65.36 15.70
N ARG B 1031 -21.13 -65.23 15.99
CA ARG B 1031 -21.79 -65.95 17.07
C ARG B 1031 -21.07 -65.78 18.41
N CYS B 1390 -12.67 -64.02 16.74
CA CYS B 1390 -11.69 -63.14 16.13
C CYS B 1390 -11.57 -63.42 14.63
N ALA B 1391 -11.43 -62.36 13.85
CA ALA B 1391 -11.30 -62.45 12.40
C ALA B 1391 -9.83 -62.26 12.01
N SER B 1392 -9.57 -62.21 10.70
CA SER B 1392 -8.21 -62.02 10.21
C SER B 1392 -7.83 -60.54 10.23
N LYS B 1393 -8.53 -59.72 9.47
CA LYS B 1393 -8.20 -58.30 9.35
C LYS B 1393 -9.39 -57.43 9.72
N THR B 1394 -9.25 -56.12 9.53
CA THR B 1394 -10.34 -55.18 9.74
C THR B 1394 -11.12 -55.02 8.44
N LEU B 1395 -12.14 -54.16 8.45
CA LEU B 1395 -12.91 -53.91 7.24
C LEU B 1395 -12.12 -53.11 6.20
N GLY B 1396 -11.26 -52.19 6.64
CA GLY B 1396 -10.45 -51.44 5.69
C GLY B 1396 -9.35 -52.28 5.06
N GLY B 1397 -8.92 -53.34 5.75
CA GLY B 1397 -7.90 -54.22 5.19
C GLY B 1397 -8.39 -55.16 4.12
N LYS B 1398 -9.67 -55.53 4.16
CA LYS B 1398 -10.25 -56.39 3.14
C LYS B 1398 -10.69 -55.62 1.89
N LEU B 1399 -10.77 -54.30 1.96
CA LEU B 1399 -11.09 -53.50 0.79
C LEU B 1399 -9.86 -53.38 -0.10
N ASP B 1400 -10.08 -53.40 -1.41
CA ASP B 1400 -8.98 -53.29 -2.35
C ASP B 1400 -8.32 -51.92 -2.27
N LYS B 1401 -7.03 -51.89 -2.56
CA LYS B 1401 -6.26 -50.64 -2.45
C LYS B 1401 -6.72 -49.60 -3.46
N ALA B 1402 -7.24 -50.04 -4.61
CA ALA B 1402 -7.70 -49.11 -5.63
C ALA B 1402 -9.02 -48.43 -5.28
N LEU B 1403 -9.78 -48.99 -4.33
CA LEU B 1403 -11.07 -48.43 -3.93
C LEU B 1403 -10.96 -47.46 -2.76
N HIS B 1404 -9.77 -47.30 -2.18
CA HIS B 1404 -9.61 -46.37 -1.07
C HIS B 1404 -9.79 -44.93 -1.58
N PRO B 1405 -10.28 -44.04 -0.71
CA PRO B 1405 -10.52 -42.66 -1.14
C PRO B 1405 -9.23 -41.94 -1.52
N CYS B 1406 -9.37 -41.03 -2.48
CA CYS B 1406 -8.24 -40.23 -2.93
C CYS B 1406 -7.77 -39.31 -1.81
N THR B 1407 -6.46 -39.26 -1.60
CA THR B 1407 -5.89 -38.53 -0.47
C THR B 1407 -4.88 -37.46 -0.86
N GLY B 1408 -4.44 -37.41 -2.12
CA GLY B 1408 -3.47 -36.42 -2.52
C GLY B 1408 -3.65 -36.05 -3.97
N LEU B 1409 -3.22 -34.83 -4.31
CA LEU B 1409 -3.29 -34.35 -5.68
C LEU B 1409 -2.18 -34.90 -6.57
N SER B 1410 -1.12 -35.46 -5.96
CA SER B 1410 -0.01 -35.98 -6.74
C SER B 1410 -0.33 -37.30 -7.44
N ASP B 1411 -1.17 -38.14 -6.84
CA ASP B 1411 -1.53 -39.42 -7.44
C ASP B 1411 -2.62 -39.30 -8.49
N GLY B 1412 -3.43 -38.26 -8.44
CA GLY B 1412 -4.53 -38.07 -9.36
C GLY B 1412 -5.87 -38.13 -8.64
N LEU B 1413 -6.93 -37.91 -9.42
CA LEU B 1413 -8.28 -37.89 -8.92
C LEU B 1413 -9.19 -38.73 -9.81
N CYS B 1414 -10.05 -39.52 -9.18
CA CYS B 1414 -11.08 -40.25 -9.91
C CYS B 1414 -12.17 -39.28 -10.36
N PRO B 1415 -13.01 -39.66 -11.33
CA PRO B 1415 -14.02 -38.72 -11.83
C PRO B 1415 -14.93 -38.15 -10.76
N GLY B 1416 -15.33 -38.96 -9.78
CA GLY B 1416 -16.21 -38.45 -8.73
C GLY B 1416 -15.54 -37.37 -7.89
N CYS B 1417 -14.31 -37.60 -7.45
CA CYS B 1417 -13.59 -36.60 -6.69
C CYS B 1417 -13.13 -35.44 -7.57
N HIS B 1418 -12.85 -35.70 -8.83
CA HIS B 1418 -12.44 -34.65 -9.76
C HIS B 1418 -13.59 -33.70 -10.10
N LEU B 1419 -14.84 -34.16 -10.04
CA LEU B 1419 -16.00 -33.33 -10.33
C LEU B 1419 -16.62 -32.71 -9.08
N PHE B 1420 -16.74 -33.49 -7.99
CA PHE B 1420 -17.43 -33.01 -6.81
C PHE B 1420 -16.50 -32.41 -5.76
N GLY B 1421 -15.19 -32.66 -5.87
CA GLY B 1421 -14.22 -32.00 -5.04
C GLY B 1421 -13.75 -32.88 -3.88
N THR B 1422 -12.71 -32.40 -3.22
CA THR B 1422 -12.10 -33.09 -2.09
C THR B 1422 -11.60 -32.05 -1.09
N THR B 1423 -10.90 -32.51 -0.05
CA THR B 1423 -10.38 -31.58 0.95
C THR B 1423 -9.35 -30.63 0.36
N ASP B 1424 -8.51 -31.11 -0.56
CA ASP B 1424 -7.46 -30.30 -1.16
C ASP B 1424 -7.88 -29.68 -2.49
N TYR B 1425 -9.12 -29.86 -2.91
CA TYR B 1425 -9.56 -29.37 -4.22
C TYR B 1425 -11.04 -29.03 -4.16
N LYS B 1426 -11.39 -27.83 -4.59
CA LYS B 1426 -12.78 -27.38 -4.57
C LYS B 1426 -13.57 -27.98 -5.73
N GLY B 1427 -14.81 -28.38 -5.43
CA GLY B 1427 -15.65 -28.95 -6.46
C GLY B 1427 -16.16 -27.92 -7.45
N ARG B 1428 -16.61 -28.41 -8.61
CA ARG B 1428 -17.05 -27.55 -9.71
C ARG B 1428 -18.56 -27.57 -9.92
N VAL B 1429 -19.32 -28.02 -8.93
CA VAL B 1429 -20.78 -28.05 -9.02
C VAL B 1429 -21.36 -27.54 -7.71
N LYS B 1430 -22.47 -26.81 -7.82
CA LYS B 1430 -23.17 -26.26 -6.66
C LYS B 1430 -24.65 -26.60 -6.74
N PHE B 1431 -25.23 -26.96 -5.60
CA PHE B 1431 -26.66 -27.27 -5.49
C PHE B 1431 -27.31 -26.33 -4.50
N GLY B 1432 -28.56 -25.95 -4.78
CA GLY B 1432 -29.32 -25.06 -3.94
C GLY B 1432 -30.50 -25.75 -3.26
N PHE B 1433 -31.16 -24.98 -2.41
CA PHE B 1433 -32.33 -25.49 -1.70
C PHE B 1433 -33.52 -25.63 -2.65
N ALA B 1434 -34.50 -26.42 -2.23
CA ALA B 1434 -35.72 -26.65 -3.00
C ALA B 1434 -36.91 -26.16 -2.20
N LYS B 1435 -37.82 -25.44 -2.86
CA LYS B 1435 -38.97 -24.84 -2.20
C LYS B 1435 -40.27 -25.45 -2.70
N TYR B 1436 -41.25 -25.51 -1.81
CA TYR B 1436 -42.56 -26.09 -2.11
C TYR B 1436 -43.34 -25.19 -3.06
N GLU B 1437 -43.97 -25.80 -4.07
CA GLU B 1437 -44.73 -25.05 -5.06
C GLU B 1437 -46.22 -25.37 -5.00
N ASN B 1438 -46.60 -26.64 -5.12
CA ASN B 1438 -48.01 -27.03 -5.09
C ASN B 1438 -48.08 -28.51 -4.72
N GLY B 1439 -49.28 -29.07 -4.80
CA GLY B 1439 -49.52 -30.43 -4.38
C GLY B 1439 -50.80 -30.55 -3.58
N PRO B 1440 -51.35 -31.75 -3.48
CA PRO B 1440 -52.67 -31.91 -2.84
C PRO B 1440 -52.71 -31.46 -1.39
N GLU B 1441 -51.96 -32.13 -0.51
CA GLU B 1441 -52.06 -31.90 0.93
C GLU B 1441 -51.03 -32.72 1.70
N TRP B 1442 -51.16 -32.73 3.03
CA TRP B 1442 -50.47 -33.69 3.86
C TRP B 1442 -51.06 -35.09 3.64
N LEU B 1443 -50.60 -36.05 4.45
CA LEU B 1443 -51.09 -37.42 4.41
C LEU B 1443 -52.15 -37.69 5.48
N ILE B 1444 -53.06 -36.75 5.70
CA ILE B 1444 -54.09 -36.83 6.72
C ILE B 1444 -54.74 -38.21 6.74
N THR B 1445 -54.72 -38.86 7.91
CA THR B 1445 -55.36 -40.14 8.14
C THR B 1445 -56.17 -40.09 9.42
N ARG B 1446 -57.33 -40.75 9.40
CA ARG B 1446 -58.30 -40.68 10.49
C ARG B 1446 -57.83 -41.59 11.63
N GLY B 1447 -57.17 -40.99 12.62
CA GLY B 1447 -56.67 -41.73 13.75
C GLY B 1447 -57.05 -41.13 15.08
N ASN B 1448 -56.08 -40.92 15.97
CA ASN B 1448 -56.32 -40.38 17.30
C ASN B 1448 -55.62 -39.05 17.51
N ASN B 1449 -54.32 -38.97 17.26
CA ASN B 1449 -53.52 -37.80 17.54
C ASN B 1449 -53.09 -37.23 16.18
N PRO B 1450 -52.41 -36.06 16.11
CA PRO B 1450 -52.59 -35.17 14.94
C PRO B 1450 -52.65 -35.90 13.61
N GLU B 1451 -53.70 -35.59 12.84
CA GLU B 1451 -54.07 -36.33 11.64
C GLU B 1451 -53.00 -36.33 10.56
N ARG B 1452 -52.06 -35.38 10.59
CA ARG B 1452 -51.02 -35.28 9.57
C ARG B 1452 -49.74 -36.00 9.98
N SER B 1453 -49.77 -36.74 11.08
CA SER B 1453 -48.60 -37.47 11.56
C SER B 1453 -48.72 -38.95 11.23
N LEU B 1454 -47.69 -39.70 11.58
CA LEU B 1454 -47.67 -41.15 11.36
C LEU B 1454 -46.60 -41.75 12.25
N THR B 1455 -46.98 -42.71 13.09
CA THR B 1455 -46.02 -43.39 13.94
C THR B 1455 -45.33 -44.50 13.14
N LEU B 1456 -44.02 -44.41 13.00
CA LEU B 1456 -43.27 -45.36 12.20
C LEU B 1456 -42.96 -46.62 13.00
N GLY B 1457 -42.24 -47.53 12.38
CA GLY B 1457 -41.77 -48.74 13.02
C GLY B 1457 -40.35 -48.60 13.54
N VAL B 1458 -39.73 -49.74 13.80
CA VAL B 1458 -38.38 -49.74 14.33
C VAL B 1458 -37.38 -49.60 13.19
N LEU B 1459 -36.27 -48.90 13.45
CA LEU B 1459 -35.28 -48.59 12.42
C LEU B 1459 -33.92 -48.58 13.12
N GLU B 1460 -33.14 -49.64 12.94
CA GLU B 1460 -31.96 -49.83 13.79
C GLU B 1460 -30.84 -50.54 13.05
N SER B 1461 -29.62 -49.98 13.17
CA SER B 1461 -28.35 -50.72 13.15
C SER B 1461 -28.13 -51.64 11.97
N PRO B 1462 -27.77 -51.13 10.80
CA PRO B 1462 -27.26 -52.03 9.74
C PRO B 1462 -26.04 -52.80 10.23
N ARG B 1463 -26.06 -54.12 10.02
CA ARG B 1463 -24.97 -54.97 10.50
C ARG B 1463 -24.31 -55.68 9.32
N PRO B 1464 -22.99 -55.63 9.21
CA PRO B 1464 -22.34 -56.14 7.99
C PRO B 1464 -22.04 -57.62 8.01
N ALA B 1465 -22.09 -58.27 9.17
CA ALA B 1465 -21.69 -59.68 9.24
C ALA B 1465 -22.80 -60.60 8.79
N PHE B 1466 -23.38 -60.32 7.62
CA PHE B 1466 -24.42 -61.16 7.04
C PHE B 1466 -24.10 -61.38 5.57
N SER B 1467 -23.32 -60.48 4.98
CA SER B 1467 -22.86 -60.59 3.61
C SER B 1467 -21.40 -61.06 3.51
N ILE B 1468 -20.68 -61.10 4.62
CA ILE B 1468 -19.33 -61.65 4.67
C ILE B 1468 -19.28 -62.66 5.80
N PRO B 1469 -19.75 -63.88 5.58
CA PRO B 1469 -20.01 -64.79 6.71
C PRO B 1469 -18.77 -65.43 7.32
N ASP B 1470 -17.80 -65.90 6.53
CA ASP B 1470 -16.67 -66.65 7.12
C ASP B 1470 -15.33 -66.20 6.56
N ASP B 1471 -14.80 -65.10 7.12
CA ASP B 1471 -13.38 -64.77 7.17
C ASP B 1471 -12.60 -64.97 5.87
N GLU B 1472 -13.28 -65.00 4.73
CA GLU B 1472 -12.55 -65.10 3.47
C GLU B 1472 -13.19 -64.30 2.33
N SER B 1473 -14.25 -63.54 2.58
CA SER B 1473 -14.98 -62.88 1.53
C SER B 1473 -14.72 -61.38 1.55
N GLU B 1474 -14.66 -60.80 0.35
CA GLU B 1474 -14.52 -59.36 0.17
C GLU B 1474 -15.89 -58.70 0.30
N ILE B 1475 -15.89 -57.40 0.51
CA ILE B 1475 -17.14 -56.66 0.65
C ILE B 1475 -17.87 -56.69 -0.69
N PRO B 1476 -19.20 -56.82 -0.69
CA PRO B 1476 -19.92 -56.91 -1.98
C PRO B 1476 -20.02 -55.59 -2.74
N GLY B 1477 -20.06 -54.45 -2.05
CA GLY B 1477 -20.08 -53.18 -2.75
C GLY B 1477 -21.14 -52.21 -2.27
N ARG B 1478 -21.57 -51.32 -3.15
CA ARG B 1478 -22.55 -50.29 -2.79
C ARG B 1478 -23.92 -50.90 -2.61
N LYS B 1479 -24.69 -50.35 -1.67
CA LYS B 1479 -26.00 -50.85 -1.32
C LYS B 1479 -27.09 -49.90 -1.83
N PHE B 1480 -28.09 -50.46 -2.50
CA PHE B 1480 -29.23 -49.71 -3.01
C PHE B 1480 -30.52 -50.38 -2.58
N TYR B 1481 -31.58 -49.59 -2.46
CA TYR B 1481 -32.89 -50.07 -2.03
C TYR B 1481 -33.83 -50.14 -3.23
N LEU B 1482 -34.93 -50.85 -3.05
CA LEU B 1482 -35.90 -51.12 -4.10
C LEU B 1482 -37.07 -50.12 -4.03
N HIS B 1483 -37.97 -50.24 -4.99
CA HIS B 1483 -39.17 -49.42 -5.07
C HIS B 1483 -40.38 -50.32 -4.86
N HIS B 1484 -41.25 -49.94 -3.91
CA HIS B 1484 -42.46 -50.71 -3.64
C HIS B 1484 -43.43 -49.80 -2.87
N ASN B 1485 -44.53 -50.39 -2.41
CA ASN B 1485 -45.59 -49.68 -1.70
C ASN B 1485 -45.87 -50.36 -0.37
N GLY B 1486 -44.82 -50.66 0.39
CA GLY B 1486 -44.97 -51.29 1.67
C GLY B 1486 -45.43 -50.37 2.78
N TRP B 1487 -45.57 -49.08 2.50
CA TRP B 1487 -46.07 -48.11 3.49
C TRP B 1487 -47.56 -48.24 3.74
N ARG B 1488 -48.31 -48.87 2.82
CA ARG B 1488 -49.74 -49.05 3.04
C ARG B 1488 -50.01 -50.02 4.18
N ILE B 1489 -49.14 -51.01 4.38
CA ILE B 1489 -49.32 -51.99 5.44
C ILE B 1489 -49.13 -51.38 6.82
N ILE B 1490 -48.29 -50.36 6.95
CA ILE B 1490 -48.02 -49.73 8.23
C ILE B 1490 -49.08 -48.71 8.61
N ARG B 1491 -49.71 -48.05 7.64
CA ARG B 1491 -50.77 -47.08 7.91
C ARG B 1491 -51.99 -47.72 8.55
N GLN B 1492 -52.27 -48.99 8.25
CA GLN B 1492 -53.37 -49.71 8.87
C GLN B 1492 -52.93 -50.55 10.05
N LYS B 1493 -51.64 -50.87 10.18
CA LYS B 1493 -51.13 -51.56 11.35
C LYS B 1493 -50.83 -50.61 12.51
N GLN B 1494 -50.82 -49.31 12.26
CA GLN B 1494 -50.88 -48.35 13.37
C GLN B 1494 -52.07 -48.70 14.26
N LEU B 1495 -52.01 -48.27 15.53
CA LEU B 1495 -53.06 -48.63 16.47
C LEU B 1495 -53.08 -50.16 16.63
N GLU B 1496 -52.23 -50.67 17.53
CA GLU B 1496 -51.59 -52.00 17.58
C GLU B 1496 -50.18 -51.96 16.99
N ILE B 1497 -49.79 -50.82 16.43
CA ILE B 1497 -48.40 -50.40 16.47
C ILE B 1497 -48.10 -49.62 17.74
N ARG B 1498 -49.01 -48.73 18.14
CA ARG B 1498 -48.80 -47.93 19.35
C ARG B 1498 -49.01 -48.75 20.61
N GLU B 1499 -49.98 -49.66 20.59
CA GLU B 1499 -50.44 -50.32 21.80
C GLU B 1499 -49.49 -51.45 22.18
N THR B 1500 -48.79 -51.28 23.31
CA THR B 1500 -47.91 -52.27 23.93
C THR B 1500 -47.07 -53.08 22.97
N VAL B 1501 -46.51 -52.44 21.95
CA VAL B 1501 -45.53 -53.05 21.06
C VAL B 1501 -44.17 -52.36 21.17
N GLN B 1502 -44.14 -51.04 21.00
CA GLN B 1502 -42.92 -50.26 21.19
C GLN B 1502 -43.17 -49.16 22.20
N PRO B 1503 -42.51 -49.18 23.36
CA PRO B 1503 -42.71 -48.11 24.35
C PRO B 1503 -42.22 -46.75 23.85
N GLU B 1504 -40.94 -46.67 23.49
CA GLU B 1504 -40.36 -45.43 22.99
C GLU B 1504 -39.36 -45.63 21.85
N ARG B 1505 -39.20 -46.86 21.36
CA ARG B 1505 -38.20 -47.12 20.33
C ARG B 1505 -38.48 -46.37 19.03
N ASN B 1506 -39.76 -46.22 18.69
CA ASN B 1506 -40.15 -45.58 17.45
C ASN B 1506 -40.33 -44.07 17.65
N VAL B 1507 -40.60 -43.37 16.54
CA VAL B 1507 -40.76 -41.93 16.55
C VAL B 1507 -42.04 -41.58 15.81
N THR B 1508 -42.43 -40.30 15.90
CA THR B 1508 -43.60 -39.76 15.23
C THR B 1508 -43.19 -38.51 14.47
N THR B 1509 -43.70 -38.34 13.25
CA THR B 1509 -43.29 -37.23 12.42
C THR B 1509 -44.40 -36.91 11.41
N GLU B 1510 -44.30 -35.71 10.84
CA GLU B 1510 -45.22 -35.29 9.79
C GLU B 1510 -44.81 -35.91 8.46
N VAL B 1511 -45.82 -36.32 7.68
CA VAL B 1511 -45.60 -37.04 6.42
C VAL B 1511 -46.30 -36.28 5.31
N MET B 1512 -45.59 -36.07 4.20
CA MET B 1512 -46.16 -35.44 3.02
C MET B 1512 -46.69 -36.50 2.06
N ASP B 1513 -47.77 -36.15 1.36
CA ASP B 1513 -48.44 -37.08 0.46
C ASP B 1513 -47.69 -37.14 -0.87
N LYS B 1514 -48.24 -37.88 -1.84
CA LYS B 1514 -47.67 -37.99 -3.17
C LYS B 1514 -48.37 -37.03 -4.12
N GLY B 1515 -47.64 -36.56 -5.12
CA GLY B 1515 -48.14 -35.58 -6.05
C GLY B 1515 -47.65 -34.16 -5.82
N ASN B 1516 -46.69 -33.96 -4.93
CA ASN B 1516 -46.14 -32.65 -4.63
C ASN B 1516 -45.00 -32.33 -5.60
N VAL B 1517 -44.75 -31.03 -5.79
CA VAL B 1517 -43.75 -30.56 -6.74
C VAL B 1517 -42.85 -29.54 -6.05
N PHE B 1518 -41.54 -29.71 -6.19
CA PHE B 1518 -40.53 -28.80 -5.68
C PHE B 1518 -39.67 -28.29 -6.83
N SER B 1519 -38.83 -27.30 -6.56
CA SER B 1519 -37.98 -26.73 -7.59
C SER B 1519 -36.66 -26.27 -6.98
N PHE B 1520 -35.56 -26.57 -7.67
CA PHE B 1520 -34.23 -26.18 -7.21
C PHE B 1520 -33.35 -25.89 -8.43
N ASP B 1521 -32.13 -25.42 -8.16
CA ASP B 1521 -31.19 -25.01 -9.20
C ASP B 1521 -29.86 -25.72 -9.03
N VAL B 1522 -29.13 -25.85 -10.14
CA VAL B 1522 -27.78 -26.42 -10.15
C VAL B 1522 -26.88 -25.49 -10.94
N ARG B 1523 -25.69 -25.24 -10.40
CA ARG B 1523 -24.69 -24.40 -11.05
C ARG B 1523 -23.44 -25.21 -11.38
N PHE B 1524 -22.76 -24.82 -12.46
CA PHE B 1524 -21.53 -25.49 -12.86
C PHE B 1524 -20.66 -24.50 -13.62
N GLU B 1525 -19.38 -24.83 -13.72
CA GLU B 1525 -18.43 -24.01 -14.47
C GLU B 1525 -17.21 -24.84 -14.83
N ASN B 1526 -16.65 -24.55 -16.00
CA ASN B 1526 -15.43 -25.21 -16.50
C ASN B 1526 -15.59 -26.72 -16.56
N LEU B 1527 -16.60 -27.16 -17.31
CA LEU B 1527 -16.88 -28.58 -17.50
C LEU B 1527 -16.66 -28.97 -18.95
N ARG B 1528 -15.97 -30.09 -19.15
CA ARG B 1528 -15.87 -30.66 -20.49
C ARG B 1528 -17.22 -31.26 -20.89
N GLU B 1529 -17.37 -31.45 -22.20
CA GLU B 1529 -18.66 -31.83 -22.77
C GLU B 1529 -19.16 -33.19 -22.27
N TRP B 1530 -18.29 -34.18 -22.13
CA TRP B 1530 -18.74 -35.47 -21.65
C TRP B 1530 -19.16 -35.42 -20.19
N GLU B 1531 -18.50 -34.59 -19.39
CA GLU B 1531 -18.93 -34.41 -18.00
C GLU B 1531 -20.34 -33.84 -17.91
N LEU B 1532 -20.64 -32.83 -18.72
CA LEU B 1532 -21.99 -32.27 -18.72
C LEU B 1532 -23.01 -33.26 -19.25
N GLY B 1533 -22.63 -34.02 -20.29
CA GLY B 1533 -23.54 -35.05 -20.79
C GLY B 1533 -23.87 -36.09 -19.74
N LEU B 1534 -22.86 -36.58 -19.01
CA LEU B 1534 -23.10 -37.53 -17.93
C LEU B 1534 -23.90 -36.92 -16.79
N LEU B 1535 -23.67 -35.64 -16.46
CA LEU B 1535 -24.46 -34.99 -15.42
C LEU B 1535 -25.92 -34.93 -15.82
N LEU B 1536 -26.20 -34.53 -17.06
CA LEU B 1536 -27.57 -34.48 -17.55
C LEU B 1536 -28.22 -35.86 -17.64
N GLN B 1537 -27.45 -36.89 -17.96
CA GLN B 1537 -28.00 -38.25 -17.99
C GLN B 1537 -28.30 -38.79 -16.59
N SER B 1538 -27.39 -38.59 -15.63
CA SER B 1538 -27.62 -39.07 -14.27
C SER B 1538 -28.66 -38.22 -13.53
N LEU B 1539 -28.90 -36.99 -13.96
CA LEU B 1539 -29.93 -36.17 -13.35
C LEU B 1539 -31.34 -36.58 -13.79
N ASP B 1540 -31.44 -37.34 -14.89
CA ASP B 1540 -32.71 -37.81 -15.42
C ASP B 1540 -32.46 -39.02 -16.31
N PRO B 1541 -32.42 -40.23 -15.74
CA PRO B 1541 -32.04 -41.42 -16.52
C PRO B 1541 -33.05 -41.88 -17.55
N GLY B 1542 -34.18 -41.19 -17.70
CA GLY B 1542 -35.19 -41.54 -18.68
C GLY B 1542 -36.48 -41.92 -18.00
N LYS B 1543 -37.28 -42.74 -18.68
CA LYS B 1543 -38.53 -43.20 -18.14
C LYS B 1543 -38.32 -44.45 -17.27
N ASN B 1544 -39.29 -44.71 -16.40
CA ASN B 1544 -39.36 -45.87 -15.52
C ASN B 1544 -38.22 -45.93 -14.51
N ILE B 1545 -37.43 -44.88 -14.36
CA ILE B 1545 -36.28 -44.88 -13.44
C ILE B 1545 -36.41 -43.67 -12.53
N ALA B 1546 -36.25 -43.89 -11.23
CA ALA B 1546 -36.44 -42.84 -10.23
C ALA B 1546 -35.37 -42.97 -9.15
N HIS B 1547 -35.38 -42.01 -8.23
CA HIS B 1547 -34.42 -41.95 -7.13
C HIS B 1547 -35.12 -42.22 -5.80
N LYS B 1548 -34.30 -42.37 -4.76
CA LYS B 1548 -34.79 -42.55 -3.39
C LYS B 1548 -34.19 -41.48 -2.49
N LEU B 1549 -34.99 -40.98 -1.55
CA LEU B 1549 -34.58 -39.85 -0.74
C LEU B 1549 -35.34 -39.85 0.57
N GLY B 1550 -34.68 -39.43 1.64
CA GLY B 1550 -35.32 -39.23 2.92
C GLY B 1550 -35.15 -40.39 3.88
N LYS B 1551 -36.02 -40.40 4.90
CA LYS B 1551 -36.00 -41.42 5.94
C LYS B 1551 -37.10 -42.43 5.71
N GLY B 1552 -36.78 -43.70 5.96
CA GLY B 1552 -37.73 -44.78 5.79
C GLY B 1552 -37.67 -45.49 4.45
N LYS B 1553 -36.50 -45.55 3.82
CA LYS B 1553 -36.34 -46.17 2.50
C LYS B 1553 -36.73 -47.65 2.49
N PRO B 1554 -36.27 -48.48 3.44
CA PRO B 1554 -36.65 -49.90 3.40
C PRO B 1554 -38.15 -50.15 3.55
N TYR B 1555 -38.91 -49.19 4.09
CA TYR B 1555 -40.35 -49.33 4.22
C TYR B 1555 -41.12 -48.81 3.01
N GLY B 1556 -40.44 -48.24 2.02
CA GLY B 1556 -41.08 -47.75 0.82
C GLY B 1556 -41.29 -46.25 0.75
N PHE B 1557 -40.77 -45.49 1.70
CA PHE B 1557 -40.93 -44.05 1.71
C PHE B 1557 -39.87 -43.38 0.84
N GLY B 1558 -40.25 -42.27 0.21
CA GLY B 1558 -39.29 -41.43 -0.46
C GLY B 1558 -38.87 -41.87 -1.85
N SER B 1559 -39.80 -41.96 -2.79
CA SER B 1559 -39.50 -42.19 -4.19
C SER B 1559 -39.83 -40.92 -4.96
N VAL B 1560 -38.82 -40.35 -5.64
CA VAL B 1560 -38.94 -39.06 -6.29
C VAL B 1560 -38.46 -39.19 -7.73
N LYS B 1561 -38.91 -38.26 -8.57
CA LYS B 1561 -38.54 -38.26 -9.98
C LYS B 1561 -38.27 -36.83 -10.43
N ILE B 1562 -37.13 -36.61 -11.07
CA ILE B 1562 -36.67 -35.29 -11.45
C ILE B 1562 -36.72 -35.15 -12.96
N LYS B 1563 -37.24 -34.02 -13.44
CA LYS B 1563 -37.24 -33.71 -14.86
C LYS B 1563 -36.62 -32.33 -15.08
N ILE B 1564 -35.91 -32.19 -16.18
CA ILE B 1564 -35.15 -30.98 -16.49
C ILE B 1564 -36.06 -30.00 -17.21
N ASP B 1565 -36.02 -28.73 -16.78
CA ASP B 1565 -36.90 -27.69 -17.30
C ASP B 1565 -36.21 -26.79 -18.32
N SER B 1566 -34.96 -26.40 -18.09
CA SER B 1566 -34.25 -25.52 -19.00
C SER B 1566 -32.76 -25.65 -18.76
N LEU B 1567 -31.97 -25.03 -19.64
CA LEU B 1567 -30.51 -25.10 -19.57
C LEU B 1567 -29.94 -23.87 -20.25
N HIS B 1568 -29.18 -23.07 -19.50
CA HIS B 1568 -28.55 -21.86 -20.00
C HIS B 1568 -27.03 -22.00 -19.95
N THR B 1569 -26.36 -21.29 -20.85
CA THR B 1569 -24.90 -21.37 -20.96
C THR B 1569 -24.36 -20.00 -21.35
N PHE B 1570 -23.23 -19.61 -20.74
CA PHE B 1570 -22.53 -18.39 -21.08
C PHE B 1570 -21.07 -18.69 -21.37
N LYS B 1571 -20.43 -17.76 -22.07
CA LYS B 1571 -19.02 -17.90 -22.43
C LYS B 1571 -18.34 -16.54 -22.26
N ILE B 1572 -17.21 -16.54 -21.56
CA ILE B 1572 -16.52 -15.29 -21.20
C ILE B 1572 -15.44 -15.07 -22.26
N ASN B 1573 -15.81 -14.36 -23.32
CA ASN B 1573 -14.90 -14.02 -24.40
C ASN B 1573 -14.76 -12.51 -24.51
N SER B 1574 -14.11 -12.05 -25.57
CA SER B 1574 -13.84 -10.63 -25.74
C SER B 1574 -15.12 -9.81 -25.82
N ASN B 1575 -16.11 -10.30 -26.58
CA ASN B 1575 -17.36 -9.56 -26.73
C ASN B 1575 -18.36 -9.85 -25.63
N ASN B 1576 -18.04 -10.73 -24.68
CA ASN B 1576 -18.89 -11.05 -23.53
C ASN B 1576 -20.27 -11.54 -24.00
N ASP B 1577 -20.24 -12.71 -24.65
CA ASP B 1577 -21.46 -13.30 -25.19
C ASP B 1577 -22.47 -13.54 -24.08
N LYS B 1578 -23.74 -13.32 -24.41
CA LYS B 1578 -24.82 -13.29 -23.44
C LYS B 1578 -25.30 -14.70 -23.08
N ILE B 1579 -26.27 -14.77 -22.17
CA ILE B 1579 -26.93 -16.02 -21.84
C ILE B 1579 -27.70 -16.52 -23.05
N LYS B 1580 -27.57 -17.81 -23.34
CA LYS B 1580 -28.28 -18.43 -24.46
C LYS B 1580 -28.92 -19.73 -23.99
N ARG B 1581 -30.03 -20.08 -24.63
CA ARG B 1581 -30.77 -21.29 -24.30
C ARG B 1581 -30.47 -22.34 -25.36
N VAL B 1582 -29.87 -23.46 -24.94
CA VAL B 1582 -29.41 -24.49 -25.86
C VAL B 1582 -30.59 -25.32 -26.33
N PRO B 1583 -30.54 -25.87 -27.54
CA PRO B 1583 -31.60 -26.79 -27.98
C PRO B 1583 -31.31 -28.22 -27.57
N GLN B 1584 -32.22 -29.15 -27.88
CA GLN B 1584 -31.93 -30.55 -27.66
C GLN B 1584 -30.99 -31.09 -28.73
N SER B 1585 -30.83 -30.37 -29.85
CA SER B 1585 -29.83 -30.74 -30.84
C SER B 1585 -28.42 -30.72 -30.27
N ASP B 1586 -28.18 -29.97 -29.19
CA ASP B 1586 -26.90 -30.00 -28.50
C ASP B 1586 -26.93 -30.94 -27.30
N ILE B 1587 -28.09 -31.07 -26.65
CA ILE B 1587 -28.21 -31.95 -25.49
C ILE B 1587 -27.99 -33.40 -25.91
N ARG B 1588 -28.58 -33.80 -27.04
CA ARG B 1588 -28.39 -35.16 -27.54
C ARG B 1588 -26.94 -35.42 -27.90
N GLU B 1589 -26.25 -34.44 -28.49
CA GLU B 1589 -24.83 -34.60 -28.77
C GLU B 1589 -24.00 -34.72 -27.50
N TYR B 1590 -24.34 -33.95 -26.46
CA TYR B 1590 -23.64 -34.07 -25.18
C TYR B 1590 -23.82 -35.46 -24.58
N ILE B 1591 -25.05 -35.97 -24.62
CA ILE B 1591 -25.31 -37.32 -24.08
C ILE B 1591 -24.58 -38.37 -24.92
N ASN B 1592 -24.55 -38.20 -26.24
CA ASN B 1592 -23.83 -39.13 -27.09
C ASN B 1592 -22.34 -39.12 -26.78
N LYS B 1593 -21.77 -37.94 -26.54
CA LYS B 1593 -20.36 -37.86 -26.20
C LYS B 1593 -20.08 -38.53 -24.85
N GLY B 1594 -20.98 -38.36 -23.88
CA GLY B 1594 -20.83 -39.08 -22.62
C GLY B 1594 -20.88 -40.59 -22.80
N TYR B 1595 -21.82 -41.07 -23.63
CA TYR B 1595 -21.90 -42.50 -23.91
C TYR B 1595 -20.66 -43.01 -24.60
N GLN B 1596 -20.11 -42.23 -25.54
CA GLN B 1596 -18.87 -42.60 -26.20
C GLN B 1596 -17.71 -42.66 -25.22
N LYS B 1597 -17.64 -41.72 -24.28
CA LYS B 1597 -16.61 -41.78 -23.24
C LYS B 1597 -16.76 -43.03 -22.39
N LEU B 1598 -18.00 -43.40 -22.05
CA LEU B 1598 -18.22 -44.61 -21.26
C LEU B 1598 -17.77 -45.86 -22.02
N ILE B 1599 -18.14 -45.98 -23.29
CA ILE B 1599 -17.74 -47.17 -24.05
C ILE B 1599 -16.25 -47.15 -24.36
N GLU B 1600 -15.62 -45.98 -24.37
CA GLU B 1600 -14.16 -45.93 -24.50
C GLU B 1600 -13.49 -46.40 -23.22
N TRP B 1601 -14.02 -46.01 -22.06
CA TRP B 1601 -13.54 -46.53 -20.79
C TRP B 1601 -13.83 -48.02 -20.63
N SER B 1602 -14.79 -48.57 -21.39
CA SER B 1602 -15.09 -49.99 -21.31
C SER B 1602 -13.88 -50.86 -21.62
N GLY B 1603 -12.96 -50.39 -22.46
CA GLY B 1603 -11.71 -51.06 -22.71
C GLY B 1603 -11.72 -52.03 -23.87
N ASN B 1604 -12.88 -52.33 -24.44
CA ASN B 1604 -12.96 -53.28 -25.54
C ASN B 1604 -13.06 -52.54 -26.87
N ASN B 1605 -12.19 -52.89 -27.80
CA ASN B 1605 -12.20 -52.29 -29.13
C ASN B 1605 -13.17 -52.96 -30.08
N SER B 1606 -13.77 -54.08 -29.68
CA SER B 1606 -14.81 -54.70 -30.51
C SER B 1606 -16.02 -53.78 -30.66
N ILE B 1607 -16.41 -53.12 -29.57
CA ILE B 1607 -17.50 -52.13 -29.62
C ILE B 1607 -16.90 -50.84 -30.15
N GLN B 1608 -17.26 -50.48 -31.38
CA GLN B 1608 -16.67 -49.32 -32.05
C GLN B 1608 -17.23 -48.02 -31.47
N LYS B 1609 -16.57 -46.92 -31.80
CA LYS B 1609 -16.97 -45.59 -31.37
C LYS B 1609 -17.36 -44.75 -32.58
N GLY B 1610 -18.42 -43.96 -32.42
CA GLY B 1610 -18.90 -43.12 -33.50
C GLY B 1610 -20.22 -42.45 -33.16
N ASN B 1611 -21.17 -42.45 -34.09
CA ASN B 1611 -22.51 -41.93 -33.87
C ASN B 1611 -23.42 -43.13 -33.65
N VAL B 1612 -23.55 -43.55 -32.40
CA VAL B 1612 -24.30 -44.74 -32.02
C VAL B 1612 -25.47 -44.32 -31.14
N LEU B 1613 -26.66 -44.85 -31.44
CA LEU B 1613 -27.82 -44.57 -30.61
C LEU B 1613 -27.61 -45.13 -29.22
N PRO B 1614 -27.89 -44.36 -28.16
CA PRO B 1614 -27.54 -44.78 -26.79
C PRO B 1614 -28.54 -45.78 -26.24
N GLN B 1615 -28.11 -47.03 -26.11
CA GLN B 1615 -28.87 -48.06 -25.39
C GLN B 1615 -28.04 -48.46 -24.16
N TRP B 1616 -28.44 -47.93 -23.01
CA TRP B 1616 -27.60 -48.02 -21.82
C TRP B 1616 -27.51 -49.44 -21.26
N HIS B 1617 -28.42 -50.33 -21.63
CA HIS B 1617 -28.44 -51.69 -21.10
C HIS B 1617 -27.43 -52.61 -21.78
N VAL B 1618 -26.51 -52.05 -22.56
CA VAL B 1618 -25.46 -52.87 -23.16
C VAL B 1618 -24.29 -53.05 -22.18
N ILE B 1619 -23.93 -51.99 -21.48
CA ILE B 1619 -22.87 -52.08 -20.47
C ILE B 1619 -23.35 -52.94 -19.31
N PRO B 1620 -22.58 -53.93 -18.86
CA PRO B 1620 -23.07 -54.83 -17.81
C PRO B 1620 -23.39 -54.14 -16.48
N HIS B 1621 -22.45 -53.34 -15.95
CA HIS B 1621 -22.68 -52.74 -14.65
C HIS B 1621 -23.77 -51.68 -14.70
N ILE B 1622 -23.87 -50.94 -15.80
CA ILE B 1622 -24.97 -49.99 -15.95
C ILE B 1622 -26.31 -50.72 -16.04
N ASP B 1623 -26.32 -51.87 -16.73
CA ASP B 1623 -27.53 -52.69 -16.79
C ASP B 1623 -27.94 -53.18 -15.41
N LYS B 1624 -26.97 -53.60 -14.59
CA LYS B 1624 -27.28 -54.01 -13.23
C LYS B 1624 -27.73 -52.84 -12.36
N LEU B 1625 -27.17 -51.65 -12.57
CA LEU B 1625 -27.54 -50.46 -11.81
C LEU B 1625 -28.95 -49.98 -12.12
N TYR B 1626 -29.34 -49.98 -13.39
CA TYR B 1626 -30.65 -49.47 -13.75
C TYR B 1626 -31.80 -50.40 -13.36
N LYS B 1627 -31.51 -51.65 -13.00
CA LYS B 1627 -32.57 -52.53 -12.52
C LYS B 1627 -32.96 -52.21 -11.08
N LEU B 1628 -32.01 -51.74 -10.27
CA LEU B 1628 -32.32 -51.35 -8.90
C LEU B 1628 -33.21 -50.12 -8.87
N LEU B 1629 -33.05 -49.23 -9.84
CA LEU B 1629 -33.79 -47.97 -9.90
C LEU B 1629 -35.04 -48.07 -10.78
N TRP B 1630 -35.50 -49.29 -11.06
CA TRP B 1630 -36.67 -49.50 -11.91
C TRP B 1630 -37.94 -49.41 -11.07
N VAL B 1631 -38.93 -48.68 -11.58
CA VAL B 1631 -40.20 -48.48 -10.90
C VAL B 1631 -41.24 -49.38 -11.58
N PRO B 1632 -41.70 -50.45 -10.94
CA PRO B 1632 -42.65 -51.38 -11.58
C PRO B 1632 -44.11 -50.96 -11.51
N PHE B 1633 -44.42 -49.74 -11.07
CA PHE B 1633 -45.80 -49.29 -10.98
C PHE B 1633 -45.95 -47.87 -11.53
N LEU B 1634 -45.08 -47.47 -12.44
CA LEU B 1634 -45.11 -46.11 -12.97
C LEU B 1634 -46.43 -45.84 -13.69
N ASN B 1635 -46.80 -46.71 -14.62
CA ASN B 1635 -48.08 -46.62 -15.31
C ASN B 1635 -49.04 -47.67 -14.74
N ASP B 1636 -50.28 -47.65 -15.21
CA ASP B 1636 -51.29 -48.58 -14.69
C ASP B 1636 -51.00 -49.97 -15.24
N SER B 1637 -49.93 -50.58 -14.73
CA SER B 1637 -49.51 -51.93 -15.06
C SER B 1637 -49.13 -52.62 -13.75
N LYS B 1638 -50.06 -52.56 -12.79
CA LYS B 1638 -49.75 -52.53 -11.35
C LYS B 1638 -48.55 -53.38 -10.96
N LEU B 1639 -48.58 -54.69 -11.23
CA LEU B 1639 -47.50 -55.62 -10.91
C LEU B 1639 -46.90 -55.33 -9.52
N GLU B 1640 -47.80 -55.30 -8.54
CA GLU B 1640 -47.47 -54.80 -7.20
C GLU B 1640 -46.72 -55.88 -6.41
N PRO B 1641 -45.42 -55.71 -6.17
CA PRO B 1641 -44.65 -56.77 -5.51
C PRO B 1641 -44.84 -56.79 -4.00
N ASP B 1642 -44.10 -57.66 -3.32
CA ASP B 1642 -44.15 -57.79 -1.87
C ASP B 1642 -42.72 -57.86 -1.35
N VAL B 1643 -42.32 -56.83 -0.60
CA VAL B 1643 -40.96 -56.72 -0.09
C VAL B 1643 -41.01 -56.46 1.42
N ARG B 1644 -40.34 -57.30 2.20
CA ARG B 1644 -40.11 -57.04 3.60
C ARG B 1644 -38.95 -57.92 4.08
N TYR B 1645 -38.45 -57.62 5.30
CA TYR B 1645 -37.40 -58.40 5.94
C TYR B 1645 -37.98 -59.65 6.59
N PRO B 1646 -37.20 -60.72 6.67
CA PRO B 1646 -37.65 -61.91 7.38
C PRO B 1646 -37.82 -61.64 8.88
N VAL B 1647 -38.81 -62.32 9.46
CA VAL B 1647 -39.08 -62.24 10.89
C VAL B 1647 -38.13 -63.17 11.64
N LEU B 1648 -38.12 -63.09 12.96
CA LEU B 1648 -37.27 -63.95 13.78
C LEU B 1648 -37.86 -65.36 13.81
N ASN B 1649 -37.35 -66.20 14.72
CA ASN B 1649 -37.42 -67.65 14.57
C ASN B 1649 -38.82 -68.23 14.39
N GLU B 1650 -39.63 -68.24 15.44
CA GLU B 1650 -40.96 -68.82 15.29
C GLU B 1650 -42.03 -68.02 16.04
N GLU B 1651 -41.62 -67.28 17.06
CA GLU B 1651 -42.54 -66.61 17.96
C GLU B 1651 -42.58 -65.09 17.74
N SER B 1652 -42.28 -64.64 16.53
CA SER B 1652 -42.34 -63.21 16.24
C SER B 1652 -43.80 -62.75 16.19
N LYS B 1653 -43.97 -61.43 16.30
CA LYS B 1653 -45.31 -60.86 16.34
C LYS B 1653 -46.02 -61.03 15.00
N GLY B 1654 -45.36 -60.66 13.90
CA GLY B 1654 -46.00 -60.64 12.61
C GLY B 1654 -45.66 -61.80 11.70
N TYR B 1655 -45.55 -63.01 12.27
CA TYR B 1655 -45.26 -64.21 11.49
C TYR B 1655 -46.51 -65.07 11.38
N ILE B 1656 -46.81 -65.51 10.17
CA ILE B 1656 -47.92 -66.42 9.93
C ILE B 1656 -47.36 -67.79 9.58
N GLU B 1657 -48.08 -68.83 10.01
CA GLU B 1657 -47.70 -70.19 9.64
C GLU B 1657 -47.85 -70.39 8.14
N GLY B 1658 -47.01 -71.26 7.58
CA GLY B 1658 -46.98 -71.39 6.14
C GLY B 1658 -45.61 -71.14 5.55
N SER B 1659 -45.46 -69.99 4.88
CA SER B 1659 -44.30 -69.63 4.06
C SER B 1659 -42.96 -70.06 4.63
N ASP B 1660 -42.80 -70.00 5.96
CA ASP B 1660 -41.54 -70.34 6.62
C ASP B 1660 -40.42 -69.43 6.14
N TYR B 1661 -40.59 -68.13 6.40
CA TYR B 1661 -39.70 -67.07 5.94
C TYR B 1661 -38.88 -66.49 7.09
N THR B 1662 -38.41 -67.34 8.00
CA THR B 1662 -37.71 -66.90 9.20
C THR B 1662 -36.20 -67.01 9.03
N TYR B 1663 -35.47 -66.52 10.04
CA TYR B 1663 -34.01 -66.48 9.99
C TYR B 1663 -33.34 -67.76 10.49
N LYS B 1664 -34.07 -68.68 11.11
CA LYS B 1664 -33.49 -69.97 11.48
C LYS B 1664 -33.50 -70.96 10.34
N LYS B 1665 -34.06 -70.61 9.18
CA LYS B 1665 -34.04 -71.47 8.00
C LYS B 1665 -33.12 -70.94 6.93
N LEU B 1666 -33.29 -69.69 6.50
CA LEU B 1666 -32.34 -69.05 5.59
C LEU B 1666 -31.29 -68.26 6.36
N GLY B 1667 -30.69 -68.91 7.36
CA GLY B 1667 -29.60 -68.33 8.11
C GLY B 1667 -28.61 -69.38 8.59
N ASP B 1668 -28.81 -70.61 8.15
CA ASP B 1668 -28.00 -71.74 8.58
C ASP B 1668 -27.36 -72.41 7.38
N LYS B 1669 -26.12 -72.85 7.52
CA LYS B 1669 -25.40 -73.47 6.42
C LYS B 1669 -25.77 -74.94 6.23
N ASP B 1670 -27.06 -75.25 6.22
CA ASP B 1670 -27.59 -76.55 5.87
C ASP B 1670 -28.62 -76.52 4.75
N ASN B 1671 -29.49 -75.50 4.70
CA ASN B 1671 -30.42 -75.32 3.60
C ASN B 1671 -29.98 -74.23 2.63
N LEU B 1672 -28.95 -73.46 2.95
CA LEU B 1672 -28.47 -72.39 2.09
C LEU B 1672 -26.97 -72.23 2.31
N PRO B 1673 -26.15 -72.76 1.41
CA PRO B 1673 -24.70 -72.53 1.49
C PRO B 1673 -24.37 -71.04 1.52
N TYR B 1674 -23.20 -70.75 2.08
CA TYR B 1674 -22.75 -69.35 2.17
C TYR B 1674 -22.58 -68.72 0.80
N LYS B 1675 -21.98 -69.44 -0.15
CA LYS B 1675 -21.79 -68.89 -1.48
C LYS B 1675 -23.11 -68.61 -2.19
N THR B 1676 -24.08 -69.52 -2.07
CA THR B 1676 -25.40 -69.26 -2.63
C THR B 1676 -26.07 -68.07 -1.95
N ARG B 1677 -25.89 -67.93 -0.64
CA ARG B 1677 -26.42 -66.77 0.08
C ARG B 1677 -25.84 -65.47 -0.47
N VAL B 1678 -24.52 -65.43 -0.65
CA VAL B 1678 -23.87 -64.23 -1.16
C VAL B 1678 -24.33 -63.94 -2.58
N LYS B 1679 -24.44 -64.97 -3.42
CA LYS B 1679 -24.93 -64.78 -4.77
C LYS B 1679 -26.35 -64.23 -4.77
N GLY B 1680 -27.21 -64.73 -3.88
CA GLY B 1680 -28.57 -64.22 -3.82
C GLY B 1680 -28.65 -62.78 -3.37
N LEU B 1681 -27.88 -62.42 -2.34
CA LEU B 1681 -27.94 -61.06 -1.81
C LEU B 1681 -27.12 -60.06 -2.63
N THR B 1682 -26.32 -60.54 -3.58
CA THR B 1682 -25.61 -59.66 -4.50
C THR B 1682 -26.25 -59.65 -5.88
N THR B 1683 -27.57 -59.86 -5.94
CA THR B 1683 -28.29 -59.96 -7.20
C THR B 1683 -29.63 -59.26 -7.08
N PRO B 1684 -30.15 -58.67 -8.15
CA PRO B 1684 -31.52 -58.14 -8.16
C PRO B 1684 -32.57 -59.24 -8.06
N TRP B 1685 -33.79 -58.95 -8.53
CA TRP B 1685 -34.98 -59.77 -8.37
C TRP B 1685 -34.73 -61.17 -8.95
N SER B 1686 -35.75 -62.05 -8.98
CA SER B 1686 -35.66 -63.49 -8.73
C SER B 1686 -35.56 -63.73 -7.23
N PRO B 1687 -36.72 -63.69 -6.55
CA PRO B 1687 -36.79 -63.46 -5.11
C PRO B 1687 -36.17 -64.50 -4.19
N TRP B 1688 -36.37 -64.22 -2.89
CA TRP B 1688 -35.79 -64.99 -1.80
C TRP B 1688 -36.76 -65.97 -1.15
N ASN B 1689 -38.05 -65.96 -1.49
CA ASN B 1689 -38.99 -66.68 -0.63
C ASN B 1689 -38.79 -68.19 -0.72
N PRO B 1690 -39.11 -68.89 -1.84
CA PRO B 1690 -38.73 -70.32 -1.88
C PRO B 1690 -37.22 -70.45 -1.92
N PHE B 1691 -36.66 -70.13 -3.10
CA PHE B 1691 -35.35 -69.51 -3.33
C PHE B 1691 -35.10 -69.45 -4.83
N GLN B 1692 -34.32 -68.46 -5.27
CA GLN B 1692 -33.74 -68.41 -6.61
C GLN B 1692 -34.66 -68.98 -7.69
N VAL B 1693 -35.91 -68.55 -7.68
CA VAL B 1693 -36.89 -69.09 -8.62
C VAL B 1693 -36.66 -68.52 -10.01
ZN ZN D . 7.95 23.80 0.92
ZN ZN E . -11.85 -40.50 -5.46
ZN ZN F . 20.79 48.70 21.91
ZN ZN G . 0.04 -7.31 -11.57
#